data_5HEL
# 
_entry.id   5HEL 
# 
_audit_conform.dict_name       mmcif_pdbx.dic 
_audit_conform.dict_version    5.383 
_audit_conform.dict_location   http://mmcif.pdb.org/dictionaries/ascii/mmcif_pdbx.dic 
# 
loop_
_database_2.database_id 
_database_2.database_code 
_database_2.pdbx_database_accession 
_database_2.pdbx_DOI 
PDB   5HEL         pdb_00005hel 10.2210/pdb5hel/pdb 
WWPDB D_1000216904 ?            ?                   
# 
loop_
_pdbx_audit_revision_history.ordinal 
_pdbx_audit_revision_history.data_content_type 
_pdbx_audit_revision_history.major_revision 
_pdbx_audit_revision_history.minor_revision 
_pdbx_audit_revision_history.revision_date 
1 'Structure model' 1 0 2016-01-20 
2 'Structure model' 1 1 2024-01-10 
# 
_pdbx_audit_revision_details.ordinal             1 
_pdbx_audit_revision_details.revision_ordinal    1 
_pdbx_audit_revision_details.data_content_type   'Structure model' 
_pdbx_audit_revision_details.provider            repository 
_pdbx_audit_revision_details.type                'Initial release' 
_pdbx_audit_revision_details.description         ? 
_pdbx_audit_revision_details.details             ? 
# 
loop_
_pdbx_audit_revision_group.ordinal 
_pdbx_audit_revision_group.revision_ordinal 
_pdbx_audit_revision_group.data_content_type 
_pdbx_audit_revision_group.group 
1 2 'Structure model' 'Data collection'        
2 2 'Structure model' 'Database references'    
3 2 'Structure model' 'Refinement description' 
# 
loop_
_pdbx_audit_revision_category.ordinal 
_pdbx_audit_revision_category.revision_ordinal 
_pdbx_audit_revision_category.data_content_type 
_pdbx_audit_revision_category.category 
1 2 'Structure model' chem_comp_atom                
2 2 'Structure model' chem_comp_bond                
3 2 'Structure model' database_2                    
4 2 'Structure model' pdbx_initial_refinement_model 
# 
loop_
_pdbx_audit_revision_item.ordinal 
_pdbx_audit_revision_item.revision_ordinal 
_pdbx_audit_revision_item.data_content_type 
_pdbx_audit_revision_item.item 
1 2 'Structure model' '_database_2.pdbx_DOI'                
2 2 'Structure model' '_database_2.pdbx_database_accession' 
# 
_pdbx_database_status.status_code                     REL 
_pdbx_database_status.status_code_sf                  REL 
_pdbx_database_status.status_code_mr                  ? 
_pdbx_database_status.entry_id                        5HEL 
_pdbx_database_status.recvd_initial_deposition_date   2016-01-06 
_pdbx_database_status.SG_entry                        Y 
_pdbx_database_status.deposit_site                    RCSB 
_pdbx_database_status.process_site                    PDBE 
_pdbx_database_status.status_code_cs                  ? 
_pdbx_database_status.methods_development_category    ? 
_pdbx_database_status.pdb_format_compatible           Y 
_pdbx_database_status.status_code_nmr_data            ? 
# 
loop_
_audit_author.name 
_audit_author.pdbx_ordinal 
'Tallant, C.'      1  
'Lori, C.'         2  
'Pasquo, A.'       3  
'Chiaraluce, R.'   4  
'Consalvi, V.'     5  
'Newman, J.A.'     6  
'von Delft, F.'    7  
'Arrowsmith, C.H.' 8  
'Edwards, A.M.'    9  
'Bountra, C.'      10 
'Knapp, S.'        11 
# 
_citation.abstract                  ? 
_citation.abstract_id_CAS           ? 
_citation.book_id_ISBN              ? 
_citation.book_publisher            ? 
_citation.book_publisher_city       ? 
_citation.book_title                ? 
_citation.coordinate_linkage        ? 
_citation.country                   ? 
_citation.database_id_Medline       ? 
_citation.details                   ? 
_citation.id                        primary 
_citation.journal_abbrev            'To Be Published' 
_citation.journal_id_ASTM           ? 
_citation.journal_id_CSD            0353 
_citation.journal_id_ISSN           ? 
_citation.journal_full              ? 
_citation.journal_issue             ? 
_citation.journal_volume            ? 
_citation.language                  ? 
_citation.page_first                ? 
_citation.page_last                 ? 
_citation.title                     'Crystal structure of the N-terminus Y153H bromodomain mutant of human BRD2' 
_citation.year                      ? 
_citation.database_id_CSD           ? 
_citation.pdbx_database_id_DOI      ? 
_citation.pdbx_database_id_PubMed   ? 
_citation.unpublished_flag          ? 
# 
loop_
_citation_author.citation_id 
_citation_author.name 
_citation_author.ordinal 
_citation_author.identifier_ORCID 
primary 'Tallant, C.'      1  ? 
primary 'Lori, C.'         2  ? 
primary 'Pasquo, A.'       3  ? 
primary 'Chiaraluce, R.'   4  ? 
primary 'Consalvi, V.'     5  ? 
primary 'Newman, J.A.'     6  ? 
primary 'von Delft, F.'    7  ? 
primary 'Arrowsmith, C.H.' 8  ? 
primary 'Edwards, A.M.'    9  ? 
primary 'Bountra, C.'      10 ? 
primary 'Knapp, S.'        11 ? 
# 
loop_
_entity.id 
_entity.type 
_entity.src_method 
_entity.pdbx_description 
_entity.formula_weight 
_entity.pdbx_number_of_molecules 
_entity.pdbx_ec 
_entity.pdbx_mutation 
_entity.pdbx_fragment 
_entity.details 
1 polymer     man 'Bromodomain-containing protein 2' 14891.408 1   ? Y153H 'UNP residues 71-194' ? 
2 non-polymer syn 1,2-ETHANEDIOL                     62.068    3   ? ?     ?                     ? 
3 water       nat water                              18.015    110 ? ?     ?                     ? 
# 
_entity_name_com.entity_id   1 
_entity_name_com.name        'O27.1.1,Really interesting new gene 3 protein' 
# 
_entity_poly.entity_id                      1 
_entity_poly.type                           'polypeptide(L)' 
_entity_poly.nstd_linkage                   no 
_entity_poly.nstd_monomer                   no 
_entity_poly.pdbx_seq_one_letter_code       
;SMKPGRVTNQLQYLHKVVMKALWKHQFAWPFRQPVDAVKLGLPDYHKIIKQPMDMGTIKRRLENNYYWAASECMQDFNTM
FTNCHIYNKPTDDIVLMAQTLEKIFLQKVASMPQEEQELVVTIPKN
;
_entity_poly.pdbx_seq_one_letter_code_can   
;SMKPGRVTNQLQYLHKVVMKALWKHQFAWPFRQPVDAVKLGLPDYHKIIKQPMDMGTIKRRLENNYYWAASECMQDFNTM
FTNCHIYNKPTDDIVLMAQTLEKIFLQKVASMPQEEQELVVTIPKN
;
_entity_poly.pdbx_strand_id                 A 
_entity_poly.pdbx_target_identifier         ? 
# 
loop_
_pdbx_entity_nonpoly.entity_id 
_pdbx_entity_nonpoly.name 
_pdbx_entity_nonpoly.comp_id 
2 1,2-ETHANEDIOL EDO 
3 water          HOH 
# 
loop_
_entity_poly_seq.entity_id 
_entity_poly_seq.num 
_entity_poly_seq.mon_id 
_entity_poly_seq.hetero 
1 1   SER n 
1 2   MET n 
1 3   LYS n 
1 4   PRO n 
1 5   GLY n 
1 6   ARG n 
1 7   VAL n 
1 8   THR n 
1 9   ASN n 
1 10  GLN n 
1 11  LEU n 
1 12  GLN n 
1 13  TYR n 
1 14  LEU n 
1 15  HIS n 
1 16  LYS n 
1 17  VAL n 
1 18  VAL n 
1 19  MET n 
1 20  LYS n 
1 21  ALA n 
1 22  LEU n 
1 23  TRP n 
1 24  LYS n 
1 25  HIS n 
1 26  GLN n 
1 27  PHE n 
1 28  ALA n 
1 29  TRP n 
1 30  PRO n 
1 31  PHE n 
1 32  ARG n 
1 33  GLN n 
1 34  PRO n 
1 35  VAL n 
1 36  ASP n 
1 37  ALA n 
1 38  VAL n 
1 39  LYS n 
1 40  LEU n 
1 41  GLY n 
1 42  LEU n 
1 43  PRO n 
1 44  ASP n 
1 45  TYR n 
1 46  HIS n 
1 47  LYS n 
1 48  ILE n 
1 49  ILE n 
1 50  LYS n 
1 51  GLN n 
1 52  PRO n 
1 53  MET n 
1 54  ASP n 
1 55  MET n 
1 56  GLY n 
1 57  THR n 
1 58  ILE n 
1 59  LYS n 
1 60  ARG n 
1 61  ARG n 
1 62  LEU n 
1 63  GLU n 
1 64  ASN n 
1 65  ASN n 
1 66  TYR n 
1 67  TYR n 
1 68  TRP n 
1 69  ALA n 
1 70  ALA n 
1 71  SER n 
1 72  GLU n 
1 73  CYS n 
1 74  MET n 
1 75  GLN n 
1 76  ASP n 
1 77  PHE n 
1 78  ASN n 
1 79  THR n 
1 80  MET n 
1 81  PHE n 
1 82  THR n 
1 83  ASN n 
1 84  CYS n 
1 85  HIS n 
1 86  ILE n 
1 87  TYR n 
1 88  ASN n 
1 89  LYS n 
1 90  PRO n 
1 91  THR n 
1 92  ASP n 
1 93  ASP n 
1 94  ILE n 
1 95  VAL n 
1 96  LEU n 
1 97  MET n 
1 98  ALA n 
1 99  GLN n 
1 100 THR n 
1 101 LEU n 
1 102 GLU n 
1 103 LYS n 
1 104 ILE n 
1 105 PHE n 
1 106 LEU n 
1 107 GLN n 
1 108 LYS n 
1 109 VAL n 
1 110 ALA n 
1 111 SER n 
1 112 MET n 
1 113 PRO n 
1 114 GLN n 
1 115 GLU n 
1 116 GLU n 
1 117 GLN n 
1 118 GLU n 
1 119 LEU n 
1 120 VAL n 
1 121 VAL n 
1 122 THR n 
1 123 ILE n 
1 124 PRO n 
1 125 LYS n 
1 126 ASN n 
# 
_entity_src_gen.entity_id                          1 
_entity_src_gen.pdbx_src_id                        1 
_entity_src_gen.pdbx_alt_source_flag               sample 
_entity_src_gen.pdbx_seq_type                      'Biological sequence' 
_entity_src_gen.pdbx_beg_seq_num                   1 
_entity_src_gen.pdbx_end_seq_num                   126 
_entity_src_gen.gene_src_common_name               Human 
_entity_src_gen.gene_src_genus                     ? 
_entity_src_gen.pdbx_gene_src_gene                 'BRD2, KIAA9001, RING3' 
_entity_src_gen.gene_src_species                   ? 
_entity_src_gen.gene_src_strain                    ? 
_entity_src_gen.gene_src_tissue                    ? 
_entity_src_gen.gene_src_tissue_fraction           ? 
_entity_src_gen.gene_src_details                   ? 
_entity_src_gen.pdbx_gene_src_fragment             ? 
_entity_src_gen.pdbx_gene_src_scientific_name      'Homo sapiens' 
_entity_src_gen.pdbx_gene_src_ncbi_taxonomy_id     9606 
_entity_src_gen.pdbx_gene_src_variant              ? 
_entity_src_gen.pdbx_gene_src_cell_line            ? 
_entity_src_gen.pdbx_gene_src_atcc                 ? 
_entity_src_gen.pdbx_gene_src_organ                ? 
_entity_src_gen.pdbx_gene_src_organelle            ? 
_entity_src_gen.pdbx_gene_src_cell                 ? 
_entity_src_gen.pdbx_gene_src_cellular_location    ? 
_entity_src_gen.host_org_common_name               ? 
_entity_src_gen.pdbx_host_org_scientific_name      'Escherichia coli' 
_entity_src_gen.pdbx_host_org_ncbi_taxonomy_id     562 
_entity_src_gen.host_org_genus                     ? 
_entity_src_gen.pdbx_host_org_gene                 ? 
_entity_src_gen.pdbx_host_org_organ                ? 
_entity_src_gen.host_org_species                   ? 
_entity_src_gen.pdbx_host_org_tissue               ? 
_entity_src_gen.pdbx_host_org_tissue_fraction      ? 
_entity_src_gen.pdbx_host_org_strain               ? 
_entity_src_gen.pdbx_host_org_variant              ? 
_entity_src_gen.pdbx_host_org_cell_line            ? 
_entity_src_gen.pdbx_host_org_atcc                 ? 
_entity_src_gen.pdbx_host_org_culture_collection   ? 
_entity_src_gen.pdbx_host_org_cell                 ? 
_entity_src_gen.pdbx_host_org_organelle            ? 
_entity_src_gen.pdbx_host_org_cellular_location    ? 
_entity_src_gen.pdbx_host_org_vector_type          plasmid 
_entity_src_gen.pdbx_host_org_vector               ? 
_entity_src_gen.host_org_details                   ? 
_entity_src_gen.expression_system_id               ? 
_entity_src_gen.plasmid_name                       pNIC28-Bsa4 
_entity_src_gen.plasmid_details                    ? 
_entity_src_gen.pdbx_description                   ? 
# 
loop_
_chem_comp.id 
_chem_comp.type 
_chem_comp.mon_nstd_flag 
_chem_comp.name 
_chem_comp.pdbx_synonyms 
_chem_comp.formula 
_chem_comp.formula_weight 
ALA 'L-peptide linking' y ALANINE         ?                 'C3 H7 N O2'     89.093  
ARG 'L-peptide linking' y ARGININE        ?                 'C6 H15 N4 O2 1' 175.209 
ASN 'L-peptide linking' y ASPARAGINE      ?                 'C4 H8 N2 O3'    132.118 
ASP 'L-peptide linking' y 'ASPARTIC ACID' ?                 'C4 H7 N O4'     133.103 
CYS 'L-peptide linking' y CYSTEINE        ?                 'C3 H7 N O2 S'   121.158 
EDO non-polymer         . 1,2-ETHANEDIOL  'ETHYLENE GLYCOL' 'C2 H6 O2'       62.068  
GLN 'L-peptide linking' y GLUTAMINE       ?                 'C5 H10 N2 O3'   146.144 
GLU 'L-peptide linking' y 'GLUTAMIC ACID' ?                 'C5 H9 N O4'     147.129 
GLY 'peptide linking'   y GLYCINE         ?                 'C2 H5 N O2'     75.067  
HIS 'L-peptide linking' y HISTIDINE       ?                 'C6 H10 N3 O2 1' 156.162 
HOH non-polymer         . WATER           ?                 'H2 O'           18.015  
ILE 'L-peptide linking' y ISOLEUCINE      ?                 'C6 H13 N O2'    131.173 
LEU 'L-peptide linking' y LEUCINE         ?                 'C6 H13 N O2'    131.173 
LYS 'L-peptide linking' y LYSINE          ?                 'C6 H15 N2 O2 1' 147.195 
MET 'L-peptide linking' y METHIONINE      ?                 'C5 H11 N O2 S'  149.211 
PHE 'L-peptide linking' y PHENYLALANINE   ?                 'C9 H11 N O2'    165.189 
PRO 'L-peptide linking' y PROLINE         ?                 'C5 H9 N O2'     115.130 
SER 'L-peptide linking' y SERINE          ?                 'C3 H7 N O3'     105.093 
THR 'L-peptide linking' y THREONINE       ?                 'C4 H9 N O3'     119.119 
TRP 'L-peptide linking' y TRYPTOPHAN      ?                 'C11 H12 N2 O2'  204.225 
TYR 'L-peptide linking' y TYROSINE        ?                 'C9 H11 N O3'    181.189 
VAL 'L-peptide linking' y VALINE          ?                 'C5 H11 N O2'    117.146 
# 
loop_
_pdbx_poly_seq_scheme.asym_id 
_pdbx_poly_seq_scheme.entity_id 
_pdbx_poly_seq_scheme.seq_id 
_pdbx_poly_seq_scheme.mon_id 
_pdbx_poly_seq_scheme.ndb_seq_num 
_pdbx_poly_seq_scheme.pdb_seq_num 
_pdbx_poly_seq_scheme.auth_seq_num 
_pdbx_poly_seq_scheme.pdb_mon_id 
_pdbx_poly_seq_scheme.auth_mon_id 
_pdbx_poly_seq_scheme.pdb_strand_id 
_pdbx_poly_seq_scheme.pdb_ins_code 
_pdbx_poly_seq_scheme.hetero 
A 1 1   SER 1   69  69  SER SER A . n 
A 1 2   MET 2   70  70  MET MET A . n 
A 1 3   LYS 3   71  71  LYS LYS A . n 
A 1 4   PRO 4   72  72  PRO PRO A . n 
A 1 5   GLY 5   73  73  GLY GLY A . n 
A 1 6   ARG 6   74  74  ARG ARG A . n 
A 1 7   VAL 7   75  75  VAL VAL A . n 
A 1 8   THR 8   76  76  THR THR A . n 
A 1 9   ASN 9   77  77  ASN ASN A . n 
A 1 10  GLN 10  78  78  GLN GLN A . n 
A 1 11  LEU 11  79  79  LEU LEU A . n 
A 1 12  GLN 12  80  80  GLN GLN A . n 
A 1 13  TYR 13  81  81  TYR TYR A . n 
A 1 14  LEU 14  82  82  LEU LEU A . n 
A 1 15  HIS 15  83  83  HIS HIS A . n 
A 1 16  LYS 16  84  84  LYS LYS A . n 
A 1 17  VAL 17  85  85  VAL VAL A . n 
A 1 18  VAL 18  86  86  VAL VAL A . n 
A 1 19  MET 19  87  87  MET MET A . n 
A 1 20  LYS 20  88  88  LYS LYS A . n 
A 1 21  ALA 21  89  89  ALA ALA A . n 
A 1 22  LEU 22  90  90  LEU LEU A . n 
A 1 23  TRP 23  91  91  TRP TRP A . n 
A 1 24  LYS 24  92  92  LYS LYS A . n 
A 1 25  HIS 25  93  93  HIS HIS A . n 
A 1 26  GLN 26  94  94  GLN GLN A . n 
A 1 27  PHE 27  95  95  PHE PHE A . n 
A 1 28  ALA 28  96  96  ALA ALA A . n 
A 1 29  TRP 29  97  97  TRP TRP A . n 
A 1 30  PRO 30  98  98  PRO PRO A . n 
A 1 31  PHE 31  99  99  PHE PHE A . n 
A 1 32  ARG 32  100 100 ARG ARG A . n 
A 1 33  GLN 33  101 101 GLN GLN A . n 
A 1 34  PRO 34  102 102 PRO PRO A . n 
A 1 35  VAL 35  103 103 VAL VAL A . n 
A 1 36  ASP 36  104 104 ASP ASP A . n 
A 1 37  ALA 37  105 105 ALA ALA A . n 
A 1 38  VAL 38  106 106 VAL VAL A . n 
A 1 39  LYS 39  107 107 LYS LYS A . n 
A 1 40  LEU 40  108 108 LEU LEU A . n 
A 1 41  GLY 41  109 109 GLY GLY A . n 
A 1 42  LEU 42  110 110 LEU LEU A . n 
A 1 43  PRO 43  111 111 PRO PRO A . n 
A 1 44  ASP 44  112 112 ASP ASP A . n 
A 1 45  TYR 45  113 113 TYR TYR A . n 
A 1 46  HIS 46  114 114 HIS HIS A . n 
A 1 47  LYS 47  115 115 LYS LYS A . n 
A 1 48  ILE 48  116 116 ILE ILE A . n 
A 1 49  ILE 49  117 117 ILE ILE A . n 
A 1 50  LYS 50  118 118 LYS LYS A . n 
A 1 51  GLN 51  119 119 GLN GLN A . n 
A 1 52  PRO 52  120 120 PRO PRO A . n 
A 1 53  MET 53  121 121 MET MET A . n 
A 1 54  ASP 54  122 122 ASP ASP A . n 
A 1 55  MET 55  123 123 MET MET A . n 
A 1 56  GLY 56  124 124 GLY GLY A . n 
A 1 57  THR 57  125 125 THR THR A . n 
A 1 58  ILE 58  126 126 ILE ILE A . n 
A 1 59  LYS 59  127 127 LYS LYS A . n 
A 1 60  ARG 60  128 128 ARG ARG A . n 
A 1 61  ARG 61  129 129 ARG ARG A . n 
A 1 62  LEU 62  130 130 LEU LEU A . n 
A 1 63  GLU 63  131 131 GLU GLU A . n 
A 1 64  ASN 64  132 132 ASN ASN A . n 
A 1 65  ASN 65  133 133 ASN ASN A . n 
A 1 66  TYR 66  134 134 TYR TYR A . n 
A 1 67  TYR 67  135 135 TYR TYR A . n 
A 1 68  TRP 68  136 136 TRP TRP A . n 
A 1 69  ALA 69  137 137 ALA ALA A . n 
A 1 70  ALA 70  138 138 ALA ALA A . n 
A 1 71  SER 71  139 139 SER SER A . n 
A 1 72  GLU 72  140 140 GLU GLU A . n 
A 1 73  CYS 73  141 141 CYS CYS A . n 
A 1 74  MET 74  142 142 MET MET A . n 
A 1 75  GLN 75  143 143 GLN GLN A . n 
A 1 76  ASP 76  144 144 ASP ASP A . n 
A 1 77  PHE 77  145 145 PHE PHE A . n 
A 1 78  ASN 78  146 146 ASN ASN A . n 
A 1 79  THR 79  147 147 THR THR A . n 
A 1 80  MET 80  148 148 MET MET A . n 
A 1 81  PHE 81  149 149 PHE PHE A . n 
A 1 82  THR 82  150 150 THR THR A . n 
A 1 83  ASN 83  151 151 ASN ASN A . n 
A 1 84  CYS 84  152 152 CYS CYS A . n 
A 1 85  HIS 85  153 153 HIS HIS A . n 
A 1 86  ILE 86  154 154 ILE ILE A . n 
A 1 87  TYR 87  155 155 TYR TYR A . n 
A 1 88  ASN 88  156 156 ASN ASN A . n 
A 1 89  LYS 89  157 157 LYS LYS A . n 
A 1 90  PRO 90  158 158 PRO PRO A . n 
A 1 91  THR 91  159 159 THR THR A . n 
A 1 92  ASP 92  160 160 ASP ASP A . n 
A 1 93  ASP 93  161 161 ASP ASP A . n 
A 1 94  ILE 94  162 162 ILE ILE A . n 
A 1 95  VAL 95  163 163 VAL VAL A . n 
A 1 96  LEU 96  164 164 LEU LEU A . n 
A 1 97  MET 97  165 165 MET MET A . n 
A 1 98  ALA 98  166 166 ALA ALA A . n 
A 1 99  GLN 99  167 167 GLN GLN A . n 
A 1 100 THR 100 168 168 THR THR A . n 
A 1 101 LEU 101 169 169 LEU LEU A . n 
A 1 102 GLU 102 170 170 GLU GLU A . n 
A 1 103 LYS 103 171 171 LYS LYS A . n 
A 1 104 ILE 104 172 172 ILE ILE A . n 
A 1 105 PHE 105 173 173 PHE PHE A . n 
A 1 106 LEU 106 174 174 LEU LEU A . n 
A 1 107 GLN 107 175 175 GLN GLN A . n 
A 1 108 LYS 108 176 176 LYS LYS A . n 
A 1 109 VAL 109 177 177 VAL VAL A . n 
A 1 110 ALA 110 178 178 ALA ALA A . n 
A 1 111 SER 111 179 179 SER SER A . n 
A 1 112 MET 112 180 180 MET MET A . n 
A 1 113 PRO 113 181 181 PRO PRO A . n 
A 1 114 GLN 114 182 182 GLN GLN A . n 
A 1 115 GLU 115 183 183 GLU GLU A . n 
A 1 116 GLU 116 184 184 GLU GLU A . n 
A 1 117 GLN 117 185 185 GLN GLN A . n 
A 1 118 GLU 118 186 186 GLU GLU A . n 
A 1 119 LEU 119 187 187 LEU LEU A . n 
A 1 120 VAL 120 188 ?   ?   ?   A . n 
A 1 121 VAL 121 189 ?   ?   ?   A . n 
A 1 122 THR 122 190 ?   ?   ?   A . n 
A 1 123 ILE 123 191 ?   ?   ?   A . n 
A 1 124 PRO 124 192 ?   ?   ?   A . n 
A 1 125 LYS 125 193 ?   ?   ?   A . n 
A 1 126 ASN 126 194 ?   ?   ?   A . n 
# 
loop_
_pdbx_nonpoly_scheme.asym_id 
_pdbx_nonpoly_scheme.entity_id 
_pdbx_nonpoly_scheme.mon_id 
_pdbx_nonpoly_scheme.ndb_seq_num 
_pdbx_nonpoly_scheme.pdb_seq_num 
_pdbx_nonpoly_scheme.auth_seq_num 
_pdbx_nonpoly_scheme.pdb_mon_id 
_pdbx_nonpoly_scheme.auth_mon_id 
_pdbx_nonpoly_scheme.pdb_strand_id 
_pdbx_nonpoly_scheme.pdb_ins_code 
B 2 EDO 1   201 1   EDO EDO A . 
C 2 EDO 1   202 2   EDO EDO A . 
D 2 EDO 1   203 3   EDO EDO A . 
E 3 HOH 1   301 89  HOH HOH A . 
E 3 HOH 2   302 78  HOH HOH A . 
E 3 HOH 3   303 67  HOH HOH A . 
E 3 HOH 4   304 19  HOH HOH A . 
E 3 HOH 5   305 13  HOH HOH A . 
E 3 HOH 6   306 16  HOH HOH A . 
E 3 HOH 7   307 22  HOH HOH A . 
E 3 HOH 8   308 108 HOH HOH A . 
E 3 HOH 9   309 47  HOH HOH A . 
E 3 HOH 10  310 12  HOH HOH A . 
E 3 HOH 11  311 63  HOH HOH A . 
E 3 HOH 12  312 17  HOH HOH A . 
E 3 HOH 13  313 39  HOH HOH A . 
E 3 HOH 14  314 42  HOH HOH A . 
E 3 HOH 15  315 28  HOH HOH A . 
E 3 HOH 16  316 6   HOH HOH A . 
E 3 HOH 17  317 37  HOH HOH A . 
E 3 HOH 18  318 61  HOH HOH A . 
E 3 HOH 19  319 14  HOH HOH A . 
E 3 HOH 20  320 27  HOH HOH A . 
E 3 HOH 21  321 76  HOH HOH A . 
E 3 HOH 22  322 55  HOH HOH A . 
E 3 HOH 23  323 11  HOH HOH A . 
E 3 HOH 24  324 4   HOH HOH A . 
E 3 HOH 25  325 103 HOH HOH A . 
E 3 HOH 26  326 18  HOH HOH A . 
E 3 HOH 27  327 20  HOH HOH A . 
E 3 HOH 28  328 58  HOH HOH A . 
E 3 HOH 29  329 57  HOH HOH A . 
E 3 HOH 30  330 70  HOH HOH A . 
E 3 HOH 31  331 48  HOH HOH A . 
E 3 HOH 32  332 96  HOH HOH A . 
E 3 HOH 33  333 30  HOH HOH A . 
E 3 HOH 34  334 7   HOH HOH A . 
E 3 HOH 35  335 3   HOH HOH A . 
E 3 HOH 36  336 50  HOH HOH A . 
E 3 HOH 37  337 82  HOH HOH A . 
E 3 HOH 38  338 35  HOH HOH A . 
E 3 HOH 39  339 26  HOH HOH A . 
E 3 HOH 40  340 25  HOH HOH A . 
E 3 HOH 41  341 79  HOH HOH A . 
E 3 HOH 42  342 40  HOH HOH A . 
E 3 HOH 43  343 9   HOH HOH A . 
E 3 HOH 44  344 94  HOH HOH A . 
E 3 HOH 45  345 38  HOH HOH A . 
E 3 HOH 46  346 5   HOH HOH A . 
E 3 HOH 47  347 66  HOH HOH A . 
E 3 HOH 48  348 65  HOH HOH A . 
E 3 HOH 49  349 10  HOH HOH A . 
E 3 HOH 50  350 62  HOH HOH A . 
E 3 HOH 51  351 52  HOH HOH A . 
E 3 HOH 52  352 93  HOH HOH A . 
E 3 HOH 53  353 59  HOH HOH A . 
E 3 HOH 54  354 86  HOH HOH A . 
E 3 HOH 55  355 15  HOH HOH A . 
E 3 HOH 56  356 71  HOH HOH A . 
E 3 HOH 57  357 56  HOH HOH A . 
E 3 HOH 58  358 106 HOH HOH A . 
E 3 HOH 59  359 44  HOH HOH A . 
E 3 HOH 60  360 68  HOH HOH A . 
E 3 HOH 61  361 2   HOH HOH A . 
E 3 HOH 62  362 34  HOH HOH A . 
E 3 HOH 63  363 104 HOH HOH A . 
E 3 HOH 64  364 83  HOH HOH A . 
E 3 HOH 65  365 81  HOH HOH A . 
E 3 HOH 66  366 88  HOH HOH A . 
E 3 HOH 67  367 32  HOH HOH A . 
E 3 HOH 68  368 91  HOH HOH A . 
E 3 HOH 69  369 64  HOH HOH A . 
E 3 HOH 70  370 53  HOH HOH A . 
E 3 HOH 71  371 69  HOH HOH A . 
E 3 HOH 72  372 72  HOH HOH A . 
E 3 HOH 73  373 101 HOH HOH A . 
E 3 HOH 74  374 90  HOH HOH A . 
E 3 HOH 75  375 41  HOH HOH A . 
E 3 HOH 76  376 84  HOH HOH A . 
E 3 HOH 77  377 36  HOH HOH A . 
E 3 HOH 78  378 29  HOH HOH A . 
E 3 HOH 79  379 107 HOH HOH A . 
E 3 HOH 80  380 98  HOH HOH A . 
E 3 HOH 81  381 45  HOH HOH A . 
E 3 HOH 82  382 33  HOH HOH A . 
E 3 HOH 83  383 99  HOH HOH A . 
E 3 HOH 84  384 49  HOH HOH A . 
E 3 HOH 85  385 21  HOH HOH A . 
E 3 HOH 86  386 24  HOH HOH A . 
E 3 HOH 87  387 31  HOH HOH A . 
E 3 HOH 88  388 1   HOH HOH A . 
E 3 HOH 89  389 102 HOH HOH A . 
E 3 HOH 90  390 60  HOH HOH A . 
E 3 HOH 91  391 74  HOH HOH A . 
E 3 HOH 92  392 109 HOH HOH A . 
E 3 HOH 93  393 46  HOH HOH A . 
E 3 HOH 94  394 97  HOH HOH A . 
E 3 HOH 95  395 110 HOH HOH A . 
E 3 HOH 96  396 100 HOH HOH A . 
E 3 HOH 97  397 54  HOH HOH A . 
E 3 HOH 98  398 75  HOH HOH A . 
E 3 HOH 99  399 105 HOH HOH A . 
E 3 HOH 100 400 87  HOH HOH A . 
E 3 HOH 101 401 73  HOH HOH A . 
E 3 HOH 102 402 80  HOH HOH A . 
E 3 HOH 103 403 85  HOH HOH A . 
E 3 HOH 104 404 43  HOH HOH A . 
E 3 HOH 105 405 8   HOH HOH A . 
E 3 HOH 106 406 23  HOH HOH A . 
E 3 HOH 107 407 92  HOH HOH A . 
E 3 HOH 108 408 51  HOH HOH A . 
E 3 HOH 109 409 77  HOH HOH A . 
E 3 HOH 110 410 95  HOH HOH A . 
# 
loop_
_software.citation_id 
_software.classification 
_software.compiler_name 
_software.compiler_version 
_software.contact_author 
_software.contact_author_email 
_software.date 
_software.description 
_software.dependencies 
_software.hardware 
_software.language 
_software.location 
_software.mods 
_software.name 
_software.os 
_software.os_version 
_software.type 
_software.version 
_software.pdbx_ordinal 
? refinement       ? ? ? ? ? ? ? ? ? ? ? REFMAC  ? ? ? 5.8.0073 1 
? 'data reduction' ? ? ? ? ? ? ? ? ? ? ? XDS     ? ? ? .        2 
? 'data scaling'   ? ? ? ? ? ? ? ? ? ? ? Aimless ? ? ? .        3 
? phasing          ? ? ? ? ? ? ? ? ? ? ? PHASER  ? ? ? .        4 
# 
_cell.angle_alpha                  90.00 
_cell.angle_alpha_esd              ? 
_cell.angle_beta                   90.00 
_cell.angle_beta_esd               ? 
_cell.angle_gamma                  90.00 
_cell.angle_gamma_esd              ? 
_cell.entry_id                     5HEL 
_cell.details                      ? 
_cell.formula_units_Z              ? 
_cell.length_a                     47.743 
_cell.length_a_esd                 ? 
_cell.length_b                     47.743 
_cell.length_b_esd                 ? 
_cell.length_c                     125.795 
_cell.length_c_esd                 ? 
_cell.volume                       ? 
_cell.volume_esd                   ? 
_cell.Z_PDB                        8 
_cell.reciprocal_angle_alpha       ? 
_cell.reciprocal_angle_beta        ? 
_cell.reciprocal_angle_gamma       ? 
_cell.reciprocal_angle_alpha_esd   ? 
_cell.reciprocal_angle_beta_esd    ? 
_cell.reciprocal_angle_gamma_esd   ? 
_cell.reciprocal_length_a          ? 
_cell.reciprocal_length_b          ? 
_cell.reciprocal_length_c          ? 
_cell.reciprocal_length_a_esd      ? 
_cell.reciprocal_length_b_esd      ? 
_cell.reciprocal_length_c_esd      ? 
_cell.pdbx_unique_axis             ? 
# 
_symmetry.entry_id                         5HEL 
_symmetry.cell_setting                     ? 
_symmetry.Int_Tables_number                96 
_symmetry.space_group_name_Hall            ? 
_symmetry.space_group_name_H-M             'P 43 21 2' 
_symmetry.pdbx_full_space_group_name_H-M   ? 
# 
_exptl.absorpt_coefficient_mu     ? 
_exptl.absorpt_correction_T_max   ? 
_exptl.absorpt_correction_T_min   ? 
_exptl.absorpt_correction_type    ? 
_exptl.absorpt_process_details    ? 
_exptl.entry_id                   5HEL 
_exptl.crystals_number            ? 
_exptl.details                    ? 
_exptl.method                     'X-RAY DIFFRACTION' 
_exptl.method_details             ? 
# 
_exptl_crystal.colour                      ? 
_exptl_crystal.density_diffrn              ? 
_exptl_crystal.density_Matthews            2.41 
_exptl_crystal.density_method              ? 
_exptl_crystal.density_percent_sol         48.91 
_exptl_crystal.description                 Rod 
_exptl_crystal.F_000                       ? 
_exptl_crystal.id                          1 
_exptl_crystal.preparation                 ? 
_exptl_crystal.size_max                    ? 
_exptl_crystal.size_mid                    ? 
_exptl_crystal.size_min                    ? 
_exptl_crystal.size_rad                    ? 
_exptl_crystal.colour_lustre               ? 
_exptl_crystal.colour_modifier             ? 
_exptl_crystal.colour_primary              ? 
_exptl_crystal.density_meas                ? 
_exptl_crystal.density_meas_esd            ? 
_exptl_crystal.density_meas_gt             ? 
_exptl_crystal.density_meas_lt             ? 
_exptl_crystal.density_meas_temp           ? 
_exptl_crystal.density_meas_temp_esd       ? 
_exptl_crystal.density_meas_temp_gt        ? 
_exptl_crystal.density_meas_temp_lt        ? 
_exptl_crystal.pdbx_crystal_image_url      ? 
_exptl_crystal.pdbx_crystal_image_format   ? 
_exptl_crystal.pdbx_mosaicity              ? 
_exptl_crystal.pdbx_mosaicity_esd          ? 
# 
_exptl_crystal_grow.apparatus       ? 
_exptl_crystal_grow.atmosphere      ? 
_exptl_crystal_grow.crystal_id      1 
_exptl_crystal_grow.details         ? 
_exptl_crystal_grow.method          'VAPOR DIFFUSION, SITTING DROP' 
_exptl_crystal_grow.method_ref      ? 
_exptl_crystal_grow.pH              7.5 
_exptl_crystal_grow.pressure        ? 
_exptl_crystal_grow.pressure_esd    ? 
_exptl_crystal_grow.seeding         ? 
_exptl_crystal_grow.seeding_ref     ? 
_exptl_crystal_grow.temp            277 
_exptl_crystal_grow.temp_details    ? 
_exptl_crystal_grow.temp_esd        ? 
_exptl_crystal_grow.time            ? 
_exptl_crystal_grow.pdbx_details    '20% PEG smear high, 0.1 M Mes pH 6.5' 
_exptl_crystal_grow.pdbx_pH_range   6.5-7.5 
# 
_diffrn.ambient_environment    ? 
_diffrn.ambient_temp           100 
_diffrn.ambient_temp_details   ? 
_diffrn.ambient_temp_esd       ? 
_diffrn.crystal_id             1 
_diffrn.crystal_support        ? 
_diffrn.crystal_treatment      ? 
_diffrn.details                ? 
_diffrn.id                     1 
_diffrn.ambient_pressure       ? 
_diffrn.ambient_pressure_esd   ? 
_diffrn.ambient_pressure_gt    ? 
_diffrn.ambient_pressure_lt    ? 
_diffrn.ambient_temp_gt        ? 
_diffrn.ambient_temp_lt        ? 
# 
_diffrn_detector.details                      ? 
_diffrn_detector.detector                     PIXEL 
_diffrn_detector.diffrn_id                    1 
_diffrn_detector.type                         'DECTRIS PILATUS 6M' 
_diffrn_detector.area_resol_mean              ? 
_diffrn_detector.dtime                        ? 
_diffrn_detector.pdbx_frames_total            ? 
_diffrn_detector.pdbx_collection_time_total   ? 
_diffrn_detector.pdbx_collection_date         2014-04-25 
# 
_diffrn_radiation.collimation                      ? 
_diffrn_radiation.diffrn_id                        1 
_diffrn_radiation.filter_edge                      ? 
_diffrn_radiation.inhomogeneity                    ? 
_diffrn_radiation.monochromator                    ? 
_diffrn_radiation.polarisn_norm                    ? 
_diffrn_radiation.polarisn_ratio                   ? 
_diffrn_radiation.probe                            ? 
_diffrn_radiation.type                             ? 
_diffrn_radiation.xray_symbol                      ? 
_diffrn_radiation.wavelength_id                    1 
_diffrn_radiation.pdbx_monochromatic_or_laue_m_l   M 
_diffrn_radiation.pdbx_wavelength_list             ? 
_diffrn_radiation.pdbx_wavelength                  ? 
_diffrn_radiation.pdbx_diffrn_protocol             'SINGLE WAVELENGTH' 
_diffrn_radiation.pdbx_analyzer                    ? 
_diffrn_radiation.pdbx_scattering_type             x-ray 
# 
_diffrn_radiation_wavelength.id           1 
_diffrn_radiation_wavelength.wavelength   0.9763 
_diffrn_radiation_wavelength.wt           1.0 
# 
_diffrn_source.current                     ? 
_diffrn_source.details                     ? 
_diffrn_source.diffrn_id                   1 
_diffrn_source.power                       ? 
_diffrn_source.size                        ? 
_diffrn_source.source                      SYNCHROTRON 
_diffrn_source.target                      ? 
_diffrn_source.type                        'DIAMOND BEAMLINE I03' 
_diffrn_source.voltage                     ? 
_diffrn_source.take-off_angle              ? 
_diffrn_source.pdbx_wavelength_list        0.9763 
_diffrn_source.pdbx_wavelength             ? 
_diffrn_source.pdbx_synchrotron_beamline   I03 
_diffrn_source.pdbx_synchrotron_site       Diamond 
# 
_reflns.B_iso_Wilson_estimate            ? 
_reflns.entry_id                         5HEL 
_reflns.data_reduction_details           ? 
_reflns.data_reduction_method            ? 
_reflns.d_resolution_high                1.45 
_reflns.d_resolution_low                 29.75 
_reflns.details                          ? 
_reflns.limit_h_max                      ? 
_reflns.limit_h_min                      ? 
_reflns.limit_k_max                      ? 
_reflns.limit_k_min                      ? 
_reflns.limit_l_max                      ? 
_reflns.limit_l_min                      ? 
_reflns.number_all                       26847 
_reflns.number_obs                       26847 
_reflns.observed_criterion               ? 
_reflns.observed_criterion_F_max         ? 
_reflns.observed_criterion_F_min         ? 
_reflns.observed_criterion_I_max         ? 
_reflns.observed_criterion_I_min         ? 
_reflns.observed_criterion_sigma_F       ? 
_reflns.observed_criterion_sigma_I       ? 
_reflns.percent_possible_obs             99.9 
_reflns.R_free_details                   ? 
_reflns.Rmerge_F_all                     ? 
_reflns.Rmerge_F_obs                     ? 
_reflns.Friedel_coverage                 ? 
_reflns.number_gt                        ? 
_reflns.threshold_expression             ? 
_reflns.pdbx_redundancy                  13.7 
_reflns.pdbx_Rmerge_I_obs                0.044 
_reflns.pdbx_Rmerge_I_all                ? 
_reflns.pdbx_Rsym_value                  0.012 
_reflns.pdbx_netI_over_av_sigmaI         ? 
_reflns.pdbx_netI_over_sigmaI            34.2 
_reflns.pdbx_res_netI_over_av_sigmaI_2   ? 
_reflns.pdbx_res_netI_over_sigmaI_2      ? 
_reflns.pdbx_chi_squared                 ? 
_reflns.pdbx_scaling_rejects             ? 
_reflns.pdbx_d_res_high_opt              ? 
_reflns.pdbx_d_res_low_opt               ? 
_reflns.pdbx_d_res_opt_method            ? 
_reflns.phase_calculation_details        ? 
_reflns.pdbx_Rrim_I_all                  ? 
_reflns.pdbx_Rpim_I_all                  ? 
_reflns.pdbx_d_opt                       ? 
_reflns.pdbx_number_measured_all         ? 
_reflns.pdbx_diffrn_id                   1 
_reflns.pdbx_ordinal                     1 
_reflns.pdbx_CC_half                     ? 
_reflns.pdbx_R_split                     ? 
# 
_reflns_shell.d_res_high                  1.45 
_reflns_shell.d_res_low                   1.53 
_reflns_shell.meanI_over_sigI_all         ? 
_reflns_shell.meanI_over_sigI_obs         9.8 
_reflns_shell.number_measured_all         ? 
_reflns_shell.number_measured_obs         ? 
_reflns_shell.number_possible             ? 
_reflns_shell.number_unique_all           ? 
_reflns_shell.number_unique_obs           ? 
_reflns_shell.percent_possible_all        99.2 
_reflns_shell.percent_possible_obs        ? 
_reflns_shell.Rmerge_F_all                ? 
_reflns_shell.Rmerge_F_obs                ? 
_reflns_shell.Rmerge_I_all                ? 
_reflns_shell.Rmerge_I_obs                0.336 
_reflns_shell.meanI_over_sigI_gt          ? 
_reflns_shell.meanI_over_uI_all           ? 
_reflns_shell.meanI_over_uI_gt            ? 
_reflns_shell.number_measured_gt          ? 
_reflns_shell.number_unique_gt            ? 
_reflns_shell.percent_possible_gt         ? 
_reflns_shell.Rmerge_F_gt                 ? 
_reflns_shell.Rmerge_I_gt                 ? 
_reflns_shell.pdbx_redundancy             12.9 
_reflns_shell.pdbx_Rsym_value             ? 
_reflns_shell.pdbx_chi_squared            ? 
_reflns_shell.pdbx_netI_over_sigmaI_all   ? 
_reflns_shell.pdbx_netI_over_sigmaI_obs   ? 
_reflns_shell.pdbx_Rrim_I_all             ? 
_reflns_shell.pdbx_Rpim_I_all             ? 
_reflns_shell.pdbx_rejects                ? 
_reflns_shell.pdbx_ordinal                1 
_reflns_shell.pdbx_diffrn_id              1 
_reflns_shell.pdbx_CC_half                ? 
_reflns_shell.pdbx_R_split                ? 
# 
_refine.aniso_B[1][1]                            0.18 
_refine.aniso_B[1][2]                            -0.00 
_refine.aniso_B[1][3]                            -0.00 
_refine.aniso_B[2][2]                            0.18 
_refine.aniso_B[2][3]                            -0.00 
_refine.aniso_B[3][3]                            -0.36 
_refine.B_iso_max                                ? 
_refine.B_iso_mean                               18.895 
_refine.B_iso_min                                ? 
_refine.correlation_coeff_Fo_to_Fc               0.960 
_refine.correlation_coeff_Fo_to_Fc_free          0.949 
_refine.details                                  'HYDROGENS HAVE BEEN ADDED IN THE RIDING POSITIONS' 
_refine.diff_density_max                         ? 
_refine.diff_density_max_esd                     ? 
_refine.diff_density_min                         ? 
_refine.diff_density_min_esd                     ? 
_refine.diff_density_rms                         ? 
_refine.diff_density_rms_esd                     ? 
_refine.entry_id                                 5HEL 
_refine.pdbx_refine_id                           'X-RAY DIFFRACTION' 
_refine.ls_abs_structure_details                 ? 
_refine.ls_abs_structure_Flack                   ? 
_refine.ls_abs_structure_Flack_esd               ? 
_refine.ls_abs_structure_Rogers                  ? 
_refine.ls_abs_structure_Rogers_esd              ? 
_refine.ls_d_res_high                            1.45 
_refine.ls_d_res_low                             29.75 
_refine.ls_extinction_coef                       ? 
_refine.ls_extinction_coef_esd                   ? 
_refine.ls_extinction_expression                 ? 
_refine.ls_extinction_method                     ? 
_refine.ls_goodness_of_fit_all                   ? 
_refine.ls_goodness_of_fit_all_esd               ? 
_refine.ls_goodness_of_fit_obs                   ? 
_refine.ls_goodness_of_fit_obs_esd               ? 
_refine.ls_hydrogen_treatment                    ? 
_refine.ls_matrix_type                           ? 
_refine.ls_number_constraints                    ? 
_refine.ls_number_parameters                     ? 
_refine.ls_number_reflns_all                     ? 
_refine.ls_number_reflns_obs                     25503 
_refine.ls_number_reflns_R_free                  1267 
_refine.ls_number_reflns_R_work                  ? 
_refine.ls_number_restraints                     ? 
_refine.ls_percent_reflns_obs                    99.85 
_refine.ls_percent_reflns_R_free                 4.7 
_refine.ls_R_factor_all                          ? 
_refine.ls_R_factor_obs                          0.19181 
_refine.ls_R_factor_R_free                       0.20899 
_refine.ls_R_factor_R_free_error                 ? 
_refine.ls_R_factor_R_free_error_details         ? 
_refine.ls_R_factor_R_work                       0.19089 
_refine.ls_R_Fsqd_factor_obs                     ? 
_refine.ls_R_I_factor_obs                        ? 
_refine.ls_redundancy_reflns_all                 ? 
_refine.ls_redundancy_reflns_obs                 ? 
_refine.ls_restrained_S_all                      ? 
_refine.ls_restrained_S_obs                      ? 
_refine.ls_shift_over_esd_max                    ? 
_refine.ls_shift_over_esd_mean                   ? 
_refine.ls_structure_factor_coef                 ? 
_refine.ls_weighting_details                     ? 
_refine.ls_weighting_scheme                      ? 
_refine.ls_wR_factor_all                         ? 
_refine.ls_wR_factor_obs                         ? 
_refine.ls_wR_factor_R_free                      ? 
_refine.ls_wR_factor_R_work                      ? 
_refine.occupancy_max                            ? 
_refine.occupancy_min                            ? 
_refine.solvent_model_details                    MASK 
_refine.solvent_model_param_bsol                 ? 
_refine.solvent_model_param_ksol                 ? 
_refine.ls_R_factor_gt                           ? 
_refine.ls_goodness_of_fit_gt                    ? 
_refine.ls_goodness_of_fit_ref                   ? 
_refine.ls_shift_over_su_max                     ? 
_refine.ls_shift_over_su_max_lt                  ? 
_refine.ls_shift_over_su_mean                    ? 
_refine.ls_shift_over_su_mean_lt                 ? 
_refine.pdbx_ls_sigma_I                          ? 
_refine.pdbx_ls_sigma_F                          ? 
_refine.pdbx_ls_sigma_Fsqd                       ? 
_refine.pdbx_data_cutoff_high_absF               ? 
_refine.pdbx_data_cutoff_high_rms_absF           ? 
_refine.pdbx_data_cutoff_low_absF                ? 
_refine.pdbx_isotropic_thermal_model             ? 
_refine.pdbx_ls_cross_valid_method               THROUGHOUT 
_refine.pdbx_method_to_determine_struct          'MOLECULAR REPLACEMENT' 
_refine.pdbx_starting_model                      4ALH 
_refine.pdbx_stereochemistry_target_values       'MAXIMUM LIKELIHOOD' 
_refine.pdbx_R_Free_selection_details            RANDOM 
_refine.pdbx_stereochem_target_val_spec_case     ? 
_refine.pdbx_overall_ESU_R                       0.065 
_refine.pdbx_overall_ESU_R_Free                  0.064 
_refine.pdbx_solvent_vdw_probe_radii             1.20 
_refine.pdbx_solvent_ion_probe_radii             0.80 
_refine.pdbx_solvent_shrinkage_radii             0.80 
_refine.pdbx_real_space_R                        ? 
_refine.pdbx_density_correlation                 ? 
_refine.pdbx_pd_number_of_powder_patterns        ? 
_refine.pdbx_pd_number_of_points                 ? 
_refine.pdbx_pd_meas_number_of_points            ? 
_refine.pdbx_pd_proc_ls_prof_R_factor            ? 
_refine.pdbx_pd_proc_ls_prof_wR_factor           ? 
_refine.pdbx_pd_Marquardt_correlation_coeff      ? 
_refine.pdbx_pd_Fsqrd_R_factor                   ? 
_refine.pdbx_pd_ls_matrix_band_width             ? 
_refine.pdbx_overall_phase_error                 ? 
_refine.pdbx_overall_SU_R_free_Cruickshank_DPI   ? 
_refine.pdbx_overall_SU_R_free_Blow_DPI          ? 
_refine.pdbx_overall_SU_R_Blow_DPI               ? 
_refine.pdbx_TLS_residual_ADP_flag               ? 
_refine.pdbx_diffrn_id                           1 
_refine.overall_SU_B                             0.985 
_refine.overall_SU_ML                            0.039 
_refine.overall_SU_R_Cruickshank_DPI             ? 
_refine.overall_SU_R_free                        ? 
_refine.overall_FOM_free_R_set                   ? 
_refine.overall_FOM_work_R_set                   ? 
_refine.pdbx_average_fsc_overall                 ? 
_refine.pdbx_average_fsc_work                    ? 
_refine.pdbx_average_fsc_free                    ? 
# 
_refine_hist.pdbx_refine_id                   'X-RAY DIFFRACTION' 
_refine_hist.cycle_id                         1 
_refine_hist.pdbx_number_atoms_protein        989 
_refine_hist.pdbx_number_atoms_nucleic_acid   0 
_refine_hist.pdbx_number_atoms_ligand         12 
_refine_hist.number_atoms_solvent             110 
_refine_hist.number_atoms_total               1111 
_refine_hist.d_res_high                       1.45 
_refine_hist.d_res_low                        29.75 
# 
loop_
_refine_ls_restr.pdbx_refine_id 
_refine_ls_restr.criterion 
_refine_ls_restr.dev_ideal 
_refine_ls_restr.dev_ideal_target 
_refine_ls_restr.number 
_refine_ls_restr.rejects 
_refine_ls_restr.type 
_refine_ls_restr.weight 
_refine_ls_restr.pdbx_restraint_function 
'X-RAY DIFFRACTION' ? 0.012  0.019  1024 ? r_bond_refined_d             ? ? 
'X-RAY DIFFRACTION' ? 0.001  0.020  995  ? r_bond_other_d               ? ? 
'X-RAY DIFFRACTION' ? 1.479  1.950  1377 ? r_angle_refined_deg          ? ? 
'X-RAY DIFFRACTION' ? 0.778  3.000  2292 ? r_angle_other_deg            ? ? 
'X-RAY DIFFRACTION' ? 5.005  5.000  118  ? r_dihedral_angle_1_deg       ? ? 
'X-RAY DIFFRACTION' ? 36.957 24.898 49   ? r_dihedral_angle_2_deg       ? ? 
'X-RAY DIFFRACTION' ? 11.725 15.000 191  ? r_dihedral_angle_3_deg       ? ? 
'X-RAY DIFFRACTION' ? 17.281 15.000 4    ? r_dihedral_angle_4_deg       ? ? 
'X-RAY DIFFRACTION' ? 0.084  0.200  145  ? r_chiral_restr               ? ? 
'X-RAY DIFFRACTION' ? 0.007  0.021  1126 ? r_gen_planes_refined         ? ? 
'X-RAY DIFFRACTION' ? 0.001  0.020  238  ? r_gen_planes_other           ? ? 
'X-RAY DIFFRACTION' ? ?      ?      ?    ? r_nbd_refined                ? ? 
'X-RAY DIFFRACTION' ? ?      ?      ?    ? r_nbd_other                  ? ? 
'X-RAY DIFFRACTION' ? ?      ?      ?    ? r_nbtor_refined              ? ? 
'X-RAY DIFFRACTION' ? ?      ?      ?    ? r_nbtor_other                ? ? 
'X-RAY DIFFRACTION' ? ?      ?      ?    ? r_xyhbond_nbd_refined        ? ? 
'X-RAY DIFFRACTION' ? ?      ?      ?    ? r_xyhbond_nbd_other          ? ? 
'X-RAY DIFFRACTION' ? ?      ?      ?    ? r_metal_ion_refined          ? ? 
'X-RAY DIFFRACTION' ? ?      ?      ?    ? r_metal_ion_other            ? ? 
'X-RAY DIFFRACTION' ? ?      ?      ?    ? r_symmetry_vdw_refined       ? ? 
'X-RAY DIFFRACTION' ? ?      ?      ?    ? r_symmetry_vdw_other         ? ? 
'X-RAY DIFFRACTION' ? ?      ?      ?    ? r_symmetry_hbond_refined     ? ? 
'X-RAY DIFFRACTION' ? ?      ?      ?    ? r_symmetry_hbond_other       ? ? 
'X-RAY DIFFRACTION' ? ?      ?      ?    ? r_symmetry_metal_ion_refined ? ? 
'X-RAY DIFFRACTION' ? ?      ?      ?    ? r_symmetry_metal_ion_other   ? ? 
'X-RAY DIFFRACTION' ? 1.282  1.617  475  ? r_mcbond_it                  ? ? 
'X-RAY DIFFRACTION' ? 1.250  1.612  474  ? r_mcbond_other               ? ? 
'X-RAY DIFFRACTION' ? 1.957  2.422  592  ? r_mcangle_it                 ? ? 
'X-RAY DIFFRACTION' ? 1.960  2.426  593  ? r_mcangle_other              ? ? 
'X-RAY DIFFRACTION' ? 2.054  1.902  549  ? r_scbond_it                  ? ? 
'X-RAY DIFFRACTION' ? 2.054  1.902  549  ? r_scbond_other               ? ? 
'X-RAY DIFFRACTION' ? ?      ?      ?    ? r_scangle_it                 ? ? 
'X-RAY DIFFRACTION' ? 3.233  2.737  786  ? r_scangle_other              ? ? 
'X-RAY DIFFRACTION' ? 4.608  13.824 1259 ? r_long_range_B_refined       ? ? 
'X-RAY DIFFRACTION' ? 4.606  13.840 1260 ? r_long_range_B_other         ? ? 
'X-RAY DIFFRACTION' ? ?      ?      ?    ? r_rigid_bond_restr           ? ? 
'X-RAY DIFFRACTION' ? ?      ?      ?    ? r_sphericity_free            ? ? 
'X-RAY DIFFRACTION' ? ?      ?      ?    ? r_sphericity_bonded          ? ? 
# 
_refine_ls_shell.pdbx_refine_id                   'X-RAY DIFFRACTION' 
_refine_ls_shell.d_res_high                       1.448 
_refine_ls_shell.d_res_low                        1.486 
_refine_ls_shell.number_reflns_all                ? 
_refine_ls_shell.number_reflns_obs                ? 
_refine_ls_shell.number_reflns_R_free             89 
_refine_ls_shell.number_reflns_R_work             1805 
_refine_ls_shell.percent_reflns_obs               98.34 
_refine_ls_shell.percent_reflns_R_free            ? 
_refine_ls_shell.R_factor_all                     ? 
_refine_ls_shell.R_factor_obs                     ? 
_refine_ls_shell.R_factor_R_free                  0.246 
_refine_ls_shell.R_factor_R_free_error            ? 
_refine_ls_shell.R_factor_R_work                  0.208 
_refine_ls_shell.redundancy_reflns_all            ? 
_refine_ls_shell.redundancy_reflns_obs            ? 
_refine_ls_shell.wR_factor_all                    ? 
_refine_ls_shell.wR_factor_obs                    ? 
_refine_ls_shell.wR_factor_R_free                 ? 
_refine_ls_shell.wR_factor_R_work                 ? 
_refine_ls_shell.pdbx_total_number_of_bins_used   20 
_refine_ls_shell.pdbx_phase_error                 ? 
_refine_ls_shell.pdbx_fsc_work                    ? 
_refine_ls_shell.pdbx_fsc_free                    ? 
# 
_struct.entry_id                     5HEL 
_struct.title                        'Crystal structure of the N-terminus Y153H bromodomain mutant of human BRD2' 
_struct.pdbx_model_details           ? 
_struct.pdbx_formula_weight          ? 
_struct.pdbx_formula_weight_method   ? 
_struct.pdbx_model_type_details      ? 
_struct.pdbx_CASP_flag               ? 
# 
_struct_keywords.entry_id        5HEL 
_struct_keywords.text            'Transcription regulation, post translational modifications recognition, transcription' 
_struct_keywords.pdbx_keywords   TRANSCRIPTION 
# 
loop_
_struct_asym.id 
_struct_asym.pdbx_blank_PDB_chainid_flag 
_struct_asym.pdbx_modified 
_struct_asym.entity_id 
_struct_asym.details 
A N N 1 ? 
B N N 2 ? 
C N N 2 ? 
D N N 2 ? 
E N N 3 ? 
# 
_struct_ref.id                         1 
_struct_ref.db_name                    UNP 
_struct_ref.db_code                    BRD2_HUMAN 
_struct_ref.pdbx_db_accession          P25440 
_struct_ref.pdbx_db_isoform            ? 
_struct_ref.entity_id                  1 
_struct_ref.pdbx_seq_one_letter_code   
;KPGRVTNQLQYLHKVVMKALWKHQFAWPFRQPVDAVKLGLPDYHKIIKQPMDMGTIKRRLENNYYWAASECMQDFNTMFT
NCYIYNKPTDDIVLMAQTLEKIFLQKVASMPQEEQELVVTIPKN
;
_struct_ref.pdbx_align_begin           71 
# 
_struct_ref_seq.align_id                      1 
_struct_ref_seq.ref_id                        1 
_struct_ref_seq.pdbx_PDB_id_code              5HEL 
_struct_ref_seq.pdbx_strand_id                A 
_struct_ref_seq.seq_align_beg                 3 
_struct_ref_seq.pdbx_seq_align_beg_ins_code   ? 
_struct_ref_seq.seq_align_end                 126 
_struct_ref_seq.pdbx_seq_align_end_ins_code   ? 
_struct_ref_seq.pdbx_db_accession             P25440 
_struct_ref_seq.db_align_beg                  71 
_struct_ref_seq.pdbx_db_align_beg_ins_code    ? 
_struct_ref_seq.db_align_end                  194 
_struct_ref_seq.pdbx_db_align_end_ins_code    ? 
_struct_ref_seq.pdbx_auth_seq_align_beg       71 
_struct_ref_seq.pdbx_auth_seq_align_end       194 
# 
loop_
_struct_ref_seq_dif.align_id 
_struct_ref_seq_dif.pdbx_pdb_id_code 
_struct_ref_seq_dif.mon_id 
_struct_ref_seq_dif.pdbx_pdb_strand_id 
_struct_ref_seq_dif.seq_num 
_struct_ref_seq_dif.pdbx_pdb_ins_code 
_struct_ref_seq_dif.pdbx_seq_db_name 
_struct_ref_seq_dif.pdbx_seq_db_accession_code 
_struct_ref_seq_dif.db_mon_id 
_struct_ref_seq_dif.pdbx_seq_db_seq_num 
_struct_ref_seq_dif.details 
_struct_ref_seq_dif.pdbx_auth_seq_num 
_struct_ref_seq_dif.pdbx_ordinal 
1 5HEL SER A 1  ? UNP P25440 ?   ?   'expression tag'      69  1 
1 5HEL MET A 2  ? UNP P25440 ?   ?   'expression tag'      70  2 
1 5HEL HIS A 85 ? UNP P25440 TYR 153 'engineered mutation' 153 3 
# 
_pdbx_struct_assembly.id                   1 
_pdbx_struct_assembly.details              author_and_software_defined_assembly 
_pdbx_struct_assembly.method_details       PISA 
_pdbx_struct_assembly.oligomeric_details   monomeric 
_pdbx_struct_assembly.oligomeric_count     1 
# 
loop_
_pdbx_struct_assembly_prop.biol_id 
_pdbx_struct_assembly_prop.type 
_pdbx_struct_assembly_prop.value 
_pdbx_struct_assembly_prop.details 
1 'ABSA (A^2)' 550  ? 
1 MORE         7    ? 
1 'SSA (A^2)'  7380 ? 
# 
_pdbx_struct_assembly_gen.assembly_id       1 
_pdbx_struct_assembly_gen.oper_expression   1 
_pdbx_struct_assembly_gen.asym_id_list      A,B,C,D,E 
# 
_pdbx_struct_oper_list.id                   1 
_pdbx_struct_oper_list.type                 'identity operation' 
_pdbx_struct_oper_list.name                 1_555 
_pdbx_struct_oper_list.symmetry_operation   x,y,z 
_pdbx_struct_oper_list.matrix[1][1]         1.0000000000 
_pdbx_struct_oper_list.matrix[1][2]         0.0000000000 
_pdbx_struct_oper_list.matrix[1][3]         0.0000000000 
_pdbx_struct_oper_list.vector[1]            0.0000000000 
_pdbx_struct_oper_list.matrix[2][1]         0.0000000000 
_pdbx_struct_oper_list.matrix[2][2]         1.0000000000 
_pdbx_struct_oper_list.matrix[2][3]         0.0000000000 
_pdbx_struct_oper_list.vector[2]            0.0000000000 
_pdbx_struct_oper_list.matrix[3][1]         0.0000000000 
_pdbx_struct_oper_list.matrix[3][2]         0.0000000000 
_pdbx_struct_oper_list.matrix[3][3]         1.0000000000 
_pdbx_struct_oper_list.vector[3]            0.0000000000 
# 
loop_
_struct_conf.conf_type_id 
_struct_conf.id 
_struct_conf.pdbx_PDB_helix_id 
_struct_conf.beg_label_comp_id 
_struct_conf.beg_label_asym_id 
_struct_conf.beg_label_seq_id 
_struct_conf.pdbx_beg_PDB_ins_code 
_struct_conf.end_label_comp_id 
_struct_conf.end_label_asym_id 
_struct_conf.end_label_seq_id 
_struct_conf.pdbx_end_PDB_ins_code 
_struct_conf.beg_auth_comp_id 
_struct_conf.beg_auth_asym_id 
_struct_conf.beg_auth_seq_id 
_struct_conf.end_auth_comp_id 
_struct_conf.end_auth_asym_id 
_struct_conf.end_auth_seq_id 
_struct_conf.pdbx_PDB_helix_class 
_struct_conf.details 
_struct_conf.pdbx_PDB_helix_length 
HELX_P HELX_P1 AA1 THR A 8  ? VAL A 17  ? THR A 76  VAL A 85  1 ? 10 
HELX_P HELX_P2 AA2 VAL A 17 ? LYS A 24  ? VAL A 85  LYS A 92  1 ? 8  
HELX_P HELX_P3 AA3 ALA A 28 ? ARG A 32  ? ALA A 96  ARG A 100 5 ? 5  
HELX_P HELX_P4 AA4 ASP A 36 ? GLY A 41  ? ASP A 104 GLY A 109 1 ? 6  
HELX_P HELX_P5 AA5 ASP A 44 ? ILE A 49  ? ASP A 112 ILE A 117 1 ? 6  
HELX_P HELX_P6 AA6 ASP A 54 ? ASN A 64  ? ASP A 122 ASN A 132 1 ? 11 
HELX_P HELX_P7 AA7 ALA A 69 ? ASN A 88  ? ALA A 137 ASN A 156 1 ? 20 
HELX_P HELX_P8 AA8 ASP A 92 ? ALA A 110 ? ASP A 160 ALA A 178 1 ? 19 
# 
_struct_conf_type.id          HELX_P 
_struct_conf_type.criteria    ? 
_struct_conf_type.reference   ? 
# 
loop_
_struct_site.id 
_struct_site.pdbx_evidence_code 
_struct_site.pdbx_auth_asym_id 
_struct_site.pdbx_auth_comp_id 
_struct_site.pdbx_auth_seq_id 
_struct_site.pdbx_auth_ins_code 
_struct_site.pdbx_num_residues 
_struct_site.details 
AC1 Software A EDO 201 ? 4 'binding site for residue EDO A 201' 
AC2 Software A EDO 202 ? 7 'binding site for residue EDO A 202' 
AC3 Software A EDO 203 ? 6 'binding site for residue EDO A 203' 
# 
loop_
_struct_site_gen.id 
_struct_site_gen.site_id 
_struct_site_gen.pdbx_num_res 
_struct_site_gen.label_comp_id 
_struct_site_gen.label_asym_id 
_struct_site_gen.label_seq_id 
_struct_site_gen.pdbx_auth_ins_code 
_struct_site_gen.auth_comp_id 
_struct_site_gen.auth_asym_id 
_struct_site_gen.auth_seq_id 
_struct_site_gen.label_atom_id 
_struct_site_gen.label_alt_id 
_struct_site_gen.symmetry 
_struct_site_gen.details 
1  AC1 4 LEU A 42 ? LEU A 110 . ? 1_555 ? 
2  AC1 4 ASN A 88 ? ASN A 156 . ? 1_555 ? 
3  AC1 4 HOH E .  ? HOH A 305 . ? 1_555 ? 
4  AC1 4 HOH E .  ? HOH A 389 . ? 1_555 ? 
5  AC2 7 ARG A 61 ? ARG A 129 . ? 1_555 ? 
6  AC2 7 GLU A 72 ? GLU A 140 . ? 1_555 ? 
7  AC2 7 GLN A 75 ? GLN A 143 . ? 1_555 ? 
8  AC2 7 ASP A 76 ? ASP A 144 . ? 1_555 ? 
9  AC2 7 HOH E .  ? HOH A 302 . ? 1_555 ? 
10 AC2 7 HOH E .  ? HOH A 303 . ? 1_555 ? 
11 AC2 7 HOH E .  ? HOH A 370 . ? 1_555 ? 
12 AC3 6 GLN A 26 ? GLN A 94  . ? 4_455 ? 
13 AC3 6 TRP A 29 ? TRP A 97  . ? 4_455 ? 
14 AC3 6 PRO A 90 ? PRO A 158 . ? 7_465 ? 
15 AC3 6 HOH E .  ? HOH A 341 . ? 1_555 ? 
16 AC3 6 HOH E .  ? HOH A 360 . ? 1_555 ? 
17 AC3 6 HOH E .  ? HOH A 362 . ? 1_555 ? 
# 
loop_
_pdbx_validate_close_contact.id 
_pdbx_validate_close_contact.PDB_model_num 
_pdbx_validate_close_contact.auth_atom_id_1 
_pdbx_validate_close_contact.auth_asym_id_1 
_pdbx_validate_close_contact.auth_comp_id_1 
_pdbx_validate_close_contact.auth_seq_id_1 
_pdbx_validate_close_contact.PDB_ins_code_1 
_pdbx_validate_close_contact.label_alt_id_1 
_pdbx_validate_close_contact.auth_atom_id_2 
_pdbx_validate_close_contact.auth_asym_id_2 
_pdbx_validate_close_contact.auth_comp_id_2 
_pdbx_validate_close_contact.auth_seq_id_2 
_pdbx_validate_close_contact.PDB_ins_code_2 
_pdbx_validate_close_contact.label_alt_id_2 
_pdbx_validate_close_contact.dist 
1 1 O A HOH 321 ? ? O A HOH 365 ? ? 0.95 
2 1 O A HOH 358 ? ? O A HOH 392 ? ? 1.86 
# 
_pdbx_validate_rmsd_angle.id                         1 
_pdbx_validate_rmsd_angle.PDB_model_num              1 
_pdbx_validate_rmsd_angle.auth_atom_id_1             CG 
_pdbx_validate_rmsd_angle.auth_asym_id_1             A 
_pdbx_validate_rmsd_angle.auth_comp_id_1             MET 
_pdbx_validate_rmsd_angle.auth_seq_id_1              142 
_pdbx_validate_rmsd_angle.PDB_ins_code_1             ? 
_pdbx_validate_rmsd_angle.label_alt_id_1             ? 
_pdbx_validate_rmsd_angle.auth_atom_id_2             SD 
_pdbx_validate_rmsd_angle.auth_asym_id_2             A 
_pdbx_validate_rmsd_angle.auth_comp_id_2             MET 
_pdbx_validate_rmsd_angle.auth_seq_id_2              142 
_pdbx_validate_rmsd_angle.PDB_ins_code_2             ? 
_pdbx_validate_rmsd_angle.label_alt_id_2             ? 
_pdbx_validate_rmsd_angle.auth_atom_id_3             CE 
_pdbx_validate_rmsd_angle.auth_asym_id_3             A 
_pdbx_validate_rmsd_angle.auth_comp_id_3             MET 
_pdbx_validate_rmsd_angle.auth_seq_id_3              142 
_pdbx_validate_rmsd_angle.PDB_ins_code_3             ? 
_pdbx_validate_rmsd_angle.label_alt_id_3             ? 
_pdbx_validate_rmsd_angle.angle_value                81.40 
_pdbx_validate_rmsd_angle.angle_target_value         100.20 
_pdbx_validate_rmsd_angle.angle_deviation            -18.80 
_pdbx_validate_rmsd_angle.angle_standard_deviation   1.60 
_pdbx_validate_rmsd_angle.linker_flag                N 
# 
_pdbx_validate_torsion.id              1 
_pdbx_validate_torsion.PDB_model_num   1 
_pdbx_validate_torsion.auth_comp_id    LEU 
_pdbx_validate_torsion.auth_asym_id    A 
_pdbx_validate_torsion.auth_seq_id     110 
_pdbx_validate_torsion.PDB_ins_code    ? 
_pdbx_validate_torsion.label_alt_id    ? 
_pdbx_validate_torsion.phi             -119.14 
_pdbx_validate_torsion.psi             74.48 
# 
loop_
_pdbx_unobs_or_zero_occ_residues.id 
_pdbx_unobs_or_zero_occ_residues.PDB_model_num 
_pdbx_unobs_or_zero_occ_residues.polymer_flag 
_pdbx_unobs_or_zero_occ_residues.occupancy_flag 
_pdbx_unobs_or_zero_occ_residues.auth_asym_id 
_pdbx_unobs_or_zero_occ_residues.auth_comp_id 
_pdbx_unobs_or_zero_occ_residues.auth_seq_id 
_pdbx_unobs_or_zero_occ_residues.PDB_ins_code 
_pdbx_unobs_or_zero_occ_residues.label_asym_id 
_pdbx_unobs_or_zero_occ_residues.label_comp_id 
_pdbx_unobs_or_zero_occ_residues.label_seq_id 
1 1 Y 1 A VAL 188 ? A VAL 120 
2 1 Y 1 A VAL 189 ? A VAL 121 
3 1 Y 1 A THR 190 ? A THR 122 
4 1 Y 1 A ILE 191 ? A ILE 123 
5 1 Y 1 A PRO 192 ? A PRO 124 
6 1 Y 1 A LYS 193 ? A LYS 125 
7 1 Y 1 A ASN 194 ? A ASN 126 
# 
loop_
_chem_comp_atom.comp_id 
_chem_comp_atom.atom_id 
_chem_comp_atom.type_symbol 
_chem_comp_atom.pdbx_aromatic_flag 
_chem_comp_atom.pdbx_stereo_config 
_chem_comp_atom.pdbx_ordinal 
ALA N    N N N 1   
ALA CA   C N S 2   
ALA C    C N N 3   
ALA O    O N N 4   
ALA CB   C N N 5   
ALA OXT  O N N 6   
ALA H    H N N 7   
ALA H2   H N N 8   
ALA HA   H N N 9   
ALA HB1  H N N 10  
ALA HB2  H N N 11  
ALA HB3  H N N 12  
ALA HXT  H N N 13  
ARG N    N N N 14  
ARG CA   C N S 15  
ARG C    C N N 16  
ARG O    O N N 17  
ARG CB   C N N 18  
ARG CG   C N N 19  
ARG CD   C N N 20  
ARG NE   N N N 21  
ARG CZ   C N N 22  
ARG NH1  N N N 23  
ARG NH2  N N N 24  
ARG OXT  O N N 25  
ARG H    H N N 26  
ARG H2   H N N 27  
ARG HA   H N N 28  
ARG HB2  H N N 29  
ARG HB3  H N N 30  
ARG HG2  H N N 31  
ARG HG3  H N N 32  
ARG HD2  H N N 33  
ARG HD3  H N N 34  
ARG HE   H N N 35  
ARG HH11 H N N 36  
ARG HH12 H N N 37  
ARG HH21 H N N 38  
ARG HH22 H N N 39  
ARG HXT  H N N 40  
ASN N    N N N 41  
ASN CA   C N S 42  
ASN C    C N N 43  
ASN O    O N N 44  
ASN CB   C N N 45  
ASN CG   C N N 46  
ASN OD1  O N N 47  
ASN ND2  N N N 48  
ASN OXT  O N N 49  
ASN H    H N N 50  
ASN H2   H N N 51  
ASN HA   H N N 52  
ASN HB2  H N N 53  
ASN HB3  H N N 54  
ASN HD21 H N N 55  
ASN HD22 H N N 56  
ASN HXT  H N N 57  
ASP N    N N N 58  
ASP CA   C N S 59  
ASP C    C N N 60  
ASP O    O N N 61  
ASP CB   C N N 62  
ASP CG   C N N 63  
ASP OD1  O N N 64  
ASP OD2  O N N 65  
ASP OXT  O N N 66  
ASP H    H N N 67  
ASP H2   H N N 68  
ASP HA   H N N 69  
ASP HB2  H N N 70  
ASP HB3  H N N 71  
ASP HD2  H N N 72  
ASP HXT  H N N 73  
CYS N    N N N 74  
CYS CA   C N R 75  
CYS C    C N N 76  
CYS O    O N N 77  
CYS CB   C N N 78  
CYS SG   S N N 79  
CYS OXT  O N N 80  
CYS H    H N N 81  
CYS H2   H N N 82  
CYS HA   H N N 83  
CYS HB2  H N N 84  
CYS HB3  H N N 85  
CYS HG   H N N 86  
CYS HXT  H N N 87  
EDO C1   C N N 88  
EDO O1   O N N 89  
EDO C2   C N N 90  
EDO O2   O N N 91  
EDO H11  H N N 92  
EDO H12  H N N 93  
EDO HO1  H N N 94  
EDO H21  H N N 95  
EDO H22  H N N 96  
EDO HO2  H N N 97  
GLN N    N N N 98  
GLN CA   C N S 99  
GLN C    C N N 100 
GLN O    O N N 101 
GLN CB   C N N 102 
GLN CG   C N N 103 
GLN CD   C N N 104 
GLN OE1  O N N 105 
GLN NE2  N N N 106 
GLN OXT  O N N 107 
GLN H    H N N 108 
GLN H2   H N N 109 
GLN HA   H N N 110 
GLN HB2  H N N 111 
GLN HB3  H N N 112 
GLN HG2  H N N 113 
GLN HG3  H N N 114 
GLN HE21 H N N 115 
GLN HE22 H N N 116 
GLN HXT  H N N 117 
GLU N    N N N 118 
GLU CA   C N S 119 
GLU C    C N N 120 
GLU O    O N N 121 
GLU CB   C N N 122 
GLU CG   C N N 123 
GLU CD   C N N 124 
GLU OE1  O N N 125 
GLU OE2  O N N 126 
GLU OXT  O N N 127 
GLU H    H N N 128 
GLU H2   H N N 129 
GLU HA   H N N 130 
GLU HB2  H N N 131 
GLU HB3  H N N 132 
GLU HG2  H N N 133 
GLU HG3  H N N 134 
GLU HE2  H N N 135 
GLU HXT  H N N 136 
GLY N    N N N 137 
GLY CA   C N N 138 
GLY C    C N N 139 
GLY O    O N N 140 
GLY OXT  O N N 141 
GLY H    H N N 142 
GLY H2   H N N 143 
GLY HA2  H N N 144 
GLY HA3  H N N 145 
GLY HXT  H N N 146 
HIS N    N N N 147 
HIS CA   C N S 148 
HIS C    C N N 149 
HIS O    O N N 150 
HIS CB   C N N 151 
HIS CG   C Y N 152 
HIS ND1  N Y N 153 
HIS CD2  C Y N 154 
HIS CE1  C Y N 155 
HIS NE2  N Y N 156 
HIS OXT  O N N 157 
HIS H    H N N 158 
HIS H2   H N N 159 
HIS HA   H N N 160 
HIS HB2  H N N 161 
HIS HB3  H N N 162 
HIS HD1  H N N 163 
HIS HD2  H N N 164 
HIS HE1  H N N 165 
HIS HE2  H N N 166 
HIS HXT  H N N 167 
HOH O    O N N 168 
HOH H1   H N N 169 
HOH H2   H N N 170 
ILE N    N N N 171 
ILE CA   C N S 172 
ILE C    C N N 173 
ILE O    O N N 174 
ILE CB   C N S 175 
ILE CG1  C N N 176 
ILE CG2  C N N 177 
ILE CD1  C N N 178 
ILE OXT  O N N 179 
ILE H    H N N 180 
ILE H2   H N N 181 
ILE HA   H N N 182 
ILE HB   H N N 183 
ILE HG12 H N N 184 
ILE HG13 H N N 185 
ILE HG21 H N N 186 
ILE HG22 H N N 187 
ILE HG23 H N N 188 
ILE HD11 H N N 189 
ILE HD12 H N N 190 
ILE HD13 H N N 191 
ILE HXT  H N N 192 
LEU N    N N N 193 
LEU CA   C N S 194 
LEU C    C N N 195 
LEU O    O N N 196 
LEU CB   C N N 197 
LEU CG   C N N 198 
LEU CD1  C N N 199 
LEU CD2  C N N 200 
LEU OXT  O N N 201 
LEU H    H N N 202 
LEU H2   H N N 203 
LEU HA   H N N 204 
LEU HB2  H N N 205 
LEU HB3  H N N 206 
LEU HG   H N N 207 
LEU HD11 H N N 208 
LEU HD12 H N N 209 
LEU HD13 H N N 210 
LEU HD21 H N N 211 
LEU HD22 H N N 212 
LEU HD23 H N N 213 
LEU HXT  H N N 214 
LYS N    N N N 215 
LYS CA   C N S 216 
LYS C    C N N 217 
LYS O    O N N 218 
LYS CB   C N N 219 
LYS CG   C N N 220 
LYS CD   C N N 221 
LYS CE   C N N 222 
LYS NZ   N N N 223 
LYS OXT  O N N 224 
LYS H    H N N 225 
LYS H2   H N N 226 
LYS HA   H N N 227 
LYS HB2  H N N 228 
LYS HB3  H N N 229 
LYS HG2  H N N 230 
LYS HG3  H N N 231 
LYS HD2  H N N 232 
LYS HD3  H N N 233 
LYS HE2  H N N 234 
LYS HE3  H N N 235 
LYS HZ1  H N N 236 
LYS HZ2  H N N 237 
LYS HZ3  H N N 238 
LYS HXT  H N N 239 
MET N    N N N 240 
MET CA   C N S 241 
MET C    C N N 242 
MET O    O N N 243 
MET CB   C N N 244 
MET CG   C N N 245 
MET SD   S N N 246 
MET CE   C N N 247 
MET OXT  O N N 248 
MET H    H N N 249 
MET H2   H N N 250 
MET HA   H N N 251 
MET HB2  H N N 252 
MET HB3  H N N 253 
MET HG2  H N N 254 
MET HG3  H N N 255 
MET HE1  H N N 256 
MET HE2  H N N 257 
MET HE3  H N N 258 
MET HXT  H N N 259 
PHE N    N N N 260 
PHE CA   C N S 261 
PHE C    C N N 262 
PHE O    O N N 263 
PHE CB   C N N 264 
PHE CG   C Y N 265 
PHE CD1  C Y N 266 
PHE CD2  C Y N 267 
PHE CE1  C Y N 268 
PHE CE2  C Y N 269 
PHE CZ   C Y N 270 
PHE OXT  O N N 271 
PHE H    H N N 272 
PHE H2   H N N 273 
PHE HA   H N N 274 
PHE HB2  H N N 275 
PHE HB3  H N N 276 
PHE HD1  H N N 277 
PHE HD2  H N N 278 
PHE HE1  H N N 279 
PHE HE2  H N N 280 
PHE HZ   H N N 281 
PHE HXT  H N N 282 
PRO N    N N N 283 
PRO CA   C N S 284 
PRO C    C N N 285 
PRO O    O N N 286 
PRO CB   C N N 287 
PRO CG   C N N 288 
PRO CD   C N N 289 
PRO OXT  O N N 290 
PRO H    H N N 291 
PRO HA   H N N 292 
PRO HB2  H N N 293 
PRO HB3  H N N 294 
PRO HG2  H N N 295 
PRO HG3  H N N 296 
PRO HD2  H N N 297 
PRO HD3  H N N 298 
PRO HXT  H N N 299 
SER N    N N N 300 
SER CA   C N S 301 
SER C    C N N 302 
SER O    O N N 303 
SER CB   C N N 304 
SER OG   O N N 305 
SER OXT  O N N 306 
SER H    H N N 307 
SER H2   H N N 308 
SER HA   H N N 309 
SER HB2  H N N 310 
SER HB3  H N N 311 
SER HG   H N N 312 
SER HXT  H N N 313 
THR N    N N N 314 
THR CA   C N S 315 
THR C    C N N 316 
THR O    O N N 317 
THR CB   C N R 318 
THR OG1  O N N 319 
THR CG2  C N N 320 
THR OXT  O N N 321 
THR H    H N N 322 
THR H2   H N N 323 
THR HA   H N N 324 
THR HB   H N N 325 
THR HG1  H N N 326 
THR HG21 H N N 327 
THR HG22 H N N 328 
THR HG23 H N N 329 
THR HXT  H N N 330 
TRP N    N N N 331 
TRP CA   C N S 332 
TRP C    C N N 333 
TRP O    O N N 334 
TRP CB   C N N 335 
TRP CG   C Y N 336 
TRP CD1  C Y N 337 
TRP CD2  C Y N 338 
TRP NE1  N Y N 339 
TRP CE2  C Y N 340 
TRP CE3  C Y N 341 
TRP CZ2  C Y N 342 
TRP CZ3  C Y N 343 
TRP CH2  C Y N 344 
TRP OXT  O N N 345 
TRP H    H N N 346 
TRP H2   H N N 347 
TRP HA   H N N 348 
TRP HB2  H N N 349 
TRP HB3  H N N 350 
TRP HD1  H N N 351 
TRP HE1  H N N 352 
TRP HE3  H N N 353 
TRP HZ2  H N N 354 
TRP HZ3  H N N 355 
TRP HH2  H N N 356 
TRP HXT  H N N 357 
TYR N    N N N 358 
TYR CA   C N S 359 
TYR C    C N N 360 
TYR O    O N N 361 
TYR CB   C N N 362 
TYR CG   C Y N 363 
TYR CD1  C Y N 364 
TYR CD2  C Y N 365 
TYR CE1  C Y N 366 
TYR CE2  C Y N 367 
TYR CZ   C Y N 368 
TYR OH   O N N 369 
TYR OXT  O N N 370 
TYR H    H N N 371 
TYR H2   H N N 372 
TYR HA   H N N 373 
TYR HB2  H N N 374 
TYR HB3  H N N 375 
TYR HD1  H N N 376 
TYR HD2  H N N 377 
TYR HE1  H N N 378 
TYR HE2  H N N 379 
TYR HH   H N N 380 
TYR HXT  H N N 381 
VAL N    N N N 382 
VAL CA   C N S 383 
VAL C    C N N 384 
VAL O    O N N 385 
VAL CB   C N N 386 
VAL CG1  C N N 387 
VAL CG2  C N N 388 
VAL OXT  O N N 389 
VAL H    H N N 390 
VAL H2   H N N 391 
VAL HA   H N N 392 
VAL HB   H N N 393 
VAL HG11 H N N 394 
VAL HG12 H N N 395 
VAL HG13 H N N 396 
VAL HG21 H N N 397 
VAL HG22 H N N 398 
VAL HG23 H N N 399 
VAL HXT  H N N 400 
# 
loop_
_chem_comp_bond.comp_id 
_chem_comp_bond.atom_id_1 
_chem_comp_bond.atom_id_2 
_chem_comp_bond.value_order 
_chem_comp_bond.pdbx_aromatic_flag 
_chem_comp_bond.pdbx_stereo_config 
_chem_comp_bond.pdbx_ordinal 
ALA N   CA   sing N N 1   
ALA N   H    sing N N 2   
ALA N   H2   sing N N 3   
ALA CA  C    sing N N 4   
ALA CA  CB   sing N N 5   
ALA CA  HA   sing N N 6   
ALA C   O    doub N N 7   
ALA C   OXT  sing N N 8   
ALA CB  HB1  sing N N 9   
ALA CB  HB2  sing N N 10  
ALA CB  HB3  sing N N 11  
ALA OXT HXT  sing N N 12  
ARG N   CA   sing N N 13  
ARG N   H    sing N N 14  
ARG N   H2   sing N N 15  
ARG CA  C    sing N N 16  
ARG CA  CB   sing N N 17  
ARG CA  HA   sing N N 18  
ARG C   O    doub N N 19  
ARG C   OXT  sing N N 20  
ARG CB  CG   sing N N 21  
ARG CB  HB2  sing N N 22  
ARG CB  HB3  sing N N 23  
ARG CG  CD   sing N N 24  
ARG CG  HG2  sing N N 25  
ARG CG  HG3  sing N N 26  
ARG CD  NE   sing N N 27  
ARG CD  HD2  sing N N 28  
ARG CD  HD3  sing N N 29  
ARG NE  CZ   sing N N 30  
ARG NE  HE   sing N N 31  
ARG CZ  NH1  sing N N 32  
ARG CZ  NH2  doub N N 33  
ARG NH1 HH11 sing N N 34  
ARG NH1 HH12 sing N N 35  
ARG NH2 HH21 sing N N 36  
ARG NH2 HH22 sing N N 37  
ARG OXT HXT  sing N N 38  
ASN N   CA   sing N N 39  
ASN N   H    sing N N 40  
ASN N   H2   sing N N 41  
ASN CA  C    sing N N 42  
ASN CA  CB   sing N N 43  
ASN CA  HA   sing N N 44  
ASN C   O    doub N N 45  
ASN C   OXT  sing N N 46  
ASN CB  CG   sing N N 47  
ASN CB  HB2  sing N N 48  
ASN CB  HB3  sing N N 49  
ASN CG  OD1  doub N N 50  
ASN CG  ND2  sing N N 51  
ASN ND2 HD21 sing N N 52  
ASN ND2 HD22 sing N N 53  
ASN OXT HXT  sing N N 54  
ASP N   CA   sing N N 55  
ASP N   H    sing N N 56  
ASP N   H2   sing N N 57  
ASP CA  C    sing N N 58  
ASP CA  CB   sing N N 59  
ASP CA  HA   sing N N 60  
ASP C   O    doub N N 61  
ASP C   OXT  sing N N 62  
ASP CB  CG   sing N N 63  
ASP CB  HB2  sing N N 64  
ASP CB  HB3  sing N N 65  
ASP CG  OD1  doub N N 66  
ASP CG  OD2  sing N N 67  
ASP OD2 HD2  sing N N 68  
ASP OXT HXT  sing N N 69  
CYS N   CA   sing N N 70  
CYS N   H    sing N N 71  
CYS N   H2   sing N N 72  
CYS CA  C    sing N N 73  
CYS CA  CB   sing N N 74  
CYS CA  HA   sing N N 75  
CYS C   O    doub N N 76  
CYS C   OXT  sing N N 77  
CYS CB  SG   sing N N 78  
CYS CB  HB2  sing N N 79  
CYS CB  HB3  sing N N 80  
CYS SG  HG   sing N N 81  
CYS OXT HXT  sing N N 82  
EDO C1  O1   sing N N 83  
EDO C1  C2   sing N N 84  
EDO C1  H11  sing N N 85  
EDO C1  H12  sing N N 86  
EDO O1  HO1  sing N N 87  
EDO C2  O2   sing N N 88  
EDO C2  H21  sing N N 89  
EDO C2  H22  sing N N 90  
EDO O2  HO2  sing N N 91  
GLN N   CA   sing N N 92  
GLN N   H    sing N N 93  
GLN N   H2   sing N N 94  
GLN CA  C    sing N N 95  
GLN CA  CB   sing N N 96  
GLN CA  HA   sing N N 97  
GLN C   O    doub N N 98  
GLN C   OXT  sing N N 99  
GLN CB  CG   sing N N 100 
GLN CB  HB2  sing N N 101 
GLN CB  HB3  sing N N 102 
GLN CG  CD   sing N N 103 
GLN CG  HG2  sing N N 104 
GLN CG  HG3  sing N N 105 
GLN CD  OE1  doub N N 106 
GLN CD  NE2  sing N N 107 
GLN NE2 HE21 sing N N 108 
GLN NE2 HE22 sing N N 109 
GLN OXT HXT  sing N N 110 
GLU N   CA   sing N N 111 
GLU N   H    sing N N 112 
GLU N   H2   sing N N 113 
GLU CA  C    sing N N 114 
GLU CA  CB   sing N N 115 
GLU CA  HA   sing N N 116 
GLU C   O    doub N N 117 
GLU C   OXT  sing N N 118 
GLU CB  CG   sing N N 119 
GLU CB  HB2  sing N N 120 
GLU CB  HB3  sing N N 121 
GLU CG  CD   sing N N 122 
GLU CG  HG2  sing N N 123 
GLU CG  HG3  sing N N 124 
GLU CD  OE1  doub N N 125 
GLU CD  OE2  sing N N 126 
GLU OE2 HE2  sing N N 127 
GLU OXT HXT  sing N N 128 
GLY N   CA   sing N N 129 
GLY N   H    sing N N 130 
GLY N   H2   sing N N 131 
GLY CA  C    sing N N 132 
GLY CA  HA2  sing N N 133 
GLY CA  HA3  sing N N 134 
GLY C   O    doub N N 135 
GLY C   OXT  sing N N 136 
GLY OXT HXT  sing N N 137 
HIS N   CA   sing N N 138 
HIS N   H    sing N N 139 
HIS N   H2   sing N N 140 
HIS CA  C    sing N N 141 
HIS CA  CB   sing N N 142 
HIS CA  HA   sing N N 143 
HIS C   O    doub N N 144 
HIS C   OXT  sing N N 145 
HIS CB  CG   sing N N 146 
HIS CB  HB2  sing N N 147 
HIS CB  HB3  sing N N 148 
HIS CG  ND1  sing Y N 149 
HIS CG  CD2  doub Y N 150 
HIS ND1 CE1  doub Y N 151 
HIS ND1 HD1  sing N N 152 
HIS CD2 NE2  sing Y N 153 
HIS CD2 HD2  sing N N 154 
HIS CE1 NE2  sing Y N 155 
HIS CE1 HE1  sing N N 156 
HIS NE2 HE2  sing N N 157 
HIS OXT HXT  sing N N 158 
HOH O   H1   sing N N 159 
HOH O   H2   sing N N 160 
ILE N   CA   sing N N 161 
ILE N   H    sing N N 162 
ILE N   H2   sing N N 163 
ILE CA  C    sing N N 164 
ILE CA  CB   sing N N 165 
ILE CA  HA   sing N N 166 
ILE C   O    doub N N 167 
ILE C   OXT  sing N N 168 
ILE CB  CG1  sing N N 169 
ILE CB  CG2  sing N N 170 
ILE CB  HB   sing N N 171 
ILE CG1 CD1  sing N N 172 
ILE CG1 HG12 sing N N 173 
ILE CG1 HG13 sing N N 174 
ILE CG2 HG21 sing N N 175 
ILE CG2 HG22 sing N N 176 
ILE CG2 HG23 sing N N 177 
ILE CD1 HD11 sing N N 178 
ILE CD1 HD12 sing N N 179 
ILE CD1 HD13 sing N N 180 
ILE OXT HXT  sing N N 181 
LEU N   CA   sing N N 182 
LEU N   H    sing N N 183 
LEU N   H2   sing N N 184 
LEU CA  C    sing N N 185 
LEU CA  CB   sing N N 186 
LEU CA  HA   sing N N 187 
LEU C   O    doub N N 188 
LEU C   OXT  sing N N 189 
LEU CB  CG   sing N N 190 
LEU CB  HB2  sing N N 191 
LEU CB  HB3  sing N N 192 
LEU CG  CD1  sing N N 193 
LEU CG  CD2  sing N N 194 
LEU CG  HG   sing N N 195 
LEU CD1 HD11 sing N N 196 
LEU CD1 HD12 sing N N 197 
LEU CD1 HD13 sing N N 198 
LEU CD2 HD21 sing N N 199 
LEU CD2 HD22 sing N N 200 
LEU CD2 HD23 sing N N 201 
LEU OXT HXT  sing N N 202 
LYS N   CA   sing N N 203 
LYS N   H    sing N N 204 
LYS N   H2   sing N N 205 
LYS CA  C    sing N N 206 
LYS CA  CB   sing N N 207 
LYS CA  HA   sing N N 208 
LYS C   O    doub N N 209 
LYS C   OXT  sing N N 210 
LYS CB  CG   sing N N 211 
LYS CB  HB2  sing N N 212 
LYS CB  HB3  sing N N 213 
LYS CG  CD   sing N N 214 
LYS CG  HG2  sing N N 215 
LYS CG  HG3  sing N N 216 
LYS CD  CE   sing N N 217 
LYS CD  HD2  sing N N 218 
LYS CD  HD3  sing N N 219 
LYS CE  NZ   sing N N 220 
LYS CE  HE2  sing N N 221 
LYS CE  HE3  sing N N 222 
LYS NZ  HZ1  sing N N 223 
LYS NZ  HZ2  sing N N 224 
LYS NZ  HZ3  sing N N 225 
LYS OXT HXT  sing N N 226 
MET N   CA   sing N N 227 
MET N   H    sing N N 228 
MET N   H2   sing N N 229 
MET CA  C    sing N N 230 
MET CA  CB   sing N N 231 
MET CA  HA   sing N N 232 
MET C   O    doub N N 233 
MET C   OXT  sing N N 234 
MET CB  CG   sing N N 235 
MET CB  HB2  sing N N 236 
MET CB  HB3  sing N N 237 
MET CG  SD   sing N N 238 
MET CG  HG2  sing N N 239 
MET CG  HG3  sing N N 240 
MET SD  CE   sing N N 241 
MET CE  HE1  sing N N 242 
MET CE  HE2  sing N N 243 
MET CE  HE3  sing N N 244 
MET OXT HXT  sing N N 245 
PHE N   CA   sing N N 246 
PHE N   H    sing N N 247 
PHE N   H2   sing N N 248 
PHE CA  C    sing N N 249 
PHE CA  CB   sing N N 250 
PHE CA  HA   sing N N 251 
PHE C   O    doub N N 252 
PHE C   OXT  sing N N 253 
PHE CB  CG   sing N N 254 
PHE CB  HB2  sing N N 255 
PHE CB  HB3  sing N N 256 
PHE CG  CD1  doub Y N 257 
PHE CG  CD2  sing Y N 258 
PHE CD1 CE1  sing Y N 259 
PHE CD1 HD1  sing N N 260 
PHE CD2 CE2  doub Y N 261 
PHE CD2 HD2  sing N N 262 
PHE CE1 CZ   doub Y N 263 
PHE CE1 HE1  sing N N 264 
PHE CE2 CZ   sing Y N 265 
PHE CE2 HE2  sing N N 266 
PHE CZ  HZ   sing N N 267 
PHE OXT HXT  sing N N 268 
PRO N   CA   sing N N 269 
PRO N   CD   sing N N 270 
PRO N   H    sing N N 271 
PRO CA  C    sing N N 272 
PRO CA  CB   sing N N 273 
PRO CA  HA   sing N N 274 
PRO C   O    doub N N 275 
PRO C   OXT  sing N N 276 
PRO CB  CG   sing N N 277 
PRO CB  HB2  sing N N 278 
PRO CB  HB3  sing N N 279 
PRO CG  CD   sing N N 280 
PRO CG  HG2  sing N N 281 
PRO CG  HG3  sing N N 282 
PRO CD  HD2  sing N N 283 
PRO CD  HD3  sing N N 284 
PRO OXT HXT  sing N N 285 
SER N   CA   sing N N 286 
SER N   H    sing N N 287 
SER N   H2   sing N N 288 
SER CA  C    sing N N 289 
SER CA  CB   sing N N 290 
SER CA  HA   sing N N 291 
SER C   O    doub N N 292 
SER C   OXT  sing N N 293 
SER CB  OG   sing N N 294 
SER CB  HB2  sing N N 295 
SER CB  HB3  sing N N 296 
SER OG  HG   sing N N 297 
SER OXT HXT  sing N N 298 
THR N   CA   sing N N 299 
THR N   H    sing N N 300 
THR N   H2   sing N N 301 
THR CA  C    sing N N 302 
THR CA  CB   sing N N 303 
THR CA  HA   sing N N 304 
THR C   O    doub N N 305 
THR C   OXT  sing N N 306 
THR CB  OG1  sing N N 307 
THR CB  CG2  sing N N 308 
THR CB  HB   sing N N 309 
THR OG1 HG1  sing N N 310 
THR CG2 HG21 sing N N 311 
THR CG2 HG22 sing N N 312 
THR CG2 HG23 sing N N 313 
THR OXT HXT  sing N N 314 
TRP N   CA   sing N N 315 
TRP N   H    sing N N 316 
TRP N   H2   sing N N 317 
TRP CA  C    sing N N 318 
TRP CA  CB   sing N N 319 
TRP CA  HA   sing N N 320 
TRP C   O    doub N N 321 
TRP C   OXT  sing N N 322 
TRP CB  CG   sing N N 323 
TRP CB  HB2  sing N N 324 
TRP CB  HB3  sing N N 325 
TRP CG  CD1  doub Y N 326 
TRP CG  CD2  sing Y N 327 
TRP CD1 NE1  sing Y N 328 
TRP CD1 HD1  sing N N 329 
TRP CD2 CE2  doub Y N 330 
TRP CD2 CE3  sing Y N 331 
TRP NE1 CE2  sing Y N 332 
TRP NE1 HE1  sing N N 333 
TRP CE2 CZ2  sing Y N 334 
TRP CE3 CZ3  doub Y N 335 
TRP CE3 HE3  sing N N 336 
TRP CZ2 CH2  doub Y N 337 
TRP CZ2 HZ2  sing N N 338 
TRP CZ3 CH2  sing Y N 339 
TRP CZ3 HZ3  sing N N 340 
TRP CH2 HH2  sing N N 341 
TRP OXT HXT  sing N N 342 
TYR N   CA   sing N N 343 
TYR N   H    sing N N 344 
TYR N   H2   sing N N 345 
TYR CA  C    sing N N 346 
TYR CA  CB   sing N N 347 
TYR CA  HA   sing N N 348 
TYR C   O    doub N N 349 
TYR C   OXT  sing N N 350 
TYR CB  CG   sing N N 351 
TYR CB  HB2  sing N N 352 
TYR CB  HB3  sing N N 353 
TYR CG  CD1  doub Y N 354 
TYR CG  CD2  sing Y N 355 
TYR CD1 CE1  sing Y N 356 
TYR CD1 HD1  sing N N 357 
TYR CD2 CE2  doub Y N 358 
TYR CD2 HD2  sing N N 359 
TYR CE1 CZ   doub Y N 360 
TYR CE1 HE1  sing N N 361 
TYR CE2 CZ   sing Y N 362 
TYR CE2 HE2  sing N N 363 
TYR CZ  OH   sing N N 364 
TYR OH  HH   sing N N 365 
TYR OXT HXT  sing N N 366 
VAL N   CA   sing N N 367 
VAL N   H    sing N N 368 
VAL N   H2   sing N N 369 
VAL CA  C    sing N N 370 
VAL CA  CB   sing N N 371 
VAL CA  HA   sing N N 372 
VAL C   O    doub N N 373 
VAL C   OXT  sing N N 374 
VAL CB  CG1  sing N N 375 
VAL CB  CG2  sing N N 376 
VAL CB  HB   sing N N 377 
VAL CG1 HG11 sing N N 378 
VAL CG1 HG12 sing N N 379 
VAL CG1 HG13 sing N N 380 
VAL CG2 HG21 sing N N 381 
VAL CG2 HG22 sing N N 382 
VAL CG2 HG23 sing N N 383 
VAL OXT HXT  sing N N 384 
# 
_pdbx_initial_refinement_model.id               1 
_pdbx_initial_refinement_model.entity_id_list   ? 
_pdbx_initial_refinement_model.type             'experimental model' 
_pdbx_initial_refinement_model.source_name      PDB 
_pdbx_initial_refinement_model.accession_code   4ALH 
_pdbx_initial_refinement_model.details          ? 
# 
_atom_sites.entry_id                    5HEL 
_atom_sites.fract_transf_matrix[1][1]   0.01975155 
_atom_sites.fract_transf_matrix[1][2]   0.00679842 
_atom_sites.fract_transf_matrix[1][3]   -0.00153316 
_atom_sites.fract_transf_matrix[2][1]   0.00426185 
_atom_sites.fract_transf_matrix[2][2]   -0.00813704 
_atom_sites.fract_transf_matrix[2][3]   0.01882334 
_atom_sites.fract_transf_matrix[3][1]   0.00209271 
_atom_sites.fract_transf_matrix[3][2]   -0.00685514 
_atom_sites.fract_transf_matrix[3][3]   -0.00343719 
_atom_sites.fract_transf_vector[1]      -0.309412 
_atom_sites.fract_transf_vector[2]      0.418226 
_atom_sites.fract_transf_vector[3]      -0.001420 
# 
loop_
_atom_type.symbol 
C 
N 
O 
S 
# 
loop_
_atom_site.group_PDB 
_atom_site.id 
_atom_site.type_symbol 
_atom_site.label_atom_id 
_atom_site.label_alt_id 
_atom_site.label_comp_id 
_atom_site.label_asym_id 
_atom_site.label_entity_id 
_atom_site.label_seq_id 
_atom_site.pdbx_PDB_ins_code 
_atom_site.Cartn_x 
_atom_site.Cartn_y 
_atom_site.Cartn_z 
_atom_site.occupancy 
_atom_site.B_iso_or_equiv 
_atom_site.pdbx_formal_charge 
_atom_site.auth_seq_id 
_atom_site.auth_comp_id 
_atom_site.auth_asym_id 
_atom_site.auth_atom_id 
_atom_site.pdbx_PDB_model_num 
ATOM   1    N N   . SER A 1 1   ? 10.082  -14.010 4.100   1.00 26.12 ? 69  SER A N   1 
ATOM   2    C CA  . SER A 1 1   ? 8.890   -14.812 3.704   1.00 23.00 ? 69  SER A CA  1 
ATOM   3    C C   . SER A 1 1   ? 9.095   -16.265 4.127   1.00 19.36 ? 69  SER A C   1 
ATOM   4    O O   . SER A 1 1   ? 10.079  -16.876 3.763   1.00 22.85 ? 69  SER A O   1 
ATOM   5    C CB  . SER A 1 1   ? 8.668   -14.761 2.188   1.00 23.73 ? 69  SER A CB  1 
ATOM   6    O OG  . SER A 1 1   ? 8.633   -13.417 1.743   1.00 25.97 ? 69  SER A OG  1 
ATOM   7    N N   . MET A 1 2   ? 8.139   -16.828 4.876   1.00 19.08 ? 70  MET A N   1 
ATOM   8    C CA  . MET A 1 2   ? 8.169   -18.274 5.214   1.00 18.96 ? 70  MET A CA  1 
ATOM   9    C C   . MET A 1 2   ? 7.675   -19.147 4.065   1.00 17.37 ? 70  MET A C   1 
ATOM   10   O O   . MET A 1 2   ? 7.953   -20.332 3.951   1.00 18.91 ? 70  MET A O   1 
ATOM   11   C CB  . MET A 1 2   ? 7.233   -18.540 6.390   1.00 20.49 ? 70  MET A CB  1 
ATOM   12   C CG  . MET A 1 2   ? 7.629   -17.804 7.649   1.00 21.53 ? 70  MET A CG  1 
ATOM   13   S SD  . MET A 1 2   ? 9.293   -18.325 8.203   1.00 24.59 ? 70  MET A SD  1 
ATOM   14   C CE  . MET A 1 2   ? 9.044   -20.062 8.554   1.00 23.79 ? 70  MET A CE  1 
ATOM   15   N N   . LYS A 1 3   ? 6.897   -18.544 3.217   1.00 15.46 ? 71  LYS A N   1 
ATOM   16   C CA  . LYS A 1 3   ? 6.269   -19.168 2.102   1.00 15.28 ? 71  LYS A CA  1 
ATOM   17   C C   . LYS A 1 3   ? 6.927   -18.639 0.837   1.00 15.47 ? 71  LYS A C   1 
ATOM   18   O O   . LYS A 1 3   ? 7.429   -17.508 0.819   1.00 16.12 ? 71  LYS A O   1 
ATOM   19   C CB  . LYS A 1 3   ? 4.772   -18.764 2.100   1.00 16.30 ? 71  LYS A CB  1 
ATOM   20   C CG  . LYS A 1 3   ? 3.912   -19.409 3.172   1.00 16.30 ? 71  LYS A CG  1 
ATOM   21   C CD  . LYS A 1 3   ? 3.636   -20.859 2.818   1.00 15.45 ? 71  LYS A CD  1 
ATOM   22   C CE  . LYS A 1 3   ? 2.481   -21.511 3.600   1.00 15.33 ? 71  LYS A CE  1 
ATOM   23   N NZ  . LYS A 1 3   ? 2.640   -21.499 5.075   1.00 14.85 ? 71  LYS A NZ  1 
ATOM   24   N N   . PRO A 1 4   ? 6.922   -19.413 -0.228  1.00 16.04 ? 72  PRO A N   1 
ATOM   25   C CA  . PRO A 1 4   ? 7.387   -18.906 -1.506  1.00 17.43 ? 72  PRO A CA  1 
ATOM   26   C C   . PRO A 1 4   ? 6.389   -17.891 -2.059  1.00 18.42 ? 72  PRO A C   1 
ATOM   27   O O   . PRO A 1 4   ? 5.218   -17.851 -1.649  1.00 21.55 ? 72  PRO A O   1 
ATOM   28   C CB  . PRO A 1 4   ? 7.475   -20.146 -2.374  1.00 17.97 ? 72  PRO A CB  1 
ATOM   29   C CG  . PRO A 1 4   ? 6.477   -21.102 -1.763  1.00 18.02 ? 72  PRO A CG  1 
ATOM   30   C CD  . PRO A 1 4   ? 6.385   -20.782 -0.315  1.00 16.79 ? 72  PRO A CD  1 
ATOM   31   N N   . GLY A 1 5   ? 6.847   -17.051 -2.964  1.00 17.78 ? 73  GLY A N   1 
ATOM   32   C CA  . GLY A 1 5   ? 5.946   -16.164 -3.628  1.00 19.31 ? 73  GLY A CA  1 
ATOM   33   C C   . GLY A 1 5   ? 5.197   -16.920 -4.665  1.00 22.29 ? 73  GLY A C   1 
ATOM   34   O O   . GLY A 1 5   ? 5.647   -17.980 -5.148  1.00 26.32 ? 73  GLY A O   1 
ATOM   35   N N   . ARG A 1 6   ? 4.038   -16.404 -5.028  1.00 22.10 ? 74  ARG A N   1 
ATOM   36   C CA  . ARG A 1 6   ? 3.319   -16.978 -6.115  1.00 23.98 ? 74  ARG A CA  1 
ATOM   37   C C   . ARG A 1 6   ? 2.347   -15.994 -6.695  1.00 23.72 ? 74  ARG A C   1 
ATOM   38   O O   . ARG A 1 6   ? 2.303   -14.820 -6.287  1.00 23.76 ? 74  ARG A O   1 
ATOM   39   C CB  . ARG A 1 6   ? 2.611   -18.213 -5.620  1.00 24.10 ? 74  ARG A CB  1 
ATOM   40   C CG  . ARG A 1 6   ? 1.705   -17.963 -4.472  1.00 24.23 ? 74  ARG A CG  1 
ATOM   41   C CD  . ARG A 1 6   ? 0.829   -19.148 -4.178  1.00 23.90 ? 74  ARG A CD  1 
ATOM   42   N NE  . ARG A 1 6   ? -0.116  -18.746 -3.136  1.00 22.95 ? 74  ARG A NE  1 
ATOM   43   C CZ  . ARG A 1 6   ? -1.131  -19.459 -2.694  1.00 22.82 ? 74  ARG A CZ  1 
ATOM   44   N NH1 . ARG A 1 6   ? -1.358  -20.679 -3.205  1.00 28.20 ? 74  ARG A NH1 1 
ATOM   45   N NH2 . ARG A 1 6   ? -1.916  -18.963 -1.750  1.00 24.92 ? 74  ARG A NH2 1 
ATOM   46   N N   . VAL A 1 7   ? 1.586   -16.482 -7.661  1.00 22.52 ? 75  VAL A N   1 
ATOM   47   C CA  . VAL A 1 7   ? 0.607   -15.680 -8.347  1.00 22.52 ? 75  VAL A CA  1 
ATOM   48   C C   . VAL A 1 7   ? -0.733  -16.308 -8.041  1.00 20.14 ? 75  VAL A C   1 
ATOM   49   O O   . VAL A 1 7   ? -0.955  -17.508 -8.210  1.00 20.10 ? 75  VAL A O   1 
ATOM   50   C CB  . VAL A 1 7   ? 0.879   -15.627 -9.863  1.00 24.87 ? 75  VAL A CB  1 
ATOM   51   C CG1 . VAL A 1 7   ? -0.200  -14.809 -10.563 1.00 26.51 ? 75  VAL A CG1 1 
ATOM   52   C CG2 . VAL A 1 7   ? 2.249   -15.021 -10.139 1.00 26.13 ? 75  VAL A CG2 1 
ATOM   53   N N   . THR A 1 8   ? -1.640  -15.498 -7.529  1.00 16.36 ? 76  THR A N   1 
ATOM   54   C CA  . THR A 1 8   ? -3.033  -15.884 -7.407  1.00 16.18 ? 76  THR A CA  1 
ATOM   55   C C   . THR A 1 8   ? -3.882  -14.908 -8.203  1.00 15.53 ? 76  THR A C   1 
ATOM   56   O O   . THR A 1 8   ? -3.445  -13.819 -8.551  1.00 15.19 ? 76  THR A O   1 
ATOM   57   C CB  . THR A 1 8   ? -3.533  -15.928 -5.950  1.00 16.05 ? 76  THR A CB  1 
ATOM   58   O OG1 . THR A 1 8   ? -3.594  -14.601 -5.446  1.00 14.92 ? 76  THR A OG1 1 
ATOM   59   C CG2 . THR A 1 8   ? -2.631  -16.776 -5.064  1.00 15.89 ? 76  THR A CG2 1 
ATOM   60   N N   . ASN A 1 9   ? -5.107  -15.312 -8.489  1.00 14.66 ? 77  ASN A N   1 
ATOM   61   C CA  . ASN A 1 9   ? -6.036  -14.430 -9.162  1.00 15.28 ? 77  ASN A CA  1 
ATOM   62   C C   . ASN A 1 9   ? -6.248  -13.104 -8.427  1.00 14.44 ? 77  ASN A C   1 
ATOM   63   O O   . ASN A 1 9   ? -6.304  -12.028 -9.041  1.00 14.60 ? 77  ASN A O   1 
ATOM   64   C CB  . ASN A 1 9   ? -7.370  -15.130 -9.416  1.00 16.73 ? 77  ASN A CB  1 
ATOM   65   C CG  . ASN A 1 9   ? -8.081  -15.538 -8.159  1.00 17.86 ? 77  ASN A CG  1 
ATOM   66   O OD1 . ASN A 1 9   ? -7.471  -15.727 -7.104  1.00 18.91 ? 77  ASN A OD1 1 
ATOM   67   N ND2 . ASN A 1 9   ? -9.395  -15.704 -8.254  1.00 19.63 ? 77  ASN A ND2 1 
ATOM   68   N N   . GLN A 1 10  ? -6.280  -13.156 -7.099  1.00 14.01 ? 78  GLN A N   1 
ATOM   69   C CA  . GLN A 1 10  ? -6.468  -11.940 -6.293  1.00 13.53 ? 78  GLN A CA  1 
ATOM   70   C C   . GLN A 1 10  ? -5.207  -11.066 -6.314  1.00 13.35 ? 78  GLN A C   1 
ATOM   71   O O   . GLN A 1 10  ? -5.300  -9.841  -6.460  1.00 13.08 ? 78  GLN A O   1 
ATOM   72   C CB  . GLN A 1 10  ? -6.869  -12.290 -4.857  1.00 14.28 ? 78  GLN A CB  1 
ATOM   73   C CG  . GLN A 1 10  ? -8.268  -12.871 -4.747  1.00 15.65 ? 78  GLN A CG  1 
ATOM   74   C CD  . GLN A 1 10  ? -8.651  -13.125 -3.299  1.00 18.14 ? 78  GLN A CD  1 
ATOM   75   O OE1 . GLN A 1 10  ? -7.778  -13.235 -2.434  1.00 20.37 ? 78  GLN A OE1 1 
ATOM   76   N NE2 . GLN A 1 10  ? -9.959  -13.216 -3.022  1.00 19.25 ? 78  GLN A NE2 1 
ATOM   77   N N   . LEU A 1 11  ? -4.029  -11.674 -6.209  1.00 12.81 ? 79  LEU A N   1 
ATOM   78   C CA  . LEU A 1 11  ? -2.806  -10.897 -6.313  1.00 13.45 ? 79  LEU A CA  1 
ATOM   79   C C   . LEU A 1 11  ? -2.652  -10.262 -7.692  1.00 12.77 ? 79  LEU A C   1 
ATOM   80   O O   . LEU A 1 11  ? -2.254  -9.102  -7.789  1.00 13.09 ? 79  LEU A O   1 
ATOM   81   C CB  . LEU A 1 11  ? -1.599  -11.753 -5.957  1.00 13.35 ? 79  LEU A CB  1 
ATOM   82   C CG  . LEU A 1 11  ? -1.460  -11.991 -4.448  1.00 12.93 ? 79  LEU A CG  1 
ATOM   83   C CD1 . LEU A 1 11  ? -0.500  -13.152 -4.225  1.00 12.88 ? 79  LEU A CD1 1 
ATOM   84   C CD2 . LEU A 1 11  ? -1.000  -10.763 -3.678  1.00 13.20 ? 79  LEU A CD2 1 
ATOM   85   N N   . GLN A 1 12  ? -3.004  -10.988 -8.759  1.00 13.34 ? 80  GLN A N   1 
ATOM   86   C CA  . GLN A 1 12  ? -2.988  -10.402 -10.089 1.00 14.62 ? 80  GLN A CA  1 
ATOM   87   C C   . GLN A 1 12  ? -3.944  -9.206  -10.205 1.00 13.94 ? 80  GLN A C   1 
ATOM   88   O O   . GLN A 1 12  ? -3.604  -8.187  -10.814 1.00 14.07 ? 80  GLN A O   1 
ATOM   89   C CB  . GLN A 1 12  ? -3.363  -11.464 -11.131 1.00 17.87 ? 80  GLN A CB  1 
ATOM   90   C CG  . GLN A 1 12  ? -3.227  -10.973 -12.559 1.00 22.68 ? 80  GLN A CG  1 
ATOM   91   C CD  . GLN A 1 12  ? -3.095  -12.104 -13.552 1.00 28.21 ? 80  GLN A CD  1 
ATOM   92   O OE1 . GLN A 1 12  ? -1.990  -12.498 -13.923 1.00 33.85 ? 80  GLN A OE1 1 
ATOM   93   N NE2 . GLN A 1 12  ? -4.224  -12.657 -13.952 1.00 31.91 ? 80  GLN A NE2 1 
ATOM   94   N N   . TYR A 1 13  ? -5.105  -9.310  -9.590  1.00 12.66 ? 81  TYR A N   1 
ATOM   95   C CA  . TYR A 1 13  ? -6.065  -8.198  -9.587  1.00 13.66 ? 81  TYR A CA  1 
ATOM   96   C C   . TYR A 1 13  ? -5.509  -7.005  -8.801  1.00 13.17 ? 81  TYR A C   1 
ATOM   97   O O   . TYR A 1 13  ? -5.601  -5.837  -9.221  1.00 13.21 ? 81  TYR A O   1 
ATOM   98   C CB  . TYR A 1 13  ? -7.388  -8.634  -8.976  1.00 13.46 ? 81  TYR A CB  1 
ATOM   99   C CG  . TYR A 1 13  ? -8.471  -7.602  -9.024  1.00 15.19 ? 81  TYR A CG  1 
ATOM   100  C CD1 . TYR A 1 13  ? -8.644  -6.703  -7.985  1.00 15.55 ? 81  TYR A CD1 1 
ATOM   101  C CD2 . TYR A 1 13  ? -9.358  -7.525  -10.101 1.00 15.81 ? 81  TYR A CD2 1 
ATOM   102  C CE1 . TYR A 1 13  ? -9.639  -5.751  -8.006  1.00 15.92 ? 81  TYR A CE1 1 
ATOM   103  C CE2 . TYR A 1 13  ? -10.345 -6.553  -10.140 1.00 15.51 ? 81  TYR A CE2 1 
ATOM   104  C CZ  . TYR A 1 13  ? -10.489 -5.665  -9.090  1.00 15.82 ? 81  TYR A CZ  1 
ATOM   105  O OH  . TYR A 1 13  ? -11.475 -4.713  -9.102  1.00 16.75 ? 81  TYR A OH  1 
ATOM   106  N N   . LEU A 1 14  ? -4.928  -7.287  -7.627  1.00 13.15 ? 82  LEU A N   1 
ATOM   107  C CA  . LEU A 1 14  ? -4.311  -6.215  -6.848  1.00 13.07 ? 82  LEU A CA  1 
ATOM   108  C C   . LEU A 1 14  ? -3.235  -5.481  -7.635  1.00 12.98 ? 82  LEU A C   1 
ATOM   109  O O   . LEU A 1 14  ? -3.046  -4.256  -7.476  1.00 13.57 ? 82  LEU A O   1 
ATOM   110  C CB  . LEU A 1 14  ? -3.747  -6.775  -5.533  1.00 13.00 ? 82  LEU A CB  1 
ATOM   111  C CG  . LEU A 1 14  ? -4.822  -7.057  -4.480  1.00 13.82 ? 82  LEU A CG  1 
ATOM   112  C CD1 . LEU A 1 14  ? -4.350  -8.104  -3.478  1.00 13.66 ? 82  LEU A CD1 1 
ATOM   113  C CD2 . LEU A 1 14  ? -5.256  -5.794  -3.768  1.00 15.22 ? 82  LEU A CD2 1 
ATOM   114  N N   . HIS A 1 15  ? -2.523  -6.195  -8.493  1.00 13.34 ? 83  HIS A N   1 
ATOM   115  C CA  . HIS A 1 15  ? -1.479  -5.621  -9.315  1.00 14.71 ? 83  HIS A CA  1 
ATOM   116  C C   . HIS A 1 15  ? -2.058  -4.858  -10.511 1.00 14.64 ? 83  HIS A C   1 
ATOM   117  O O   . HIS A 1 15  ? -1.816  -3.656  -10.664 1.00 15.56 ? 83  HIS A O   1 
ATOM   118  C CB  . HIS A 1 15  ? -0.509  -6.706  -9.777  1.00 15.44 ? 83  HIS A CB  1 
ATOM   119  C CG  . HIS A 1 15  ? 0.700   -6.174  -10.469 1.00 17.35 ? 83  HIS A CG  1 
ATOM   120  N ND1 . HIS A 1 15  ? 1.589   -6.988  -11.137 1.00 19.95 ? 83  HIS A ND1 1 
ATOM   121  C CD2 . HIS A 1 15  ? 1.172   -4.915  -10.591 1.00 17.41 ? 83  HIS A CD2 1 
ATOM   122  C CE1 . HIS A 1 15  ? 2.558   -6.242  -11.640 1.00 19.38 ? 83  HIS A CE1 1 
ATOM   123  N NE2 . HIS A 1 15  ? 2.333   -4.983  -11.317 1.00 19.60 ? 83  HIS A NE2 1 
ATOM   124  N N   . LYS A 1 16  ? -2.848  -5.549  -11.313 1.00 15.21 ? 84  LYS A N   1 
ATOM   125  C CA  . LYS A 1 16  ? -3.268  -5.022  -12.625 1.00 16.67 ? 84  LYS A CA  1 
ATOM   126  C C   . LYS A 1 16  ? -4.447  -4.062  -12.576 1.00 15.98 ? 84  LYS A C   1 
ATOM   127  O O   . LYS A 1 16  ? -4.683  -3.329  -13.568 1.00 16.64 ? 84  LYS A O   1 
ATOM   128  C CB  . LYS A 1 16  ? -3.617  -6.180  -13.569 1.00 18.34 ? 84  LYS A CB  1 
ATOM   129  C CG  . LYS A 1 16  ? -2.487  -7.171  -13.818 1.00 22.41 ? 84  LYS A CG  1 
ATOM   130  C CD  . LYS A 1 16  ? -1.165  -6.479  -14.100 1.00 26.31 ? 84  LYS A CD  1 
ATOM   131  C CE  . LYS A 1 16  ? -0.031  -7.489  -14.268 1.00 27.90 ? 84  LYS A CE  1 
ATOM   132  N NZ  . LYS A 1 16  ? -0.266  -8.423  -15.403 1.00 30.81 ? 84  LYS A NZ  1 
ATOM   133  N N   . VAL A 1 17  ? -5.215  -4.059  -11.497 1.00 13.84 ? 85  VAL A N   1 
ATOM   134  C CA  . VAL A 1 17  ? -6.362  -3.191  -11.340 1.00 14.59 ? 85  VAL A CA  1 
ATOM   135  C C   . VAL A 1 17  ? -6.131  -2.201  -10.200 1.00 14.91 ? 85  VAL A C   1 
ATOM   136  O O   . VAL A 1 17  ? -6.242  -0.993  -10.376 1.00 15.99 ? 85  VAL A O   1 
ATOM   137  C CB  . VAL A 1 17  ? -7.668  -3.996  -11.131 1.00 14.99 ? 85  VAL A CB  1 
ATOM   138  C CG1 . VAL A 1 17  ? -8.862  -3.066  -10.940 1.00 16.36 ? 85  VAL A CG1 1 
ATOM   139  C CG2 . VAL A 1 17  ? -7.914  -4.916  -12.336 1.00 15.75 ? 85  VAL A CG2 1 
ATOM   140  N N   . VAL A 1 18  ? -5.865  -2.710  -8.994  1.00 13.24 ? 86  VAL A N   1 
ATOM   141  C CA  . VAL A 1 18  ? -5.819  -1.836  -7.810  1.00 13.58 ? 86  VAL A CA  1 
ATOM   142  C C   . VAL A 1 18  ? -4.577  -0.967  -7.827  1.00 13.06 ? 86  VAL A C   1 
ATOM   143  O O   . VAL A 1 18  ? -4.682  0.279   -7.768  1.00 13.95 ? 86  VAL A O   1 
ATOM   144  C CB  . VAL A 1 18  ? -5.903  -2.642  -6.517  1.00 13.24 ? 86  VAL A CB  1 
ATOM   145  C CG1 . VAL A 1 18  ? -5.894  -1.715  -5.319  1.00 13.74 ? 86  VAL A CG1 1 
ATOM   146  C CG2 . VAL A 1 18  ? -7.141  -3.504  -6.501  1.00 13.50 ? 86  VAL A CG2 1 
ATOM   147  N N   . MET A 1 19  ? -3.399  -1.554  -7.933  1.00 12.61 ? 87  MET A N   1 
ATOM   148  C CA  . MET A 1 19  ? -2.181  -0.743  -7.995  1.00 13.34 ? 87  MET A CA  1 
ATOM   149  C C   . MET A 1 19  ? -2.154  0.137   -9.240  1.00 13.74 ? 87  MET A C   1 
ATOM   150  O O   . MET A 1 19  ? -1.653  1.267   -9.196  1.00 15.06 ? 87  MET A O   1 
ATOM   151  C CB  . MET A 1 19  ? -0.904  -1.601  -7.896  1.00 14.37 ? 87  MET A CB  1 
ATOM   152  C CG  . MET A 1 19  ? 0.389   -0.795  -7.885  1.00 14.68 ? 87  MET A CG  1 
ATOM   153  S SD  . MET A 1 19  ? 0.492   0.390   -6.505  1.00 15.68 ? 87  MET A SD  1 
ATOM   154  C CE  . MET A 1 19  ? 1.060   -0.692  -5.208  1.00 16.23 ? 87  MET A CE  1 
ATOM   155  N N   . LYS A 1 20  ? -2.680  -0.363  -10.349 1.00 14.69 ? 88  LYS A N   1 
ATOM   156  C CA  . LYS A 1 20  ? -2.688  0.456   -11.561 1.00 16.54 ? 88  LYS A CA  1 
ATOM   157  C C   . LYS A 1 20  ? -3.417  1.769   -11.284 1.00 16.13 ? 88  LYS A C   1 
ATOM   158  O O   . LYS A 1 20  ? -2.918  2.851   -11.677 1.00 17.35 ? 88  LYS A O   1 
ATOM   159  C CB  . LYS A 1 20  ? -3.407  -0.304  -12.674 1.00 18.60 ? 88  LYS A CB  1 
ATOM   160  C CG  . LYS A 1 20  ? -3.350  0.345   -14.066 1.00 22.63 ? 88  LYS A CG  1 
ATOM   161  C CD  . LYS A 1 20  ? -3.580  -0.712  -15.155 1.00 26.52 ? 88  LYS A CD  1 
ATOM   162  C CE  . LYS A 1 20  ? -2.502  -1.814  -15.207 1.00 27.57 ? 88  LYS A CE  1 
ATOM   163  N NZ  . LYS A 1 20  ? -2.913  -3.191  -15.698 1.00 23.83 ? 88  LYS A NZ  1 
ATOM   164  N N   . ALA A 1 21  ? -4.574  1.697   -10.632 1.00 15.62 ? 89  ALA A N   1 
ATOM   165  C CA  . ALA A 1 21  ? -5.378  2.906   -10.368 1.00 15.26 ? 89  ALA A CA  1 
ATOM   166  C C   . ALA A 1 21  ? -4.670  3.807   -9.336  1.00 16.25 ? 89  ALA A C   1 
ATOM   167  O O   . ALA A 1 21  ? -4.658  5.027   -9.457  1.00 17.29 ? 89  ALA A O   1 
ATOM   168  C CB  . ALA A 1 21  ? -6.769  2.562   -9.907  1.00 15.10 ? 89  ALA A CB  1 
ATOM   169  N N   . LEU A 1 22  ? -4.051  3.219   -8.317  1.00 14.43 ? 90  LEU A N   1 
ATOM   170  C CA  . LEU A 1 22  ? -3.493  4.039   -7.249  1.00 14.29 ? 90  LEU A CA  1 
ATOM   171  C C   . LEU A 1 22  ? -2.192  4.690   -7.657  1.00 14.77 ? 90  LEU A C   1 
ATOM   172  O O   . LEU A 1 22  ? -1.950  5.855   -7.301  1.00 14.77 ? 90  LEU A O   1 
ATOM   173  C CB  . LEU A 1 22  ? -3.255  3.204   -5.980  1.00 13.77 ? 90  LEU A CB  1 
ATOM   174  C CG  . LEU A 1 22  ? -4.524  2.698   -5.328  1.00 14.71 ? 90  LEU A CG  1 
ATOM   175  C CD1 . LEU A 1 22  ? -4.238  1.671   -4.232  1.00 15.80 ? 90  LEU A CD1 1 
ATOM   176  C CD2 . LEU A 1 22  ? -5.327  3.859   -4.794  1.00 15.84 ? 90  LEU A CD2 1 
ATOM   177  N N   . TRP A 1 23  ? -1.312  3.972   -8.372  1.00 14.29 ? 91  TRP A N   1 
ATOM   178  C CA  . TRP A 1 23  ? 0.025   4.460   -8.680  1.00 14.35 ? 91  TRP A CA  1 
ATOM   179  C C   . TRP A 1 23  ? 0.006   5.746   -9.490  1.00 15.32 ? 91  TRP A C   1 
ATOM   180  O O   . TRP A 1 23  ? 0.836   6.621   -9.265  1.00 16.95 ? 91  TRP A O   1 
ATOM   181  C CB  . TRP A 1 23  ? 0.827   3.364   -9.409  1.00 15.23 ? 91  TRP A CB  1 
ATOM   182  C CG  . TRP A 1 23  ? 2.223   3.696   -9.667  1.00 14.97 ? 91  TRP A CG  1 
ATOM   183  C CD1 . TRP A 1 23  ? 2.767   4.134   -10.861 1.00 16.50 ? 91  TRP A CD1 1 
ATOM   184  C CD2 . TRP A 1 23  ? 3.285   3.692   -8.732  1.00 14.59 ? 91  TRP A CD2 1 
ATOM   185  N NE1 . TRP A 1 23  ? 4.086   4.359   -10.706 1.00 17.94 ? 91  TRP A NE1 1 
ATOM   186  C CE2 . TRP A 1 23  ? 4.455   4.067   -9.415  1.00 16.37 ? 91  TRP A CE2 1 
ATOM   187  C CE3 . TRP A 1 23  ? 3.378   3.328   -7.383  1.00 15.74 ? 91  TRP A CE3 1 
ATOM   188  C CZ2 . TRP A 1 23  ? 5.691   4.142   -8.789  1.00 16.62 ? 91  TRP A CZ2 1 
ATOM   189  C CZ3 . TRP A 1 23  ? 4.590   3.406   -6.766  1.00 16.31 ? 91  TRP A CZ3 1 
ATOM   190  C CH2 . TRP A 1 23  ? 5.732   3.799   -7.453  1.00 16.36 ? 91  TRP A CH2 1 
ATOM   191  N N   . LYS A 1 24  ? -0.933  5.827   -10.419 1.00 16.69 ? 92  LYS A N   1 
ATOM   192  C CA  . LYS A 1 24  ? -0.987  6.980   -11.322 1.00 18.31 ? 92  LYS A CA  1 
ATOM   193  C C   . LYS A 1 24  ? -1.780  8.148   -10.756 1.00 19.23 ? 92  LYS A C   1 
ATOM   194  O O   . LYS A 1 24  ? -1.834  9.228   -11.358 1.00 18.72 ? 92  LYS A O   1 
ATOM   195  C CB  . LYS A 1 24  ? -1.562  6.557   -12.680 1.00 20.19 ? 92  LYS A CB  1 
ATOM   196  C CG  . LYS A 1 24  ? -3.008  6.140   -12.620 1.00 21.52 ? 92  LYS A CG  1 
ATOM   197  C CD  . LYS A 1 24  ? -3.528  5.669   -13.970 1.00 25.92 ? 92  LYS A CD  1 
ATOM   198  C CE  . LYS A 1 24  ? -5.030  5.503   -13.906 1.00 30.05 ? 92  LYS A CE  1 
ATOM   199  N NZ  . LYS A 1 24  ? -5.552  5.075   -15.226 1.00 34.88 ? 92  LYS A NZ  1 
ATOM   200  N N   . HIS A 1 25  ? -2.443  7.971   -9.618  1.00 16.93 ? 93  HIS A N   1 
ATOM   201  C CA  . HIS A 1 25  ? -3.278  9.036   -9.081  1.00 16.67 ? 93  HIS A CA  1 
ATOM   202  C C   . HIS A 1 25  ? -2.460  10.275  -8.723  1.00 15.58 ? 93  HIS A C   1 
ATOM   203  O O   . HIS A 1 25  ? -1.337  10.182  -8.271  1.00 16.33 ? 93  HIS A O   1 
ATOM   204  C CB  . HIS A 1 25  ? -3.997  8.521   -7.845  1.00 16.64 ? 93  HIS A CB  1 
ATOM   205  C CG  . HIS A 1 25  ? -5.142  9.367   -7.446  1.00 17.22 ? 93  HIS A CG  1 
ATOM   206  N ND1 . HIS A 1 25  ? -5.000  10.469  -6.635  1.00 16.52 ? 93  HIS A ND1 1 
ATOM   207  C CD2 . HIS A 1 25  ? -6.447  9.306   -7.772  1.00 18.22 ? 93  HIS A CD2 1 
ATOM   208  C CE1 . HIS A 1 25  ? -6.174  11.030  -6.448  1.00 18.11 ? 93  HIS A CE1 1 
ATOM   209  N NE2 . HIS A 1 25  ? -7.068  10.353  -7.136  1.00 19.85 ? 93  HIS A NE2 1 
ATOM   210  N N   . GLN A 1 26  ? -3.062  11.456  -8.901  1.00 17.21 ? 94  GLN A N   1 
ATOM   211  C CA  . GLN A 1 26  ? -2.372  12.699  -8.569  1.00 19.06 ? 94  GLN A CA  1 
ATOM   212  C C   . GLN A 1 26  ? -1.961  12.836  -7.107  1.00 16.91 ? 94  GLN A C   1 
ATOM   213  O O   . GLN A 1 26  ? -1.073  13.601  -6.795  1.00 18.87 ? 94  GLN A O   1 
ATOM   214  C CB  . GLN A 1 26  ? -3.231  13.907  -8.957  1.00 21.79 ? 94  GLN A CB  1 
ATOM   215  C CG  . GLN A 1 26  ? -4.578  13.999  -8.265  1.00 25.40 ? 94  GLN A CG  1 
ATOM   216  C CD  . GLN A 1 26  ? -5.395  15.251  -8.623  1.00 30.94 ? 94  GLN A CD  1 
ATOM   217  O OE1 . GLN A 1 26  ? -4.946  16.391  -8.450  1.00 36.56 ? 94  GLN A OE1 1 
ATOM   218  N NE2 . GLN A 1 26  ? -6.613  15.034  -9.107  1.00 33.45 ? 94  GLN A NE2 1 
ATOM   219  N N   . PHE A 1 27  ? -2.577  12.066  -6.216  1.00 16.05 ? 95  PHE A N   1 
ATOM   220  C CA  . PHE A 1 27  ? -2.221  12.157  -4.783  1.00 15.78 ? 95  PHE A CA  1 
ATOM   221  C C   . PHE A 1 27  ? -1.329  11.004  -4.334  1.00 15.26 ? 95  PHE A C   1 
ATOM   222  O O   . PHE A 1 27  ? -1.088  10.854  -3.124  1.00 14.84 ? 95  PHE A O   1 
ATOM   223  C CB  . PHE A 1 27  ? -3.464  12.189  -3.905  1.00 15.85 ? 95  PHE A CB  1 
ATOM   224  C CG  . PHE A 1 27  ? -4.340  13.390  -4.080  1.00 18.36 ? 95  PHE A CG  1 
ATOM   225  C CD1 . PHE A 1 27  ? -3.884  14.555  -4.679  1.00 19.00 ? 95  PHE A CD1 1 
ATOM   226  C CD2 . PHE A 1 27  ? -5.627  13.367  -3.592  1.00 18.01 ? 95  PHE A CD2 1 
ATOM   227  C CE1 . PHE A 1 27  ? -4.744  15.641  -4.823  1.00 20.52 ? 95  PHE A CE1 1 
ATOM   228  C CE2 . PHE A 1 27  ? -6.480  14.439  -3.727  1.00 19.49 ? 95  PHE A CE2 1 
ATOM   229  C CZ  . PHE A 1 27  ? -6.033  15.587  -4.347  1.00 18.95 ? 95  PHE A CZ  1 
ATOM   230  N N   . ALA A 1 28  ? -0.828  10.228  -5.284  1.00 14.91 ? 96  ALA A N   1 
ATOM   231  C CA  . ALA A 1 28  ? 0.048   9.128   -4.949  1.00 14.14 ? 96  ALA A CA  1 
ATOM   232  C C   . ALA A 1 28  ? 1.437   9.539   -4.550  1.00 14.59 ? 96  ALA A C   1 
ATOM   233  O O   . ALA A 1 28  ? 2.128   8.787   -3.887  1.00 13.87 ? 96  ALA A O   1 
ATOM   234  C CB  . ALA A 1 28  ? 0.127   8.149   -6.096  1.00 15.13 ? 96  ALA A CB  1 
ATOM   235  N N   . TRP A 1 29  ? 1.884   10.736  -4.957  1.00 14.92 ? 97  TRP A N   1 
ATOM   236  C CA  . TRP A 1 29  ? 3.306   11.074  -4.847  1.00 15.70 ? 97  TRP A CA  1 
ATOM   237  C C   . TRP A 1 29  ? 3.957   10.932  -3.453  1.00 14.06 ? 97  TRP A C   1 
ATOM   238  O O   . TRP A 1 29  ? 5.091   10.495  -3.381  1.00 16.35 ? 97  TRP A O   1 
ATOM   239  C CB  . TRP A 1 29  ? 3.633   12.451  -5.510  1.00 15.78 ? 97  TRP A CB  1 
ATOM   240  C CG  . TRP A 1 29  ? 3.056   13.627  -4.813  1.00 15.98 ? 97  TRP A CG  1 
ATOM   241  C CD1 . TRP A 1 29  ? 1.889   14.243  -5.082  1.00 16.24 ? 97  TRP A CD1 1 
ATOM   242  C CD2 . TRP A 1 29  ? 3.637   14.340  -3.700  1.00 16.37 ? 97  TRP A CD2 1 
ATOM   243  N NE1 . TRP A 1 29  ? 1.670   15.283  -4.197  1.00 17.84 ? 97  TRP A NE1 1 
ATOM   244  C CE2 . TRP A 1 29  ? 2.730   15.352  -3.345  1.00 16.84 ? 97  TRP A CE2 1 
ATOM   245  C CE3 . TRP A 1 29  ? 4.809   14.183  -2.948  1.00 17.01 ? 97  TRP A CE3 1 
ATOM   246  C CZ2 . TRP A 1 29  ? 2.973   16.219  -2.291  1.00 17.36 ? 97  TRP A CZ2 1 
ATOM   247  C CZ3 . TRP A 1 29  ? 5.043   15.055  -1.906  1.00 18.08 ? 97  TRP A CZ3 1 
ATOM   248  C CH2 . TRP A 1 29  ? 4.129   16.058  -1.604  1.00 18.25 ? 97  TRP A CH2 1 
ATOM   249  N N   . PRO A 1 30  ? 3.217   11.246  -2.356  1.00 15.19 ? 98  PRO A N   1 
ATOM   250  C CA  . PRO A 1 30  ? 3.846   11.060  -1.048  1.00 15.77 ? 98  PRO A CA  1 
ATOM   251  C C   . PRO A 1 30  ? 4.041   9.590   -0.655  1.00 15.36 ? 98  PRO A C   1 
ATOM   252  O O   . PRO A 1 30  ? 4.774   9.307   0.306   1.00 16.47 ? 98  PRO A O   1 
ATOM   253  C CB  . PRO A 1 30  ? 2.850   11.725  -0.082  1.00 15.93 ? 98  PRO A CB  1 
ATOM   254  C CG  . PRO A 1 30  ? 2.004   12.602  -0.906  1.00 16.13 ? 98  PRO A CG  1 
ATOM   255  C CD  . PRO A 1 30  ? 1.892   11.852  -2.224  1.00 15.53 ? 98  PRO A CD  1 
ATOM   256  N N   . PHE A 1 31  ? 3.393   8.679   -1.395  1.00 13.92 ? 99  PHE A N   1 
ATOM   257  C CA  . PHE A 1 31  ? 3.343   7.251   -1.059  1.00 13.97 ? 99  PHE A CA  1 
ATOM   258  C C   . PHE A 1 31  ? 4.101   6.380   -2.047  1.00 15.04 ? 99  PHE A C   1 
ATOM   259  O O   . PHE A 1 31  ? 4.108   5.172   -1.869  1.00 15.38 ? 99  PHE A O   1 
ATOM   260  C CB  . PHE A 1 31  ? 1.883   6.817   -0.982  1.00 14.22 ? 99  PHE A CB  1 
ATOM   261  C CG  . PHE A 1 31  ? 1.086   7.625   -0.027  1.00 14.96 ? 99  PHE A CG  1 
ATOM   262  C CD1 . PHE A 1 31  ? 1.217   7.421   1.334   1.00 16.31 ? 99  PHE A CD1 1 
ATOM   263  C CD2 . PHE A 1 31  ? 0.241   8.622   -0.472  1.00 16.03 ? 99  PHE A CD2 1 
ATOM   264  C CE1 . PHE A 1 31  ? 0.534   8.193   2.238   1.00 17.77 ? 99  PHE A CE1 1 
ATOM   265  C CE2 . PHE A 1 31  ? -0.459  9.408   0.438   1.00 17.15 ? 99  PHE A CE2 1 
ATOM   266  C CZ  . PHE A 1 31  ? -0.314  9.168   1.799   1.00 17.51 ? 99  PHE A CZ  1 
ATOM   267  N N   . ARG A 1 32  ? 4.788   6.952   -3.046  1.00 14.74 ? 100 ARG A N   1 
ATOM   268  C CA  . ARG A 1 32  ? 5.450   6.125   -4.049  1.00 15.93 ? 100 ARG A CA  1 
ATOM   269  C C   . ARG A 1 32  ? 6.816   5.601   -3.660  1.00 16.24 ? 100 ARG A C   1 
ATOM   270  O O   . ARG A 1 32  ? 7.403   4.822   -4.386  1.00 17.65 ? 100 ARG A O   1 
ATOM   271  C CB  . ARG A 1 32  ? 5.578   6.873   -5.375  1.00 17.39 ? 100 ARG A CB  1 
ATOM   272  C CG  . ARG A 1 32  ? 4.301   7.023   -6.123  1.00 17.64 ? 100 ARG A CG  1 
ATOM   273  C CD  . ARG A 1 32  ? 4.572   7.616   -7.499  1.00 19.59 ? 100 ARG A CD  1 
ATOM   274  N NE  . ARG A 1 32  ? 3.332   7.892   -8.186  1.00 19.35 ? 100 ARG A NE  1 
ATOM   275  C CZ  . ARG A 1 32  ? 2.956   9.103   -8.590  1.00 20.75 ? 100 ARG A CZ  1 
ATOM   276  N NH1 . ARG A 1 32  ? 3.764   10.147  -8.424  1.00 23.29 ? 100 ARG A NH1 1 
ATOM   277  N NH2 . ARG A 1 32  ? 1.795   9.250   -9.189  1.00 21.10 ? 100 ARG A NH2 1 
ATOM   278  N N   . GLN A 1 33  ? 7.312   5.995   -2.495  1.00 15.78 ? 101 GLN A N   1 
ATOM   279  C CA  . GLN A 1 33  ? 8.610   5.594   -2.018  1.00 15.51 ? 101 GLN A CA  1 
ATOM   280  C C   . GLN A 1 33  ? 8.610   5.627   -0.485  1.00 14.58 ? 101 GLN A C   1 
ATOM   281  O O   . GLN A 1 33  ? 7.765   6.306   0.083   1.00 14.88 ? 101 GLN A O   1 
ATOM   282  C CB  . GLN A 1 33  ? 9.694   6.546   -2.575  1.00 17.15 ? 101 GLN A CB  1 
ATOM   283  C CG  . GLN A 1 33  ? 9.532   8.008   -2.169  1.00 17.79 ? 101 GLN A CG  1 
ATOM   284  C CD  . GLN A 1 33  ? 8.381   8.722   -2.844  1.00 18.30 ? 101 GLN A CD  1 
ATOM   285  O OE1 . GLN A 1 33  ? 8.258   8.716   -4.084  1.00 21.51 ? 101 GLN A OE1 1 
ATOM   286  N NE2 . GLN A 1 33  ? 7.525   9.350   -2.055  1.00 17.98 ? 101 GLN A NE2 1 
ATOM   287  N N   . PRO A 1 34  ? 9.554   4.932   0.147   1.00 15.49 ? 102 PRO A N   1 
ATOM   288  C CA  . PRO A 1 34  ? 9.627   4.966   1.594   1.00 15.85 ? 102 PRO A CA  1 
ATOM   289  C C   . PRO A 1 34  ? 9.799   6.372   2.112   1.00 16.31 ? 102 PRO A C   1 
ATOM   290  O O   . PRO A 1 34  ? 10.455  7.229   1.478   1.00 18.69 ? 102 PRO A O   1 
ATOM   291  C CB  . PRO A 1 34  ? 10.861  4.143   1.894   1.00 16.11 ? 102 PRO A CB  1 
ATOM   292  C CG  . PRO A 1 34  ? 10.917  3.158   0.792   1.00 16.55 ? 102 PRO A CG  1 
ATOM   293  C CD  . PRO A 1 34  ? 10.491  3.949   -0.413  1.00 16.21 ? 102 PRO A CD  1 
ATOM   294  N N   . VAL A 1 35  ? 9.200   6.649   3.257   1.00 15.90 ? 103 VAL A N   1 
ATOM   295  C CA  . VAL A 1 35  ? 9.396   7.935   3.928   1.00 16.40 ? 103 VAL A CA  1 
ATOM   296  C C   . VAL A 1 35  ? 10.868  8.071   4.332   1.00 16.27 ? 103 VAL A C   1 
ATOM   297  O O   . VAL A 1 35  ? 11.420  7.196   4.983   1.00 17.05 ? 103 VAL A O   1 
ATOM   298  C CB  . VAL A 1 35  ? 8.519   7.985   5.199   1.00 16.58 ? 103 VAL A CB  1 
ATOM   299  C CG1 . VAL A 1 35  ? 8.743   9.223   6.026   1.00 17.24 ? 103 VAL A CG1 1 
ATOM   300  C CG2 . VAL A 1 35  ? 7.053   7.864   4.837   1.00 16.30 ? 103 VAL A CG2 1 
ATOM   301  N N   . ASP A 1 36  ? 11.500  9.161   3.876   1.00 18.52 ? 104 ASP A N   1 
ATOM   302  C CA  . ASP A 1 36  ? 12.881  9.482   4.249   1.00 19.16 ? 104 ASP A CA  1 
ATOM   303  C C   . ASP A 1 36  ? 12.798  10.531  5.338   1.00 18.14 ? 104 ASP A C   1 
ATOM   304  O O   . ASP A 1 36  ? 12.722  11.708  5.080   1.00 17.35 ? 104 ASP A O   1 
ATOM   305  C CB  . ASP A 1 36  ? 13.688  9.983   3.043   1.00 20.70 ? 104 ASP A CB  1 
ATOM   306  C CG  . ASP A 1 36  ? 15.165  10.193  3.365   1.00 23.53 ? 104 ASP A CG  1 
ATOM   307  O OD1 . ASP A 1 36  ? 15.504  10.391  4.554   1.00 21.65 ? 104 ASP A OD1 1 
ATOM   308  O OD2 . ASP A 1 36  ? 15.983  10.191  2.397   1.00 26.57 ? 104 ASP A OD2 1 
ATOM   309  N N   . ALA A 1 37  ? 12.800  10.056  6.569   1.00 16.47 ? 105 ALA A N   1 
ATOM   310  C CA  . ALA A 1 37  ? 12.566  10.905  7.722   1.00 16.83 ? 105 ALA A CA  1 
ATOM   311  C C   . ALA A 1 37  ? 13.637  11.970  7.925   1.00 17.45 ? 105 ALA A C   1 
ATOM   312  O O   . ALA A 1 37  ? 13.319  13.073  8.344   1.00 18.45 ? 105 ALA A O   1 
ATOM   313  C CB  . ALA A 1 37  ? 12.409  10.071  8.954   1.00 17.09 ? 105 ALA A CB  1 
ATOM   314  N N   . VAL A 1 38  ? 14.892  11.657  7.613   1.00 18.01 ? 106 VAL A N   1 
ATOM   315  C CA  . VAL A 1 38  ? 15.941  12.675  7.710   1.00 20.10 ? 106 VAL A CA  1 
ATOM   316  C C   . VAL A 1 38  ? 15.771  13.744  6.646   1.00 19.33 ? 106 VAL A C   1 
ATOM   317  O O   . VAL A 1 38  ? 15.821  14.948  6.928   1.00 21.35 ? 106 VAL A O   1 
ATOM   318  C CB  . VAL A 1 38  ? 17.339  12.039  7.582   1.00 21.47 ? 106 VAL A CB  1 
ATOM   319  C CG1 . VAL A 1 38  ? 18.410  13.119  7.454   1.00 22.03 ? 106 VAL A CG1 1 
ATOM   320  C CG2 . VAL A 1 38  ? 17.606  11.144  8.775   1.00 22.35 ? 106 VAL A CG2 1 
ATOM   321  N N   . LYS A 1 39  ? 15.549  13.334  5.408   1.00 18.69 ? 107 LYS A N   1 
ATOM   322  C CA  . LYS A 1 39  ? 15.370  14.271  4.329   1.00 21.77 ? 107 LYS A CA  1 
ATOM   323  C C   . LYS A 1 39  ? 14.178  15.187  4.621   1.00 23.69 ? 107 LYS A C   1 
ATOM   324  O O   . LYS A 1 39  ? 14.257  16.410  4.475   1.00 26.62 ? 107 LYS A O   1 
ATOM   325  C CB  . LYS A 1 39  ? 15.197  13.515  3.016   1.00 24.32 ? 107 LYS A CB  1 
ATOM   326  C CG  . LYS A 1 39  ? 15.036  14.431  1.816   1.00 29.29 ? 107 LYS A CG  1 
ATOM   327  C CD  . LYS A 1 39  ? 14.505  13.666  0.607   1.00 34.86 ? 107 LYS A CD  1 
ATOM   328  C CE  . LYS A 1 39  ? 13.930  14.614  -0.439  1.00 39.18 ? 107 LYS A CE  1 
ATOM   329  N NZ  . LYS A 1 39  ? 12.579  14.184  -0.917  1.00 41.48 ? 107 LYS A NZ  1 
ATOM   330  N N   . LEU A 1 40  ? 13.086  14.589  5.081   1.00 24.37 ? 108 LEU A N   1 
ATOM   331  C CA  . LEU A 1 40  ? 11.850  15.321  5.360   1.00 26.27 ? 108 LEU A CA  1 
ATOM   332  C C   . LEU A 1 40  ? 11.816  16.041  6.706   1.00 25.53 ? 108 LEU A C   1 
ATOM   333  O O   . LEU A 1 40  ? 10.855  16.768  7.009   1.00 29.17 ? 108 LEU A O   1 
ATOM   334  C CB  . LEU A 1 40  ? 10.663  14.347  5.242   1.00 26.05 ? 108 LEU A CB  1 
ATOM   335  C CG  . LEU A 1 40  ? 10.435  13.768  3.845   1.00 27.42 ? 108 LEU A CG  1 
ATOM   336  C CD1 . LEU A 1 40  ? 9.376   12.655  3.821   1.00 29.07 ? 108 LEU A CD1 1 
ATOM   337  C CD2 . LEU A 1 40  ? 10.049  14.897  2.885   1.00 29.73 ? 108 LEU A CD2 1 
ATOM   338  N N   . GLY A 1 41  ? 12.846  15.875  7.526   1.00 24.54 ? 109 GLY A N   1 
ATOM   339  C CA  . GLY A 1 41  ? 12.887  16.540  8.834   1.00 25.19 ? 109 GLY A CA  1 
ATOM   340  C C   . GLY A 1 41  ? 11.816  16.063  9.814   1.00 27.18 ? 109 GLY A C   1 
ATOM   341  O O   . GLY A 1 41  ? 11.129  16.887  10.434  1.00 30.86 ? 109 GLY A O   1 
ATOM   342  N N   . LEU A 1 42  ? 11.670  14.738  9.940   1.00 25.94 ? 110 LEU A N   1 
ATOM   343  C CA  . LEU A 1 42  ? 10.664  14.100  10.825  1.00 25.89 ? 110 LEU A CA  1 
ATOM   344  C C   . LEU A 1 42  ? 11.381  13.246  11.874  1.00 25.66 ? 110 LEU A C   1 
ATOM   345  O O   . LEU A 1 42  ? 11.368  12.036  11.789  1.00 23.55 ? 110 LEU A O   1 
ATOM   346  C CB  . LEU A 1 42  ? 9.728   13.203  9.989   1.00 25.05 ? 110 LEU A CB  1 
ATOM   347  C CG  . LEU A 1 42  ? 9.213   13.698  8.644   1.00 26.17 ? 110 LEU A CG  1 
ATOM   348  C CD1 . LEU A 1 42  ? 8.474   12.606  7.883   1.00 27.64 ? 110 LEU A CD1 1 
ATOM   349  C CD2 . LEU A 1 42  ? 8.326   14.925  8.857   1.00 28.34 ? 110 LEU A CD2 1 
ATOM   350  N N   . PRO A 1 43  ? 12.013  13.869  12.899  1.00 26.32 ? 111 PRO A N   1 
ATOM   351  C CA  . PRO A 1 43  ? 12.965  13.119  13.743  1.00 26.13 ? 111 PRO A CA  1 
ATOM   352  C C   . PRO A 1 43  ? 12.396  11.954  14.594  1.00 25.05 ? 111 PRO A C   1 
ATOM   353  O O   . PRO A 1 43  ? 13.164  11.078  15.028  1.00 26.67 ? 111 PRO A O   1 
ATOM   354  C CB  . PRO A 1 43  ? 13.592  14.216  14.639  1.00 27.95 ? 111 PRO A CB  1 
ATOM   355  C CG  . PRO A 1 43  ? 12.600  15.341  14.631  1.00 28.58 ? 111 PRO A CG  1 
ATOM   356  C CD  . PRO A 1 43  ? 11.868  15.275  13.320  1.00 27.93 ? 111 PRO A CD  1 
ATOM   357  N N   . ASP A 1 44  ? 11.091  11.907  14.842  1.00 20.43 ? 112 ASP A N   1 
ATOM   358  C CA  . ASP A 1 44  ? 10.565  10.765  15.580  1.00 20.72 ? 112 ASP A CA  1 
ATOM   359  C C   . ASP A 1 44  ? 9.743   9.793   14.731  1.00 18.09 ? 112 ASP A C   1 
ATOM   360  O O   . ASP A 1 44  ? 9.091   8.897   15.274  1.00 17.08 ? 112 ASP A O   1 
ATOM   361  C CB  . ASP A 1 44  ? 9.769   11.253  16.794  1.00 22.51 ? 112 ASP A CB  1 
ATOM   362  C CG  . ASP A 1 44  ? 10.678  11.857  17.889  1.00 27.59 ? 112 ASP A CG  1 
ATOM   363  O OD1 . ASP A 1 44  ? 11.929  11.728  17.805  1.00 31.36 ? 112 ASP A OD1 1 
ATOM   364  O OD2 . ASP A 1 44  ? 10.118  12.451  18.823  1.00 32.32 ? 112 ASP A OD2 1 
ATOM   365  N N   . TYR A 1 45  ? 9.828   9.928   13.406  1.00 16.31 ? 113 TYR A N   1 
ATOM   366  C CA  . TYR A 1 45  ? 8.991   9.095   12.533  1.00 15.43 ? 113 TYR A CA  1 
ATOM   367  C C   . TYR A 1 45  ? 9.176   7.620   12.837  1.00 15.46 ? 113 TYR A C   1 
ATOM   368  O O   . TYR A 1 45  ? 8.179   6.893   12.976  1.00 14.60 ? 113 TYR A O   1 
ATOM   369  C CB  . TYR A 1 45  ? 9.298   9.358   11.046  1.00 15.06 ? 113 TYR A CB  1 
ATOM   370  C CG  . TYR A 1 45  ? 8.318   8.615   10.138  1.00 14.52 ? 113 TYR A CG  1 
ATOM   371  C CD1 . TYR A 1 45  ? 7.053   9.110   9.908   1.00 14.32 ? 113 TYR A CD1 1 
ATOM   372  C CD2 . TYR A 1 45  ? 8.648   7.394   9.605   1.00 14.56 ? 113 TYR A CD2 1 
ATOM   373  C CE1 . TYR A 1 45  ? 6.130   8.415   9.121   1.00 15.10 ? 113 TYR A CE1 1 
ATOM   374  C CE2 . TYR A 1 45  ? 7.749   6.695   8.795   1.00 15.05 ? 113 TYR A CE2 1 
ATOM   375  C CZ  . TYR A 1 45  ? 6.485   7.202   8.589   1.00 14.33 ? 113 TYR A CZ  1 
ATOM   376  O OH  . TYR A 1 45  ? 5.598   6.471   7.839   1.00 14.38 ? 113 TYR A OH  1 
ATOM   377  N N   . HIS A 1 46  ? 10.412  7.158   12.945  1.00 16.02 ? 114 HIS A N   1 
ATOM   378  C CA  . HIS A 1 46  ? 10.693  5.747   13.151  1.00 16.68 ? 114 HIS A CA  1 
ATOM   379  C C   . HIS A 1 46  ? 10.516  5.265   14.587  1.00 18.09 ? 114 HIS A C   1 
ATOM   380  O O   . HIS A 1 46  ? 10.453  4.052   14.835  1.00 19.29 ? 114 HIS A O   1 
ATOM   381  C CB  . HIS A 1 46  ? 12.072  5.378   12.587  1.00 17.75 ? 114 HIS A CB  1 
ATOM   382  C CG  . HIS A 1 46  ? 12.129  5.489   11.091  1.00 18.20 ? 114 HIS A CG  1 
ATOM   383  N ND1 . HIS A 1 46  ? 11.435  4.628   10.272  1.00 19.51 ? 114 HIS A ND1 1 
ATOM   384  C CD2 . HIS A 1 46  ? 12.725  6.389   10.273  1.00 18.86 ? 114 HIS A CD2 1 
ATOM   385  C CE1 . HIS A 1 46  ? 11.631  4.968   9.007   1.00 19.90 ? 114 HIS A CE1 1 
ATOM   386  N NE2 . HIS A 1 46  ? 12.399  6.042   8.979   1.00 19.81 ? 114 HIS A NE2 1 
ATOM   387  N N   . LYS A 1 47  ? 10.415  6.208   15.519  1.00 19.63 ? 115 LYS A N   1 
ATOM   388  C CA  . LYS A 1 47  ? 9.961   5.873   16.874  1.00 21.52 ? 115 LYS A CA  1 
ATOM   389  C C   . LYS A 1 47  ? 8.456   5.610   16.897  1.00 21.56 ? 115 LYS A C   1 
ATOM   390  O O   . LYS A 1 47  ? 7.984   4.753   17.623  1.00 23.40 ? 115 LYS A O   1 
ATOM   391  C CB  . LYS A 1 47  ? 10.303  6.989   17.868  1.00 23.12 ? 115 LYS A CB  1 
ATOM   392  C CG  . LYS A 1 47  ? 11.785  7.250   18.015  1.00 26.56 ? 115 LYS A CG  1 
ATOM   393  C CD  . LYS A 1 47  ? 12.056  8.361   19.021  1.00 29.22 ? 115 LYS A CD  1 
ATOM   394  C CE  . LYS A 1 47  ? 13.445  8.959   18.807  1.00 32.69 ? 115 LYS A CE  1 
ATOM   395  N NZ  . LYS A 1 47  ? 13.936  9.742   19.980  1.00 37.04 ? 115 LYS A NZ  1 
ATOM   396  N N   . ILE A 1 48  ? 7.695   6.359   16.101  1.00 18.13 ? 116 ILE A N   1 
ATOM   397  C CA  . ILE A 1 48  ? 6.243   6.269   16.120  1.00 17.39 ? 116 ILE A CA  1 
ATOM   398  C C   . ILE A 1 48  ? 5.729   5.165   15.204  1.00 17.78 ? 116 ILE A C   1 
ATOM   399  O O   . ILE A 1 48  ? 4.770   4.471   15.526  1.00 19.24 ? 116 ILE A O   1 
ATOM   400  C CB  . ILE A 1 48  ? 5.644   7.631   15.746  1.00 16.71 ? 116 ILE A CB  1 
ATOM   401  C CG1 . ILE A 1 48  ? 6.020   8.647   16.827  1.00 17.03 ? 116 ILE A CG1 1 
ATOM   402  C CG2 . ILE A 1 48  ? 4.135   7.557   15.548  1.00 16.86 ? 116 ILE A CG2 1 
ATOM   403  C CD1 . ILE A 1 48  ? 5.919   10.080  16.400  1.00 17.56 ? 116 ILE A CD1 1 
ATOM   404  N N   . ILE A 1 49  ? 6.346   5.028   14.053  1.00 16.17 ? 117 ILE A N   1 
ATOM   405  C CA  . ILE A 1 49  ? 5.892   4.086   13.036  1.00 15.72 ? 117 ILE A CA  1 
ATOM   406  C C   . ILE A 1 49  ? 6.791   2.874   13.055  1.00 16.87 ? 117 ILE A C   1 
ATOM   407  O O   . ILE A 1 49  ? 7.942   2.963   12.639  1.00 19.04 ? 117 ILE A O   1 
ATOM   408  C CB  . ILE A 1 49  ? 5.873   4.749   11.639  1.00 14.04 ? 117 ILE A CB  1 
ATOM   409  C CG1 . ILE A 1 49  ? 4.866   5.882   11.632  1.00 14.09 ? 117 ILE A CG1 1 
ATOM   410  C CG2 . ILE A 1 49  ? 5.589   3.716   10.537  1.00 13.78 ? 117 ILE A CG2 1 
ATOM   411  C CD1 . ILE A 1 49  ? 3.453   5.501   12.009  1.00 13.65 ? 117 ILE A CD1 1 
ATOM   412  N N   . LYS A 1 50  ? 6.241   1.747   13.491  1.00 17.62 ? 118 LYS A N   1 
ATOM   413  C CA  . LYS A 1 50  ? 7.022   0.538   13.699  1.00 19.93 ? 118 LYS A CA  1 
ATOM   414  C C   . LYS A 1 50  ? 7.291   -0.227  12.390  1.00 16.61 ? 118 LYS A C   1 
ATOM   415  O O   . LYS A 1 50  ? 8.317   -0.904  12.259  1.00 17.68 ? 118 LYS A O   1 
ATOM   416  C CB  . LYS A 1 50  ? 6.306   -0.366  14.716  1.00 23.85 ? 118 LYS A CB  1 
ATOM   417  C CG  . LYS A 1 50  ? 6.483   0.053   16.183  1.00 28.57 ? 118 LYS A CG  1 
ATOM   418  C CD  . LYS A 1 50  ? 5.809   1.373   16.521  1.00 32.11 ? 118 LYS A CD  1 
ATOM   419  C CE  . LYS A 1 50  ? 5.683   1.581   18.026  1.00 36.57 ? 118 LYS A CE  1 
ATOM   420  N NZ  . LYS A 1 50  ? 6.983   1.882   18.679  1.00 38.76 ? 118 LYS A NZ  1 
ATOM   421  N N   . GLN A 1 51  ? 6.360   -0.131  11.438  1.00 14.61 ? 119 GLN A N   1 
ATOM   422  C CA  . GLN A 1 51  ? 6.487   -0.838  10.157  1.00 14.75 ? 119 GLN A CA  1 
ATOM   423  C C   . GLN A 1 51  ? 6.229   0.096   8.999   1.00 13.48 ? 119 GLN A C   1 
ATOM   424  O O   . GLN A 1 51  ? 5.076   0.224   8.543   1.00 12.97 ? 119 GLN A O   1 
ATOM   425  C CB  . GLN A 1 51  ? 5.523   -2.014  10.021  1.00 15.74 ? 119 GLN A CB  1 
ATOM   426  C CG  . GLN A 1 51  ? 5.697   -2.748  8.695   1.00 19.48 ? 119 GLN A CG  1 
ATOM   427  C CD  . GLN A 1 51  ? 7.121   -3.217  8.463   1.00 20.30 ? 119 GLN A CD  1 
ATOM   428  O OE1 . GLN A 1 51  ? 7.578   -4.167  9.112   1.00 24.07 ? 119 GLN A OE1 1 
ATOM   429  N NE2 . GLN A 1 51  ? 7.848   -2.542  7.572   1.00 19.45 ? 119 GLN A NE2 1 
ATOM   430  N N   . PRO A 1 52  ? 7.260   0.798   8.530   1.00 12.66 ? 120 PRO A N   1 
ATOM   431  C CA  . PRO A 1 52  ? 7.082   1.626   7.346   1.00 12.51 ? 120 PRO A CA  1 
ATOM   432  C C   . PRO A 1 52  ? 6.594   0.795   6.177   1.00 12.14 ? 120 PRO A C   1 
ATOM   433  O O   . PRO A 1 52  ? 6.995   -0.349  6.008   1.00 13.29 ? 120 PRO A O   1 
ATOM   434  C CB  . PRO A 1 52  ? 8.493   2.196   7.083   1.00 13.75 ? 120 PRO A CB  1 
ATOM   435  C CG  . PRO A 1 52  ? 9.184   2.120   8.416   1.00 14.96 ? 120 PRO A CG  1 
ATOM   436  C CD  . PRO A 1 52  ? 8.661   0.833   8.980   1.00 14.02 ? 120 PRO A CD  1 
ATOM   437  N N   . MET A 1 53  ? 5.766   1.412   5.358   1.00 11.72 ? 121 MET A N   1 
ATOM   438  C CA  . MET A 1 53  ? 5.294   0.758   4.140   1.00 11.73 ? 121 MET A CA  1 
ATOM   439  C C   . MET A 1 53  ? 4.872   1.817   3.155   1.00 11.88 ? 121 MET A C   1 
ATOM   440  O O   . MET A 1 53  ? 4.375   2.875   3.526   1.00 12.93 ? 121 MET A O   1 
ATOM   441  C CB  . MET A 1 53  ? 4.128   -0.224  4.459   1.00 11.99 ? 121 MET A CB  1 
ATOM   442  C CG  . MET A 1 53  ? 3.671   -1.108  3.287   1.00 12.94 ? 121 MET A CG  1 
ATOM   443  S SD  . MET A 1 53  ? 4.999   -1.950  2.382   1.00 13.25 ? 121 MET A SD  1 
ATOM   444  C CE  . MET A 1 53  ? 5.788   -2.852  3.707   1.00 13.96 ? 121 MET A CE  1 
ATOM   445  N N   . ASP A 1 54  ? 5.037   1.515   1.867   1.00 11.93 ? 122 ASP A N   1 
ATOM   446  C CA  . ASP A 1 54  ? 4.777   2.476   0.802   1.00 12.29 ? 122 ASP A CA  1 
ATOM   447  C C   . ASP A 1 54  ? 4.395   1.750   -0.463  1.00 12.42 ? 122 ASP A C   1 
ATOM   448  O O   . ASP A 1 54  ? 4.622   0.530   -0.592  1.00 11.28 ? 122 ASP A O   1 
ATOM   449  C CB  . ASP A 1 54  ? 6.000   3.345   0.537   1.00 13.13 ? 122 ASP A CB  1 
ATOM   450  C CG  . ASP A 1 54  ? 7.108   2.570   -0.054  1.00 14.21 ? 122 ASP A CG  1 
ATOM   451  O OD1 . ASP A 1 54  ? 7.765   1.838   0.692   1.00 14.50 ? 122 ASP A OD1 1 
ATOM   452  O OD2 . ASP A 1 54  ? 7.286   2.620   -1.281  1.00 14.70 ? 122 ASP A OD2 1 
ATOM   453  N N   . MET A 1 55  ? 3.795   2.486   -1.400  1.00 12.05 ? 123 MET A N   1 
ATOM   454  C CA  . MET A 1 55  ? 3.354   1.855   -2.662  1.00 13.25 ? 123 MET A CA  1 
ATOM   455  C C   . MET A 1 55  ? 4.463   1.438   -3.565  1.00 12.97 ? 123 MET A C   1 
ATOM   456  O O   . MET A 1 55  ? 4.268   0.515   -4.348  1.00 13.68 ? 123 MET A O   1 
ATOM   457  C CB  . MET A 1 55  ? 2.387   2.764   -3.434  1.00 15.17 ? 123 MET A CB  1 
ATOM   458  C CG  . MET A 1 55  ? 1.087   2.954   -2.696  1.00 15.97 ? 123 MET A CG  1 
ATOM   459  S SD  . MET A 1 55  ? -0.294  3.364   -3.774  1.00 19.37 ? 123 MET A SD  1 
ATOM   460  C CE  . MET A 1 55  ? 0.483   4.741   -4.578  0.50 15.90 ? 123 MET A CE  1 
ATOM   461  N N   . GLY A 1 56  ? 5.617   2.084   -3.495  1.00 13.45 ? 124 GLY A N   1 
ATOM   462  C CA  . GLY A 1 56  ? 6.744   1.604   -4.298  1.00 13.95 ? 124 GLY A CA  1 
ATOM   463  C C   . GLY A 1 56  ? 7.156   0.206   -3.888  1.00 13.39 ? 124 GLY A C   1 
ATOM   464  O O   . GLY A 1 56  ? 7.389   -0.680  -4.703  1.00 15.33 ? 124 GLY A O   1 
ATOM   465  N N   . THR A 1 57  ? 7.243   -0.006  -2.588  1.00 13.22 ? 125 THR A N   1 
ATOM   466  C CA  . THR A 1 57  ? 7.565   -1.321  -2.051  1.00 13.25 ? 125 THR A CA  1 
ATOM   467  C C   . THR A 1 57  ? 6.497   -2.352  -2.433  1.00 12.33 ? 125 THR A C   1 
ATOM   468  O O   . THR A 1 57  ? 6.825   -3.447  -2.878  1.00 13.71 ? 125 THR A O   1 
ATOM   469  C CB  . THR A 1 57  ? 7.697   -1.270  -0.500  1.00 13.89 ? 125 THR A CB  1 
ATOM   470  O OG1 . THR A 1 57  ? 8.790   -0.386  -0.176  1.00 15.95 ? 125 THR A OG1 1 
ATOM   471  C CG2 . THR A 1 57  ? 7.943   -2.651  0.126   1.00 14.18 ? 125 THR A CG2 1 
ATOM   472  N N   . ILE A 1 58  ? 5.226   -2.006  -2.276  1.00 11.56 ? 126 ILE A N   1 
ATOM   473  C CA  . ILE A 1 58  ? 4.164   -2.918  -2.655  1.00 11.80 ? 126 ILE A CA  1 
ATOM   474  C C   . ILE A 1 58  ? 4.217   -3.248  -4.145  1.00 12.64 ? 126 ILE A C   1 
ATOM   475  O O   . ILE A 1 58  ? 4.057   -4.417  -4.528  1.00 12.66 ? 126 ILE A O   1 
ATOM   476  C CB  . ILE A 1 58  ? 2.789   -2.349  -2.259  1.00 11.58 ? 126 ILE A CB  1 
ATOM   477  C CG1 . ILE A 1 58  ? 2.688   -2.174  -0.721  1.00 11.45 ? 126 ILE A CG1 1 
ATOM   478  C CG2 . ILE A 1 58  ? 1.649   -3.254  -2.722  1.00 12.46 ? 126 ILE A CG2 1 
ATOM   479  C CD1 . ILE A 1 58  ? 1.486   -1.401  -0.246  1.00 12.05 ? 126 ILE A CD1 1 
ATOM   480  N N   . LYS A 1 59  ? 4.389   -2.227  -4.974  1.00 13.41 ? 127 LYS A N   1 
ATOM   481  C CA  . LYS A 1 59  ? 4.434   -2.428  -6.439  1.00 14.20 ? 127 LYS A CA  1 
ATOM   482  C C   . LYS A 1 59  ? 5.592   -3.348  -6.819  1.00 14.78 ? 127 LYS A C   1 
ATOM   483  O O   . LYS A 1 59  ? 5.409   -4.259  -7.656  1.00 14.60 ? 127 LYS A O   1 
ATOM   484  C CB  . LYS A 1 59  ? 4.531   -1.063  -7.127  1.00 15.17 ? 127 LYS A CB  1 
ATOM   485  C CG  . LYS A 1 59  ? 4.530   -1.084  -8.653  1.00 17.49 ? 127 LYS A CG  1 
ATOM   486  C CD  . LYS A 1 59  ? 4.435   0.335   -9.176  1.00 19.80 ? 127 LYS A CD  1 
ATOM   487  C CE  . LYS A 1 59  ? 4.765   0.445   -10.670 1.00 22.27 ? 127 LYS A CE  1 
ATOM   488  N NZ  . LYS A 1 59  ? 6.208   0.196   -10.940 1.00 22.93 ? 127 LYS A NZ  1 
ATOM   489  N N   . ARG A 1 60  ? 6.767   -3.157  -6.234  1.00 14.20 ? 128 ARG A N   1 
ATOM   490  C CA  . ARG A 1 60  ? 7.902   -4.044  -6.506  1.00 15.74 ? 128 ARG A CA  1 
ATOM   491  C C   . ARG A 1 60  ? 7.585   -5.467  -6.063  1.00 15.17 ? 128 ARG A C   1 
ATOM   492  O O   . ARG A 1 60  ? 7.882   -6.446  -6.747  1.00 16.18 ? 128 ARG A O   1 
ATOM   493  C CB  . ARG A 1 60  ? 9.153   -3.541  -5.815  1.00 18.99 ? 128 ARG A CB  1 
ATOM   494  C CG  . ARG A 1 60  ? 10.407  -4.303  -6.206  1.00 24.56 ? 128 ARG A CG  1 
ATOM   495  C CD  . ARG A 1 60  ? 11.649  -3.630  -5.640  1.00 29.18 ? 128 ARG A CD  1 
ATOM   496  N NE  . ARG A 1 60  ? 11.743  -3.808  -4.190  1.00 34.46 ? 128 ARG A NE  1 
ATOM   497  C CZ  . ARG A 1 60  ? 11.439  -2.883  -3.270  1.00 38.08 ? 128 ARG A CZ  1 
ATOM   498  N NH1 . ARG A 1 60  ? 11.003  -1.673  -3.624  1.00 40.70 ? 128 ARG A NH1 1 
ATOM   499  N NH2 . ARG A 1 60  ? 11.567  -3.177  -1.975  1.00 38.49 ? 128 ARG A NH2 1 
ATOM   500  N N   . ARG A 1 61  ? 6.953   -5.614  -4.901  1.00 13.64 ? 129 ARG A N   1 
ATOM   501  C CA  . ARG A 1 61  ? 6.579   -6.948  -4.418  1.00 13.59 ? 129 ARG A CA  1 
ATOM   502  C C   . ARG A 1 61  ? 5.615   -7.630  -5.386  1.00 14.50 ? 129 ARG A C   1 
ATOM   503  O O   . ARG A 1 61  ? 5.776   -8.824  -5.695  1.00 15.39 ? 129 ARG A O   1 
ATOM   504  C CB  . ARG A 1 61  ? 5.953   -6.834  -3.018  1.00 13.77 ? 129 ARG A CB  1 
ATOM   505  C CG  . ARG A 1 61  ? 6.985   -6.589  -1.934  1.00 14.16 ? 129 ARG A CG  1 
ATOM   506  C CD  . ARG A 1 61  ? 6.368   -6.402  -0.558  1.00 14.61 ? 129 ARG A CD  1 
ATOM   507  N NE  . ARG A 1 61  ? 7.413   -6.334  0.456   1.00 15.17 ? 129 ARG A NE  1 
ATOM   508  C CZ  . ARG A 1 61  ? 7.208   -6.384  1.762   1.00 15.91 ? 129 ARG A CZ  1 
ATOM   509  N NH1 . ARG A 1 61  ? 5.995   -6.473  2.274   1.00 15.26 ? 129 ARG A NH1 1 
ATOM   510  N NH2 . ARG A 1 61  ? 8.253   -6.362  2.575   1.00 17.83 ? 129 ARG A NH2 1 
ATOM   511  N N   . LEU A 1 62  ? 4.623   -6.893  -5.871  1.00 13.70 ? 130 LEU A N   1 
ATOM   512  C CA  . LEU A 1 62  ? 3.698   -7.438  -6.874  1.00 14.50 ? 130 LEU A CA  1 
ATOM   513  C C   . LEU A 1 62  ? 4.453   -7.807  -8.151  1.00 15.81 ? 130 LEU A C   1 
ATOM   514  O O   . LEU A 1 62  ? 4.255   -8.888  -8.697  1.00 16.85 ? 130 LEU A O   1 
ATOM   515  C CB  . LEU A 1 62  ? 2.564   -6.467  -7.154  1.00 13.91 ? 130 LEU A CB  1 
ATOM   516  C CG  . LEU A 1 62  ? 1.579   -6.338  -5.986  1.00 13.99 ? 130 LEU A CG  1 
ATOM   517  C CD1 . LEU A 1 62  ? 0.748   -5.084  -6.142  1.00 15.00 ? 130 LEU A CD1 1 
ATOM   518  C CD2 . LEU A 1 62  ? 0.736   -7.592  -5.797  1.00 14.28 ? 130 LEU A CD2 1 
ATOM   519  N N   . GLU A 1 63  ? 5.314   -6.931  -8.625  1.00 15.70 ? 131 GLU A N   1 
ATOM   520  C CA  . GLU A 1 63  ? 6.081   -7.238  -9.873  1.00 16.60 ? 131 GLU A CA  1 
ATOM   521  C C   . GLU A 1 63  ? 6.991   -8.454  -9.763  1.00 18.95 ? 131 GLU A C   1 
ATOM   522  O O   . GLU A 1 63  ? 7.292   -9.126  -10.790 1.00 20.24 ? 131 GLU A O   1 
ATOM   523  C CB  . GLU A 1 63  ? 6.920   -6.009  -10.253 1.00 16.89 ? 131 GLU A CB  1 
ATOM   524  C CG  . GLU A 1 63  ? 6.115   -4.857  -10.789 1.00 18.00 ? 131 GLU A CG  1 
ATOM   525  C CD  . GLU A 1 63  ? 6.857   -3.519  -10.792 1.00 18.39 ? 131 GLU A CD  1 
ATOM   526  O OE1 . GLU A 1 63  ? 8.006   -3.438  -10.290 1.00 22.39 ? 131 GLU A OE1 1 
ATOM   527  O OE2 . GLU A 1 63  ? 6.258   -2.538  -11.293 1.00 20.26 ? 131 GLU A OE2 1 
ATOM   528  N N   . ASN A 1 64  ? 7.499   -8.726  -8.570  1.00 17.72 ? 132 ASN A N   1 
ATOM   529  C CA  . ASN A 1 64  ? 8.464   -9.779  -8.348  1.00 19.85 ? 132 ASN A CA  1 
ATOM   530  C C   . ASN A 1 64  ? 7.861   -11.037 -7.716  1.00 18.70 ? 132 ASN A C   1 
ATOM   531  O O   . ASN A 1 64  ? 8.603   -11.874 -7.233  1.00 20.71 ? 132 ASN A O   1 
ATOM   532  C CB  . ASN A 1 64  ? 9.649   -9.207  -7.586  1.00 21.73 ? 132 ASN A CB  1 
ATOM   533  C CG  . ASN A 1 64  ? 10.470  -8.262  -8.465  1.00 23.84 ? 132 ASN A CG  1 
ATOM   534  O OD1 . ASN A 1 64  ? 11.217  -8.722  -9.326  1.00 29.43 ? 132 ASN A OD1 1 
ATOM   535  N ND2 . ASN A 1 64  ? 10.282  -6.969  -8.313  1.00 27.00 ? 132 ASN A ND2 1 
ATOM   536  N N   . ASN A 1 65  ? 6.530   -11.152 -7.772  1.00 18.51 ? 133 ASN A N   1 
ATOM   537  C CA  . ASN A 1 65  ? 5.802   -12.290 -7.215  1.00 18.79 ? 133 ASN A CA  1 
ATOM   538  C C   . ASN A 1 65  ? 6.272   -12.639 -5.801  1.00 18.08 ? 133 ASN A C   1 
ATOM   539  O O   . ASN A 1 65  ? 6.527   -13.780 -5.468  1.00 19.58 ? 133 ASN A O   1 
ATOM   540  C CB  . ASN A 1 65  ? 5.910   -13.517 -8.133  1.00 21.15 ? 133 ASN A CB  1 
ATOM   541  C CG  . ASN A 1 65  ? 5.266   -13.290 -9.491  1.00 23.27 ? 133 ASN A CG  1 
ATOM   542  O OD1 . ASN A 1 65  ? 4.499   -12.350 -9.707  1.00 25.00 ? 133 ASN A OD1 1 
ATOM   543  N ND2 . ASN A 1 65  ? 5.578   -14.170 -10.424 1.00 25.96 ? 133 ASN A ND2 1 
ATOM   544  N N   . TYR A 1 66  ? 6.367   -11.617 -4.968  1.00 16.04 ? 134 TYR A N   1 
ATOM   545  C CA  . TYR A 1 66  ? 6.834   -11.751 -3.601  1.00 14.81 ? 134 TYR A CA  1 
ATOM   546  C C   . TYR A 1 66  ? 5.811   -12.408 -2.685  1.00 13.49 ? 134 TYR A C   1 
ATOM   547  O O   . TYR A 1 66  ? 6.206   -13.115 -1.783  1.00 14.98 ? 134 TYR A O   1 
ATOM   548  C CB  . TYR A 1 66  ? 7.190   -10.362 -3.042  1.00 15.33 ? 134 TYR A CB  1 
ATOM   549  C CG  . TYR A 1 66  ? 7.355   -10.255 -1.548  1.00 16.81 ? 134 TYR A CG  1 
ATOM   550  C CD1 . TYR A 1 66  ? 6.254   -10.020 -0.745  1.00 16.27 ? 134 TYR A CD1 1 
ATOM   551  C CD2 . TYR A 1 66  ? 8.613   -10.381 -0.928  1.00 17.60 ? 134 TYR A CD2 1 
ATOM   552  C CE1 . TYR A 1 66  ? 6.364   -9.918  0.618   1.00 17.93 ? 134 TYR A CE1 1 
ATOM   553  C CE2 . TYR A 1 66  ? 8.715   -10.290 0.448   1.00 19.09 ? 134 TYR A CE2 1 
ATOM   554  C CZ  . TYR A 1 66  ? 7.577   -10.047 1.206   1.00 19.25 ? 134 TYR A CZ  1 
ATOM   555  O OH  . TYR A 1 66  ? 7.637   -9.970  2.600   1.00 21.75 ? 134 TYR A OH  1 
ATOM   556  N N   . TYR A 1 67  ? 4.536   -12.106 -2.873  1.00 12.04 ? 135 TYR A N   1 
ATOM   557  C CA  . TYR A 1 67  ? 3.507   -12.479 -1.925  1.00 12.11 ? 135 TYR A CA  1 
ATOM   558  C C   . TYR A 1 67  ? 3.050   -13.906 -2.068  1.00 12.51 ? 135 TYR A C   1 
ATOM   559  O O   . TYR A 1 67  ? 2.983   -14.427 -3.181  1.00 13.46 ? 135 TYR A O   1 
ATOM   560  C CB  . TYR A 1 67  ? 2.285   -11.579 -2.091  1.00 11.83 ? 135 TYR A CB  1 
ATOM   561  C CG  . TYR A 1 67  ? 2.477   -10.141 -1.767  1.00 11.61 ? 135 TYR A CG  1 
ATOM   562  C CD1 . TYR A 1 67  ? 2.621   -9.709  -0.457  1.00 11.61 ? 135 TYR A CD1 1 
ATOM   563  C CD2 . TYR A 1 67  ? 2.429   -9.167  -2.763  1.00 11.78 ? 135 TYR A CD2 1 
ATOM   564  C CE1 . TYR A 1 67  ? 2.772   -8.365  -0.157  1.00 11.50 ? 135 TYR A CE1 1 
ATOM   565  C CE2 . TYR A 1 67  ? 2.593   -7.835  -2.465  1.00 11.86 ? 135 TYR A CE2 1 
ATOM   566  C CZ  . TYR A 1 67  ? 2.750   -7.437  -1.158  1.00 11.30 ? 135 TYR A CZ  1 
ATOM   567  O OH  . TYR A 1 67  ? 2.850   -6.106  -0.854  1.00 12.83 ? 135 TYR A OH  1 
ATOM   568  N N   . TRP A 1 68  ? 2.668   -14.510 -0.948  1.00 12.60 ? 136 TRP A N   1 
ATOM   569  C CA  . TRP A 1 68  ? 2.024   -15.817 -0.943  1.00 12.92 ? 136 TRP A CA  1 
ATOM   570  C C   . TRP A 1 68  ? 0.523   -15.678 -1.039  1.00 13.58 ? 136 TRP A C   1 
ATOM   571  O O   . TRP A 1 68  ? -0.145  -16.489 -1.676  1.00 16.00 ? 136 TRP A O   1 
ATOM   572  C CB  . TRP A 1 68  ? 2.394   -16.567 0.342   1.00 13.57 ? 136 TRP A CB  1 
ATOM   573  C CG  . TRP A 1 68  ? 1.548   -17.792 0.586   1.00 14.18 ? 136 TRP A CG  1 
ATOM   574  C CD1 . TRP A 1 68  ? 0.466   -17.881 1.409   1.00 14.29 ? 136 TRP A CD1 1 
ATOM   575  C CD2 . TRP A 1 68  ? 1.701   -19.072 -0.015  1.00 14.45 ? 136 TRP A CD2 1 
ATOM   576  N NE1 . TRP A 1 68  ? -0.057  -19.138 1.367   1.00 14.83 ? 136 TRP A NE1 1 
ATOM   577  C CE2 . TRP A 1 68  ? 0.670   -19.894 0.488   1.00 15.12 ? 136 TRP A CE2 1 
ATOM   578  C CE3 . TRP A 1 68  ? 2.617   -19.608 -0.911  1.00 14.80 ? 136 TRP A CE3 1 
ATOM   579  C CZ2 . TRP A 1 68  ? 0.544   -21.228 0.134   1.00 16.26 ? 136 TRP A CZ2 1 
ATOM   580  C CZ3 . TRP A 1 68  ? 2.501   -20.925 -1.273  1.00 16.09 ? 136 TRP A CZ3 1 
ATOM   581  C CH2 . TRP A 1 68  ? 1.464   -21.729 -0.751  1.00 16.16 ? 136 TRP A CH2 1 
ATOM   582  N N   . ALA A 1 69  ? -0.042  -14.656 -0.408  1.00 13.39 ? 137 ALA A N   1 
ATOM   583  C CA  . ALA A 1 69  ? -1.486  -14.542 -0.374  1.00 13.88 ? 137 ALA A CA  1 
ATOM   584  C C   . ALA A 1 69  ? -1.948  -13.071 -0.499  1.00 13.21 ? 137 ALA A C   1 
ATOM   585  O O   . ALA A 1 69  ? -1.243  -12.168 -0.072  1.00 12.49 ? 137 ALA A O   1 
ATOM   586  C CB  . ALA A 1 69  ? -2.029  -15.106 0.928   1.00 16.11 ? 137 ALA A CB  1 
ATOM   587  N N   . ALA A 1 70  ? -3.143  -12.847 -1.038  1.00 12.68 ? 138 ALA A N   1 
ATOM   588  C CA  . ALA A 1 70  ? -3.691  -11.500 -1.186  1.00 13.17 ? 138 ALA A CA  1 
ATOM   589  C C   . ALA A 1 70  ? -3.780  -10.779 0.155   1.00 12.56 ? 138 ALA A C   1 
ATOM   590  O O   . ALA A 1 70  ? -3.560  -9.561  0.213   1.00 10.97 ? 138 ALA A O   1 
ATOM   591  C CB  . ALA A 1 70  ? -5.049  -11.544 -1.842  1.00 13.62 ? 138 ALA A CB  1 
ATOM   592  N N   . SER A 1 71  ? -4.089  -11.488 1.238   1.00 11.58 ? 139 SER A N   1 
ATOM   593  C CA  . SER A 1 71  ? -4.226  -10.798 2.554   1.00 11.59 ? 139 SER A CA  1 
ATOM   594  C C   . SER A 1 71  ? -2.926  -10.116 2.969   1.00 11.75 ? 139 SER A C   1 
ATOM   595  O O   . SER A 1 71  ? -2.963  -9.145  3.693   1.00 10.30 ? 139 SER A O   1 
ATOM   596  C CB  . SER A 1 71  ? -4.695  -11.755 3.668   1.00 13.03 ? 139 SER A CB  1 
ATOM   597  O OG  . SER A 1 71  ? -3.727  -12.746 3.897   1.00 16.78 ? 139 SER A OG  1 
ATOM   598  N N   . GLU A 1 72  ? -1.797  -10.662 2.558   1.00 10.98 ? 140 GLU A N   1 
ATOM   599  C CA  . GLU A 1 72  ? -0.493  -10.111 2.857   1.00 12.02 ? 140 GLU A CA  1 
ATOM   600  C C   . GLU A 1 72  ? -0.306  -8.759  2.183   1.00 11.88 ? 140 GLU A C   1 
ATOM   601  O O   . GLU A 1 72  ? 0.189   -7.786  2.755   1.00 12.28 ? 140 GLU A O   1 
ATOM   602  C CB  . GLU A 1 72  ? 0.507   -11.149 2.380   1.00 15.25 ? 140 GLU A CB  1 
ATOM   603  C CG  . GLU A 1 72  ? 1.905   -11.113 2.890   1.00 17.80 ? 140 GLU A CG  1 
ATOM   604  C CD  . GLU A 1 72  ? 2.750   -12.213 2.263   1.00 17.35 ? 140 GLU A CD  1 
ATOM   605  O OE1 . GLU A 1 72  ? 2.264   -13.079 1.499   1.00 15.76 ? 140 GLU A OE1 1 
ATOM   606  O OE2 . GLU A 1 72  ? 3.955   -12.092 2.472   1.00 20.93 ? 140 GLU A OE2 1 
ATOM   607  N N   . CYS A 1 73  ? -0.710  -8.684  0.912   1.00 11.43 ? 141 CYS A N   1 
ATOM   608  C CA  . CYS A 1 73  ? -0.698  -7.421  0.204   1.00 12.03 ? 141 CYS A CA  1 
ATOM   609  C C   . CYS A 1 73  ? -1.676  -6.415  0.783   1.00 11.86 ? 141 CYS A C   1 
ATOM   610  O O   . CYS A 1 73  ? -1.398  -5.209  0.930   1.00 11.73 ? 141 CYS A O   1 
ATOM   611  C CB  . CYS A 1 73  ? -1.001  -7.719  -1.257  1.00 12.62 ? 141 CYS A CB  1 
ATOM   612  S SG  . CYS A 1 73  ? -1.015  -6.278  -2.333  1.00 13.97 ? 141 CYS A SG  1 
ATOM   613  N N   . MET A 1 74  ? -2.865  -6.877  1.060   1.00 11.61 ? 142 MET A N   1 
ATOM   614  C CA  . MET A 1 74  ? -3.849  -6.025  1.755   1.00 12.19 ? 142 MET A CA  1 
ATOM   615  C C   . MET A 1 74  ? -3.323  -5.465  3.042   1.00 11.04 ? 142 MET A C   1 
ATOM   616  O O   . MET A 1 74  ? -3.486  -4.254  3.315   1.00 10.52 ? 142 MET A O   1 
ATOM   617  C CB  . MET A 1 74  ? -5.121  -6.759  2.072   1.00 14.81 ? 142 MET A CB  1 
ATOM   618  C CG  . MET A 1 74  ? -5.727  -7.402  0.911   1.00 17.41 ? 142 MET A CG  1 
ATOM   619  S SD  . MET A 1 74  ? -6.572  -6.167  -0.045  1.00 22.00 ? 142 MET A SD  1 
ATOM   620  C CE  . MET A 1 74  ? -7.834  -7.266  0.120   1.00 17.72 ? 142 MET A CE  1 
ATOM   621  N N   . GLN A 1 75  ? -2.680  -6.312  3.841   1.00 9.76  ? 143 GLN A N   1 
ATOM   622  C CA  . GLN A 1 75  ? -2.076  -5.854  5.086   1.00 10.11 ? 143 GLN A CA  1 
ATOM   623  C C   . GLN A 1 75  ? -1.061  -4.736  4.807   1.00 10.17 ? 143 GLN A C   1 
ATOM   624  O O   . GLN A 1 75  ? -1.032  -3.731  5.531   1.00 10.18 ? 143 GLN A O   1 
ATOM   625  C CB  . GLN A 1 75  ? -1.386  -7.024  5.812   1.00 10.27 ? 143 GLN A CB  1 
ATOM   626  C CG  . GLN A 1 75  ? -0.738  -6.624  7.135   1.00 10.66 ? 143 GLN A CG  1 
ATOM   627  C CD  . GLN A 1 75  ? -0.085  -7.772  7.865   1.00 10.40 ? 143 GLN A CD  1 
ATOM   628  O OE1 . GLN A 1 75  ? -0.462  -8.947  7.685   1.00 11.26 ? 143 GLN A OE1 1 
ATOM   629  N NE2 . GLN A 1 75  ? 0.890   -7.446  8.684   1.00 11.50 ? 143 GLN A NE2 1 
ATOM   630  N N   . ASP A 1 76  ? -0.229  -4.883  3.775   1.00 10.01 ? 144 ASP A N   1 
ATOM   631  C CA  . ASP A 1 76  ? 0.715   -3.809  3.422   1.00 10.11 ? 144 ASP A CA  1 
ATOM   632  C C   . ASP A 1 76  ? 0.012   -2.493  3.088   1.00 10.39 ? 144 ASP A C   1 
ATOM   633  O O   . ASP A 1 76  ? 0.381   -1.444  3.556   1.00 10.58 ? 144 ASP A O   1 
ATOM   634  C CB  . ASP A 1 76  ? 1.631   -4.205  2.253   1.00 11.04 ? 144 ASP A CB  1 
ATOM   635  C CG  . ASP A 1 76  ? 2.667   -5.231  2.613   1.00 12.33 ? 144 ASP A CG  1 
ATOM   636  O OD1 . ASP A 1 76  ? 2.901   -5.505  3.804   1.00 13.98 ? 144 ASP A OD1 1 
ATOM   637  O OD2 . ASP A 1 76  ? 3.309   -5.796  1.696   1.00 12.95 ? 144 ASP A OD2 1 
ATOM   638  N N   . PHE A 1 77  ? -1.007  -2.546  2.219   1.00 9.95  ? 145 PHE A N   1 
ATOM   639  C CA  . PHE A 1 77  ? -1.756  -1.328  1.917   1.00 10.53 ? 145 PHE A CA  1 
ATOM   640  C C   . PHE A 1 77  ? -2.347  -0.709  3.180   1.00 10.45 ? 145 PHE A C   1 
ATOM   641  O O   . PHE A 1 77  ? -2.234  0.493   3.397   1.00 10.96 ? 145 PHE A O   1 
ATOM   642  C CB  . PHE A 1 77  ? -2.895  -1.593  0.930   1.00 11.47 ? 145 PHE A CB  1 
ATOM   643  C CG  . PHE A 1 77  ? -2.495  -1.603  -0.521  1.00 12.54 ? 145 PHE A CG  1 
ATOM   644  C CD1 . PHE A 1 77  ? -2.260  -0.401  -1.167  1.00 13.67 ? 145 PHE A CD1 1 
ATOM   645  C CD2 . PHE A 1 77  ? -2.458  -2.769  -1.253  1.00 13.20 ? 145 PHE A CD2 1 
ATOM   646  C CE1 . PHE A 1 77  ? -1.952  -0.373  -2.521  1.00 14.45 ? 145 PHE A CE1 1 
ATOM   647  C CE2 . PHE A 1 77  ? -2.156  -2.738  -2.622  1.00 14.10 ? 145 PHE A CE2 1 
ATOM   648  C CZ  . PHE A 1 77  ? -1.909  -1.536  -3.234  1.00 15.51 ? 145 PHE A CZ  1 
ATOM   649  N N   . ASN A 1 78  ? -3.004  -1.506  4.009   1.00 10.61 ? 146 ASN A N   1 
ATOM   650  C CA  . ASN A 1 78  ? -3.621  -0.921  5.202   1.00 11.20 ? 146 ASN A CA  1 
ATOM   651  C C   . ASN A 1 78  ? -2.615  -0.424  6.213   1.00 10.71 ? 146 ASN A C   1 
ATOM   652  O O   . ASN A 1 78  ? -2.883  0.558   6.881   1.00 10.52 ? 146 ASN A O   1 
ATOM   653  C CB  . ASN A 1 78  ? -4.670  -1.847  5.781   1.00 13.26 ? 146 ASN A CB  1 
ATOM   654  C CG  . ASN A 1 78  ? -5.952  -1.848  4.887   1.00 15.24 ? 146 ASN A CG  1 
ATOM   655  O OD1 . ASN A 1 78  ? -6.440  -2.860  4.501   1.00 16.58 ? 146 ASN A OD1 1 
ATOM   656  N ND2 . ASN A 1 78  ? -6.432  -0.651  4.538   1.00 17.48 ? 146 ASN A ND2 1 
ATOM   657  N N   . THR A 1 79  ? -1.435  -1.031  6.230   1.00 10.04 ? 147 THR A N   1 
ATOM   658  C CA  . THR A 1 79  ? -0.336  -0.513  7.068   1.00 9.85  ? 147 THR A CA  1 
ATOM   659  C C   . THR A 1 79  ? 0.128   0.850   6.587   1.00 9.83  ? 147 THR A C   1 
ATOM   660  O O   . THR A 1 79  ? 0.274   1.787   7.366   1.00 9.62  ? 147 THR A O   1 
ATOM   661  C CB  . THR A 1 79  ? 0.822   -1.512  7.092   1.00 10.44 ? 147 THR A CB  1 
ATOM   662  O OG1 . THR A 1 79  ? 0.328   -2.733  7.638   1.00 10.86 ? 147 THR A OG1 1 
ATOM   663  C CG2 . THR A 1 79  ? 1.994   -0.989  7.959   1.00 10.63 ? 147 THR A CG2 1 
ATOM   664  N N   . MET A 1 80  ? 0.313   0.995   5.283   1.00 9.52  ? 148 MET A N   1 
ATOM   665  C CA  . MET A 1 80  ? 0.678   2.285   4.722   1.00 10.31 ? 148 MET A CA  1 
ATOM   666  C C   . MET A 1 80  ? -0.336  3.352   5.087   1.00 10.46 ? 148 MET A C   1 
ATOM   667  O O   . MET A 1 80  ? 0.015   4.461   5.514   1.00 10.48 ? 148 MET A O   1 
ATOM   668  C CB  . MET A 1 80  ? 0.803   2.164   3.196   1.00 11.46 ? 148 MET A CB  1 
ATOM   669  C CG  . MET A 1 80  ? 1.115   3.463   2.504   1.00 12.03 ? 148 MET A CG  1 
ATOM   670  S SD  . MET A 1 80  ? 1.099   3.302   0.715   1.00 13.68 ? 148 MET A SD  1 
ATOM   671  C CE  . MET A 1 80  ? -0.648  3.368   0.401   1.00 16.99 ? 148 MET A CE  1 
ATOM   672  N N   . PHE A 1 81  ? -1.613  3.081   4.881   1.00 9.77  ? 149 PHE A N   1 
ATOM   673  C CA  . PHE A 1 81  ? -2.651  4.068   5.181   1.00 10.81 ? 149 PHE A CA  1 
ATOM   674  C C   . PHE A 1 81  ? -2.679  4.379   6.679   1.00 10.85 ? 149 PHE A C   1 
ATOM   675  O O   . PHE A 1 81  ? -2.743  5.545   7.107   1.00 10.57 ? 149 PHE A O   1 
ATOM   676  C CB  . PHE A 1 81  ? -4.047  3.628   4.686   1.00 11.90 ? 149 PHE A CB  1 
ATOM   677  C CG  . PHE A 1 81  ? -4.169  3.506   3.187   1.00 13.58 ? 149 PHE A CG  1 
ATOM   678  C CD1 . PHE A 1 81  ? -3.848  4.565   2.346   1.00 15.08 ? 149 PHE A CD1 1 
ATOM   679  C CD2 . PHE A 1 81  ? -4.719  2.363   2.634   1.00 14.75 ? 149 PHE A CD2 1 
ATOM   680  C CE1 . PHE A 1 81  ? -4.028  4.444   0.965   1.00 16.43 ? 149 PHE A CE1 1 
ATOM   681  C CE2 . PHE A 1 81  ? -4.893  2.268   1.244   1.00 15.63 ? 149 PHE A CE2 1 
ATOM   682  C CZ  . PHE A 1 81  ? -4.531  3.280   0.444   1.00 16.00 ? 149 PHE A CZ  1 
ATOM   683  N N   . THR A 1 82  ? -2.621  3.342   7.494   1.00 10.38 ? 150 THR A N   1 
ATOM   684  C CA  . THR A 1 82  ? -2.655  3.528   8.938   1.00 10.53 ? 150 THR A CA  1 
ATOM   685  C C   . THR A 1 82  ? -1.475  4.368   9.408   1.00 10.03 ? 150 THR A C   1 
ATOM   686  O O   . THR A 1 82  ? -1.625  5.233   10.282  1.00 10.02 ? 150 THR A O   1 
ATOM   687  C CB  . THR A 1 82  ? -2.689  2.171   9.647   1.00 10.17 ? 150 THR A CB  1 
ATOM   688  O OG1 . THR A 1 82  ? -3.919  1.521   9.312   1.00 11.38 ? 150 THR A OG1 1 
ATOM   689  C CG2 . THR A 1 82  ? -2.608  2.323   11.149  1.00 11.22 ? 150 THR A CG2 1 
ATOM   690  N N   . ASN A 1 83  ? -0.284  4.124   8.864   1.00 9.77  ? 151 ASN A N   1 
ATOM   691  C CA  . ASN A 1 83  ? 0.898   4.876   9.291   1.00 9.89  ? 151 ASN A CA  1 
ATOM   692  C C   . ASN A 1 83  ? 0.655   6.368   9.131   1.00 10.71 ? 151 ASN A C   1 
ATOM   693  O O   . ASN A 1 83  ? 1.039   7.151   9.994   1.00 11.43 ? 151 ASN A O   1 
ATOM   694  C CB  . ASN A 1 83  ? 2.118   4.465   8.480   1.00 10.27 ? 151 ASN A CB  1 
ATOM   695  C CG  . ASN A 1 83  ? 2.617   3.083   8.817   1.00 10.47 ? 151 ASN A CG  1 
ATOM   696  O OD1 . ASN A 1 83  ? 2.240   2.492   9.822   1.00 10.18 ? 151 ASN A OD1 1 
ATOM   697  N ND2 . ASN A 1 83  ? 3.511   2.564   7.970   1.00 10.72 ? 151 ASN A ND2 1 
ATOM   698  N N   . CYS A 1 84  ? 0.015   6.764   8.027   1.00 10.67 ? 152 CYS A N   1 
ATOM   699  C CA  . CYS A 1 84  ? -0.282  8.181   7.769   1.00 12.47 ? 152 CYS A CA  1 
ATOM   700  C C   . CYS A 1 84  ? -1.263  8.714   8.830   1.00 12.54 ? 152 CYS A C   1 
ATOM   701  O O   . CYS A 1 84  ? -1.027  9.759   9.474   1.00 12.33 ? 152 CYS A O   1 
ATOM   702  C CB  . CYS A 1 84  ? -0.820  8.315   6.347   1.00 12.52 ? 152 CYS A CB  1 
ATOM   703  S SG  . CYS A 1 84  ? -1.223  10.005  5.928   1.00 15.47 ? 152 CYS A SG  1 
ATOM   704  N N   . HIS A 1 85  ? -2.351  8.000   9.058   1.00 12.40 ? 153 HIS A N   1 
ATOM   705  C CA  . HIS A 1 85  ? -3.331  8.439   10.050  1.00 13.15 ? 153 HIS A CA  1 
ATOM   706  C C   . HIS A 1 85  ? -2.710  8.551   11.426  1.00 13.32 ? 153 HIS A C   1 
ATOM   707  O O   . HIS A 1 85  ? -3.034  9.471   12.193  1.00 14.73 ? 153 HIS A O   1 
ATOM   708  C CB  . HIS A 1 85  ? -4.506  7.461   10.130  1.00 13.83 ? 153 HIS A CB  1 
ATOM   709  C CG  . HIS A 1 85  ? -5.420  7.530   8.963   1.00 16.27 ? 153 HIS A CG  1 
ATOM   710  N ND1 . HIS A 1 85  ? -6.236  8.617   8.728   1.00 20.32 ? 153 HIS A ND1 1 
ATOM   711  C CD2 . HIS A 1 85  ? -5.653  6.656   7.966   1.00 17.11 ? 153 HIS A CD2 1 
ATOM   712  C CE1 . HIS A 1 85  ? -6.911  8.411   7.609   1.00 20.47 ? 153 HIS A CE1 1 
ATOM   713  N NE2 . HIS A 1 85  ? -6.564  7.235   7.123   1.00 19.41 ? 153 HIS A NE2 1 
ATOM   714  N N   . ILE A 1 86  ? -1.817  7.638   11.772  1.00 12.22 ? 154 ILE A N   1 
ATOM   715  C CA  . ILE A 1 86  ? -1.169  7.640   13.090  1.00 13.17 ? 154 ILE A CA  1 
ATOM   716  C C   . ILE A 1 86  ? -0.160  8.782   13.210  1.00 13.78 ? 154 ILE A C   1 
ATOM   717  O O   . ILE A 1 86  ? -0.163  9.525   14.215  1.00 13.71 ? 154 ILE A O   1 
ATOM   718  C CB  . ILE A 1 86  ? -0.421  6.314   13.338  1.00 15.64 ? 154 ILE A CB  1 
ATOM   719  C CG1 . ILE A 1 86  ? -1.382  5.171   13.545  1.00 16.78 ? 154 ILE A CG1 1 
ATOM   720  C CG2 . ILE A 1 86  ? 0.531   6.402   14.557  1.00 17.74 ? 154 ILE A CG2 1 
ATOM   721  C CD1 . ILE A 1 86  ? -0.628  3.852   13.658  1.00 18.09 ? 154 ILE A CD1 1 
ATOM   722  N N   . TYR A 1 87  ? 0.735   8.926   12.244  1.00 12.39 ? 155 TYR A N   1 
ATOM   723  C CA  . TYR A 1 87  ? 1.843   9.884   12.385  1.00 12.77 ? 155 TYR A CA  1 
ATOM   724  C C   . TYR A 1 87  ? 1.408   11.327  12.179  1.00 13.63 ? 155 TYR A C   1 
ATOM   725  O O   . TYR A 1 87  ? 1.838   12.232  12.907  1.00 14.14 ? 155 TYR A O   1 
ATOM   726  C CB  . TYR A 1 87  ? 2.992   9.585   11.388  1.00 13.58 ? 155 TYR A CB  1 
ATOM   727  C CG  . TYR A 1 87  ? 4.108   10.573  11.521  1.00 14.76 ? 155 TYR A CG  1 
ATOM   728  C CD1 . TYR A 1 87  ? 4.997   10.495  12.582  1.00 15.11 ? 155 TYR A CD1 1 
ATOM   729  C CD2 . TYR A 1 87  ? 4.229   11.638  10.610  1.00 15.24 ? 155 TYR A CD2 1 
ATOM   730  C CE1 . TYR A 1 87  ? 5.993   11.453  12.759  1.00 16.55 ? 155 TYR A CE1 1 
ATOM   731  C CE2 . TYR A 1 87  ? 5.220   12.596  10.788  1.00 16.67 ? 155 TYR A CE2 1 
ATOM   732  C CZ  . TYR A 1 87  ? 6.089   12.466  11.851  1.00 17.11 ? 155 TYR A CZ  1 
ATOM   733  O OH  . TYR A 1 87  ? 7.106   13.407  12.045  1.00 21.39 ? 155 TYR A OH  1 
ATOM   734  N N   . ASN A 1 88  ? 0.595   11.566  11.161  1.00 13.44 ? 156 ASN A N   1 
ATOM   735  C CA  . ASN A 1 88  ? 0.225   12.928  10.776  1.00 13.51 ? 156 ASN A CA  1 
ATOM   736  C C   . ASN A 1 88  ? -0.885  13.553  11.602  1.00 15.11 ? 156 ASN A C   1 
ATOM   737  O O   . ASN A 1 88  ? -1.770  12.879  12.109  1.00 15.73 ? 156 ASN A O   1 
ATOM   738  C CB  . ASN A 1 88  ? -0.103  12.968  9.273   1.00 13.89 ? 156 ASN A CB  1 
ATOM   739  C CG  . ASN A 1 88  ? 1.144   12.780  8.441   1.00 14.63 ? 156 ASN A CG  1 
ATOM   740  O OD1 . ASN A 1 88  ? 1.961   13.716  8.292   1.00 16.88 ? 156 ASN A OD1 1 
ATOM   741  N ND2 . ASN A 1 88  ? 1.337   11.613  7.921   1.00 13.03 ? 156 ASN A ND2 1 
ATOM   742  N N   . LYS A 1 89  ? -0.879  14.876  11.681  1.00 16.19 ? 157 LYS A N   1 
ATOM   743  C CA  . LYS A 1 89  ? -1.998  15.592  12.284  1.00 17.00 ? 157 LYS A CA  1 
ATOM   744  C C   . LYS A 1 89  ? -3.250  15.383  11.407  1.00 17.32 ? 157 LYS A C   1 
ATOM   745  O O   . LYS A 1 89  ? -3.114  15.301  10.197  1.00 16.82 ? 157 LYS A O   1 
ATOM   746  C CB  . LYS A 1 89  ? -1.656  17.089  12.401  1.00 18.13 ? 157 LYS A CB  1 
ATOM   747  C CG  . LYS A 1 89  ? -0.447  17.383  13.257  1.00 20.23 ? 157 LYS A CG  1 
ATOM   748  C CD  . LYS A 1 89  ? -0.227  18.892  13.441  1.00 22.67 ? 157 LYS A CD  1 
ATOM   749  C CE  . LYS A 1 89  ? 1.157   19.180  14.013  1.00 26.33 ? 157 LYS A CE  1 
ATOM   750  N NZ  . LYS A 1 89  ? 2.267   19.039  13.015  1.00 29.31 ? 157 LYS A NZ  1 
ATOM   751  N N   . PRO A 1 90  ? -4.466  15.351  11.990  1.00 18.47 ? 158 PRO A N   1 
ATOM   752  C CA  . PRO A 1 90  ? -5.670  15.166  11.159  1.00 20.85 ? 158 PRO A CA  1 
ATOM   753  C C   . PRO A 1 90  ? -5.874  16.268  10.121  1.00 22.21 ? 158 PRO A C   1 
ATOM   754  O O   . PRO A 1 90  ? -6.552  16.057  9.121   1.00 24.22 ? 158 PRO A O   1 
ATOM   755  C CB  . PRO A 1 90  ? -6.825  15.139  12.173  1.00 22.18 ? 158 PRO A CB  1 
ATOM   756  C CG  . PRO A 1 90  ? -6.207  14.962  13.513  1.00 22.32 ? 158 PRO A CG  1 
ATOM   757  C CD  . PRO A 1 90  ? -4.735  15.217  13.433  1.00 20.82 ? 158 PRO A CD  1 
ATOM   758  N N   . THR A 1 91  ? -5.271  17.427  10.351  1.00 19.73 ? 159 THR A N   1 
ATOM   759  C CA  . THR A 1 91  ? -5.384  18.564  9.455   1.00 22.26 ? 159 THR A CA  1 
ATOM   760  C C   . THR A 1 91  ? -4.307  18.591  8.372   1.00 22.29 ? 159 THR A C   1 
ATOM   761  O O   . THR A 1 91  ? -4.344  19.489  7.515   1.00 23.90 ? 159 THR A O   1 
ATOM   762  C CB  . THR A 1 91  ? -5.312  19.875  10.265  1.00 22.22 ? 159 THR A CB  1 
ATOM   763  O OG1 . THR A 1 91  ? -4.188  19.827  11.152  1.00 22.79 ? 159 THR A OG1 1 
ATOM   764  C CG2 . THR A 1 91  ? -6.596  20.080  11.037  1.00 23.92 ? 159 THR A CG2 1 
ATOM   765  N N   . ASP A 1 92  ? -3.326  17.669  8.413   1.00 19.31 ? 160 ASP A N   1 
ATOM   766  C CA  . ASP A 1 92  ? -2.279  17.658  7.411   1.00 20.05 ? 160 ASP A CA  1 
ATOM   767  C C   . ASP A 1 92  ? -2.865  17.317  6.042   1.00 19.54 ? 160 ASP A C   1 
ATOM   768  O O   . ASP A 1 92  ? -3.757  16.456  5.910   1.00 18.81 ? 160 ASP A O   1 
ATOM   769  C CB  . ASP A 1 92  ? -1.169  16.646  7.730   1.00 19.71 ? 160 ASP A CB  1 
ATOM   770  C CG  . ASP A 1 92  ? -0.254  17.066  8.911   1.00 20.44 ? 160 ASP A CG  1 
ATOM   771  O OD1 . ASP A 1 92  ? -0.272  18.263  9.334   1.00 23.08 ? 160 ASP A OD1 1 
ATOM   772  O OD2 . ASP A 1 92  ? 0.552   16.246  9.408   1.00 20.70 ? 160 ASP A OD2 1 
ATOM   773  N N   . ASP A 1 93  ? -2.358  17.992  5.008   1.00 18.30 ? 161 ASP A N   1 
ATOM   774  C CA  . ASP A 1 93  ? -2.810  17.743  3.635   1.00 18.39 ? 161 ASP A CA  1 
ATOM   775  C C   . ASP A 1 93  ? -2.678  16.261  3.231   1.00 15.71 ? 161 ASP A C   1 
ATOM   776  O O   . ASP A 1 93  ? -3.551  15.689  2.551   1.00 15.10 ? 161 ASP A O   1 
ATOM   777  C CB  . ASP A 1 93  ? -2.008  18.604  2.644   1.00 19.76 ? 161 ASP A CB  1 
ATOM   778  C CG  . ASP A 1 93  ? -2.399  20.080  2.682   1.00 23.92 ? 161 ASP A CG  1 
ATOM   779  O OD1 . ASP A 1 93  ? -3.402  20.431  3.320   1.00 28.18 ? 161 ASP A OD1 1 
ATOM   780  O OD2 . ASP A 1 93  ? -1.685  20.882  2.031   1.00 26.20 ? 161 ASP A OD2 1 
ATOM   781  N N   . ILE A 1 94  ? -1.609  15.631  3.711   1.00 14.68 ? 162 ILE A N   1 
ATOM   782  C CA  . ILE A 1 94  ? -1.352  14.239  3.351   1.00 14.23 ? 162 ILE A CA  1 
ATOM   783  C C   . ILE A 1 94  ? -2.454  13.309  3.854   1.00 14.45 ? 162 ILE A C   1 
ATOM   784  O O   . ILE A 1 94  ? -2.706  12.259  3.250   1.00 13.35 ? 162 ILE A O   1 
ATOM   785  C CB  . ILE A 1 94  ? 0.038   13.769  3.830   1.00 14.78 ? 162 ILE A CB  1 
ATOM   786  C CG1 . ILE A 1 94  ? 0.416   12.432  3.186   1.00 15.37 ? 162 ILE A CG1 1 
ATOM   787  C CG2 . ILE A 1 94  ? 0.109   13.659  5.353   1.00 14.72 ? 162 ILE A CG2 1 
ATOM   788  C CD1 . ILE A 1 94  ? 1.796   11.927  3.551   1.00 16.63 ? 162 ILE A CD1 1 
ATOM   789  N N   . VAL A 1 95  ? -3.131  13.657  4.947   1.00 13.70 ? 163 VAL A N   1 
ATOM   790  C CA  . VAL A 1 95  ? -4.253  12.839  5.414   1.00 13.76 ? 163 VAL A CA  1 
ATOM   791  C C   . VAL A 1 95  ? -5.384  12.836  4.416   1.00 13.99 ? 163 VAL A C   1 
ATOM   792  O O   . VAL A 1 95  ? -5.937  11.793  4.144   1.00 14.08 ? 163 VAL A O   1 
ATOM   793  C CB  . VAL A 1 95  ? -4.710  13.252  6.824   1.00 13.81 ? 163 VAL A CB  1 
ATOM   794  C CG1 . VAL A 1 95  ? -6.020  12.563  7.226   1.00 14.18 ? 163 VAL A CG1 1 
ATOM   795  C CG2 . VAL A 1 95  ? -3.597  12.931  7.819   1.00 15.14 ? 163 VAL A CG2 1 
ATOM   796  N N   . LEU A 1 96  ? -5.729  13.990  3.838   1.00 13.78 ? 164 LEU A N   1 
ATOM   797  C CA  . LEU A 1 96  ? -6.718  14.029  2.785   1.00 15.28 ? 164 LEU A CA  1 
ATOM   798  C C   . LEU A 1 96  ? -6.307  13.203  1.572   1.00 14.18 ? 164 LEU A C   1 
ATOM   799  O O   . LEU A 1 96  ? -7.131  12.511  0.962   1.00 14.35 ? 164 LEU A O   1 
ATOM   800  C CB  . LEU A 1 96  ? -6.984  15.480  2.365   1.00 18.08 ? 164 LEU A CB  1 
ATOM   801  C CG  . LEU A 1 96  ? -8.001  15.631  1.242   1.00 21.07 ? 164 LEU A CG  1 
ATOM   802  C CD1 . LEU A 1 96  ? -9.321  14.971  1.600   1.00 23.65 ? 164 LEU A CD1 1 
ATOM   803  C CD2 . LEU A 1 96  ? -8.175  17.122  0.991   1.00 23.74 ? 164 LEU A CD2 1 
ATOM   804  N N   . MET A 1 97  ? -5.031  13.251  1.255   1.00 14.22 ? 165 MET A N   1 
ATOM   805  C CA  . MET A 1 97  ? -4.505  12.504  0.106   1.00 15.62 ? 165 MET A CA  1 
ATOM   806  C C   . MET A 1 97  ? -4.672  11.016  0.404   1.00 14.35 ? 165 MET A C   1 
ATOM   807  O O   . MET A 1 97  ? -5.173  10.274  -0.428  1.00 14.13 ? 165 MET A O   1 
ATOM   808  C CB  . MET A 1 97  ? -3.041  12.857  -0.147  1.00 17.63 ? 165 MET A CB  1 
ATOM   809  C CG  . MET A 1 97  ? -2.858  14.345  -0.492  1.00 19.25 ? 165 MET A CG  1 
ATOM   810  S SD  . MET A 1 97  ? -1.148  14.964  -0.510  1.00 23.54 ? 165 MET A SD  1 
ATOM   811  C CE  . MET A 1 97  ? -0.733  14.324  -2.111  1.00 23.05 ? 165 MET A CE  1 
ATOM   812  N N   . ALA A 1 98  ? -4.301  10.574  1.606   1.00 14.37 ? 166 ALA A N   1 
ATOM   813  C CA  . ALA A 1 98  ? -4.481  9.157   1.984   1.00 13.61 ? 166 ALA A CA  1 
ATOM   814  C C   . ALA A 1 98  ? -5.952  8.748   1.963   1.00 13.66 ? 166 ALA A C   1 
ATOM   815  O O   . ALA A 1 98  ? -6.285  7.674   1.461   1.00 12.95 ? 166 ALA A O   1 
ATOM   816  C CB  . ALA A 1 98  ? -3.914  8.923   3.355   1.00 14.27 ? 166 ALA A CB  1 
ATOM   817  N N   . GLN A 1 99  ? -6.852  9.593   2.455   1.00 13.08 ? 167 GLN A N   1 
ATOM   818  C CA  . GLN A 1 99  ? -8.286  9.281   2.433   1.00 14.20 ? 167 GLN A CA  1 
ATOM   819  C C   . GLN A 1 99  ? -8.805  9.100   1.006   1.00 14.13 ? 167 GLN A C   1 
ATOM   820  O O   . GLN A 1 99  ? -9.673  8.265   0.739   1.00 15.08 ? 167 GLN A O   1 
ATOM   821  C CB  . GLN A 1 99  ? -9.099  10.371  3.117   1.00 15.86 ? 167 GLN A CB  1 
ATOM   822  C CG  . GLN A 1 99  ? -8.875  10.388  4.606   1.00 17.58 ? 167 GLN A CG  1 
ATOM   823  C CD  . GLN A 1 99  ? -9.460  11.572  5.326   1.00 23.24 ? 167 GLN A CD  1 
ATOM   824  O OE1 . GLN A 1 99  ? -9.504  12.678  4.808   1.00 23.54 ? 167 GLN A OE1 1 
ATOM   825  N NE2 . GLN A 1 99  ? -9.828  11.351  6.578   1.00 27.06 ? 167 GLN A NE2 1 
ATOM   826  N N   . THR A 1 100 ? -8.282  9.900   0.097   1.00 13.46 ? 168 THR A N   1 
ATOM   827  C CA  . THR A 1 100 ? -8.722  9.849   -1.289  1.00 14.49 ? 168 THR A CA  1 
ATOM   828  C C   . THR A 1 100 ? -8.287  8.518   -1.890  1.00 13.90 ? 168 THR A C   1 
ATOM   829  O O   . THR A 1 100 ? -9.088  7.813   -2.520  1.00 15.32 ? 168 THR A O   1 
ATOM   830  C CB  . THR A 1 100 ? -8.115  11.003  -2.071  1.00 14.93 ? 168 THR A CB  1 
ATOM   831  O OG1 . THR A 1 100 ? -8.481  12.248  -1.442  1.00 16.45 ? 168 THR A OG1 1 
ATOM   832  C CG2 . THR A 1 100 ? -8.584  10.955  -3.539  1.00 16.15 ? 168 THR A CG2 1 
ATOM   833  N N   . LEU A 1 101 ? -7.030  8.155   -1.658  1.00 13.13 ? 169 LEU A N   1 
ATOM   834  C CA  . LEU A 1 101 ? -6.527  6.859   -2.107  1.00 13.60 ? 169 LEU A CA  1 
ATOM   835  C C   . LEU A 1 101 ? -7.226  5.671   -1.454  1.00 13.63 ? 169 LEU A C   1 
ATOM   836  O O   . LEU A 1 101 ? -7.462  4.647   -2.123  1.00 13.34 ? 169 LEU A O   1 
ATOM   837  C CB  . LEU A 1 101 ? -5.041  6.727   -1.900  1.00 14.49 ? 169 LEU A CB  1 
ATOM   838  C CG  . LEU A 1 101 ? -4.135  7.776   -2.586  1.00 15.92 ? 169 LEU A CG  1 
ATOM   839  C CD1 . LEU A 1 101 ? -2.702  7.623   -2.090  1.00 18.09 ? 169 LEU A CD1 1 
ATOM   840  C CD2 . LEU A 1 101 ? -4.218  7.705   -4.111  1.00 17.44 ? 169 LEU A CD2 1 
ATOM   841  N N   . GLU A 1 102 ? -7.570  5.791   -0.179  1.00 12.80 ? 170 GLU A N   1 
ATOM   842  C CA  . GLU A 1 102 ? -8.295  4.727   0.500   1.00 13.00 ? 170 GLU A CA  1 
ATOM   843  C C   . GLU A 1 102 ? -9.629  4.466   -0.190  1.00 13.45 ? 170 GLU A C   1 
ATOM   844  O O   . GLU A 1 102 ? -10.057 3.293   -0.304  1.00 12.28 ? 170 GLU A O   1 
ATOM   845  C CB  . GLU A 1 102 ? -8.564  5.080   1.970   1.00 14.19 ? 170 GLU A CB  1 
ATOM   846  C CG  . GLU A 1 102 ? -7.339  4.999   2.891   1.00 15.68 ? 170 GLU A CG  1 
ATOM   847  C CD  . GLU A 1 102 ? -7.615  5.480   4.307   1.00 20.87 ? 170 GLU A CD  1 
ATOM   848  O OE1 . GLU A 1 102 ? -8.077  6.625   4.507   1.00 25.66 ? 170 GLU A OE1 1 
ATOM   849  O OE2 . GLU A 1 102 ? -7.367  4.720   5.271   1.00 25.41 ? 170 GLU A OE2 1 
ATOM   850  N N   . LYS A 1 103 ? -10.332 5.520   -0.597  1.00 13.96 ? 171 LYS A N   1 
ATOM   851  C CA  . LYS A 1 103 ? -11.641 5.358   -1.233  1.00 15.17 ? 171 LYS A CA  1 
ATOM   852  C C   . LYS A 1 103 ? -11.469 4.590   -2.542  1.00 14.36 ? 171 LYS A C   1 
ATOM   853  O O   . LYS A 1 103 ? -12.222 3.655   -2.827  1.00 15.55 ? 171 LYS A O   1 
ATOM   854  C CB  . LYS A 1 103 ? -12.270 6.733   -1.523  1.00 18.13 ? 171 LYS A CB  1 
ATOM   855  C CG  . LYS A 1 103 ? -13.580 6.692   -2.293  1.00 23.18 ? 171 LYS A CG  1 
ATOM   856  C CD  . LYS A 1 103 ? -14.308 8.026   -2.308  1.00 27.69 ? 171 LYS A CD  1 
ATOM   857  C CE  . LYS A 1 103 ? -15.705 7.841   -2.873  1.00 31.12 ? 171 LYS A CE  1 
ATOM   858  N NZ  . LYS A 1 103 ? -16.337 9.155   -3.167  1.00 34.76 ? 171 LYS A NZ  1 
ATOM   859  N N   . ILE A 1 104 ? -10.451 4.933   -3.329  1.00 14.58 ? 172 ILE A N   1 
ATOM   860  C CA  . ILE A 1 104 ? -10.177 4.246   -4.592  1.00 15.34 ? 172 ILE A CA  1 
ATOM   861  C C   . ILE A 1 104 ? -9.817  2.780   -4.301  1.00 14.63 ? 172 ILE A C   1 
ATOM   862  O O   . ILE A 1 104 ? -10.300 1.869   -4.966  1.00 15.46 ? 172 ILE A O   1 
ATOM   863  C CB  . ILE A 1 104 ? -9.074  4.950   -5.404  1.00 16.58 ? 172 ILE A CB  1 
ATOM   864  C CG1 . ILE A 1 104 ? -9.508  6.388   -5.780  1.00 18.82 ? 172 ILE A CG1 1 
ATOM   865  C CG2 . ILE A 1 104 ? -8.673  4.159   -6.639  1.00 17.22 ? 172 ILE A CG2 1 
ATOM   866  C CD1 . ILE A 1 104 ? -8.382  7.223   -6.320  1.00 21.89 ? 172 ILE A CD1 1 
ATOM   867  N N   . PHE A 1 105 ? -8.948  2.555   -3.310  1.00 13.96 ? 173 PHE A N   1 
ATOM   868  C CA  . PHE A 1 105 ? -8.546  1.205   -2.923  1.00 13.48 ? 173 PHE A CA  1 
ATOM   869  C C   . PHE A 1 105 ? -9.794  0.358   -2.624  1.00 12.98 ? 173 PHE A C   1 
ATOM   870  O O   . PHE A 1 105 ? -9.962  -0.733  -3.165  1.00 13.41 ? 173 PHE A O   1 
ATOM   871  C CB  . PHE A 1 105 ? -7.643  1.295   -1.700  1.00 13.21 ? 173 PHE A CB  1 
ATOM   872  C CG  . PHE A 1 105 ? -7.250  -0.031  -1.122  1.00 13.88 ? 173 PHE A CG  1 
ATOM   873  C CD1 . PHE A 1 105 ? -6.330  -0.832  -1.744  1.00 14.09 ? 173 PHE A CD1 1 
ATOM   874  C CD2 . PHE A 1 105 ? -7.800  -0.444  0.070   1.00 15.17 ? 173 PHE A CD2 1 
ATOM   875  C CE1 . PHE A 1 105 ? -5.958  -2.048  -1.188  1.00 14.28 ? 173 PHE A CE1 1 
ATOM   876  C CE2 . PHE A 1 105 ? -7.404  -1.657  0.640   1.00 16.04 ? 173 PHE A CE2 1 
ATOM   877  C CZ  . PHE A 1 105 ? -6.496  -2.442  -0.010  1.00 15.00 ? 173 PHE A CZ  1 
ATOM   878  N N   . LEU A 1 106 ? -10.667 0.859   -1.778  1.00 13.17 ? 174 LEU A N   1 
ATOM   879  C CA  . LEU A 1 106 ? -11.899 0.151   -1.425  1.00 14.22 ? 174 LEU A CA  1 
ATOM   880  C C   . LEU A 1 106 ? -12.818 -0.090  -2.623  1.00 15.20 ? 174 LEU A C   1 
ATOM   881  O O   . LEU A 1 106 ? -13.383 -1.185  -2.764  1.00 14.76 ? 174 LEU A O   1 
ATOM   882  C CB  . LEU A 1 106 ? -12.670 0.860   -0.316  1.00 15.96 ? 174 LEU A CB  1 
ATOM   883  C CG  . LEU A 1 106 ? -12.012 0.798   1.059   1.00 17.28 ? 174 LEU A CG  1 
ATOM   884  C CD1 . LEU A 1 106 ? -12.739 1.736   1.996   1.00 19.84 ? 174 LEU A CD1 1 
ATOM   885  C CD2 . LEU A 1 106 ? -11.982 -0.639  1.561   1.00 17.61 ? 174 LEU A CD2 1 
ATOM   886  N N   . GLN A 1 107 ? -12.926 0.904   -3.494  1.00 14.86 ? 175 GLN A N   1 
ATOM   887  C CA  . GLN A 1 107 ? -13.781 0.771   -4.678  1.00 16.11 ? 175 GLN A CA  1 
ATOM   888  C C   . GLN A 1 107 ? -13.264 -0.314  -5.594  1.00 15.51 ? 175 GLN A C   1 
ATOM   889  O O   . GLN A 1 107 ? -14.042 -1.158  -6.088  1.00 17.04 ? 175 GLN A O   1 
ATOM   890  C CB  . GLN A 1 107 ? -13.877 2.104   -5.431  1.00 18.83 ? 175 GLN A CB  1 
ATOM   891  C CG  . GLN A 1 107 ? -14.776 3.103   -4.754  1.00 23.61 ? 175 GLN A CG  1 
ATOM   892  C CD  . GLN A 1 107 ? -14.767 4.476   -5.407  1.00 27.07 ? 175 GLN A CD  1 
ATOM   893  O OE1 . GLN A 1 107 ? -13.820 4.857   -6.097  1.00 28.51 ? 175 GLN A OE1 1 
ATOM   894  N NE2 . GLN A 1 107 ? -15.829 5.243   -5.155  1.00 30.76 ? 175 GLN A NE2 1 
ATOM   895  N N   . LYS A 1 108 ? -11.958 -0.342  -5.810  1.00 13.74 ? 176 LYS A N   1 
ATOM   896  C CA  . LYS A 1 108 ? -11.388 -1.398  -6.665  1.00 14.52 ? 176 LYS A CA  1 
ATOM   897  C C   . LYS A 1 108 ? -11.428 -2.766  -6.017  1.00 14.95 ? 176 LYS A C   1 
ATOM   898  O O   . LYS A 1 108 ? -11.773 -3.769  -6.648  1.00 15.18 ? 176 LYS A O   1 
ATOM   899  C CB  . LYS A 1 108 ? -9.975  -1.044  -7.130  1.00 15.84 ? 176 LYS A CB  1 
ATOM   900  C CG  . LYS A 1 108 ? -9.836  0.283   -7.870  1.00 18.40 ? 176 LYS A CG  1 
ATOM   901  C CD  . LYS A 1 108 ? -10.603 0.315   -9.195  1.00 21.91 ? 176 LYS A CD  1 
ATOM   902  C CE  . LYS A 1 108 ? -10.402 1.667   -9.876  1.00 25.25 ? 176 LYS A CE  1 
ATOM   903  N NZ  . LYS A 1 108 ? -11.474 1.962   -10.871 1.00 28.73 ? 176 LYS A NZ  1 
ATOM   904  N N   . VAL A 1 109 ? -11.135 -2.822  -4.737  1.00 15.08 ? 177 VAL A N   1 
ATOM   905  C CA  . VAL A 1 109 ? -11.139 -4.111  -4.052  1.00 15.03 ? 177 VAL A CA  1 
ATOM   906  C C   . VAL A 1 109 ? -12.551 -4.721  -4.048  1.00 15.73 ? 177 VAL A C   1 
ATOM   907  O O   . VAL A 1 109 ? -12.691 -5.949  -4.115  1.00 15.87 ? 177 VAL A O   1 
ATOM   908  C CB  . VAL A 1 109 ? -10.560 -3.986  -2.627  1.00 15.09 ? 177 VAL A CB  1 
ATOM   909  C CG1 . VAL A 1 109 ? -10.871 -5.231  -1.803  1.00 16.12 ? 177 VAL A CG1 1 
ATOM   910  C CG2 . VAL A 1 109 ? -9.047  -3.755  -2.694  1.00 15.51 ? 177 VAL A CG2 1 
ATOM   911  N N   . ALA A 1 110 ? -13.597 -3.887  -4.028  1.00 15.79 ? 178 ALA A N   1 
ATOM   912  C CA  . ALA A 1 110 ? -14.990 -4.384  -4.064  1.00 16.64 ? 178 ALA A CA  1 
ATOM   913  C C   . ALA A 1 110 ? -15.275 -5.277  -5.284  1.00 18.10 ? 178 ALA A C   1 
ATOM   914  O O   . ALA A 1 110 ? -16.141 -6.139  -5.200  1.00 20.13 ? 178 ALA A O   1 
ATOM   915  C CB  . ALA A 1 110 ? -15.990 -3.224  -3.992  1.00 17.20 ? 178 ALA A CB  1 
ATOM   916  N N   . SER A 1 111 ? -14.525 -5.113  -6.376  1.00 18.55 ? 179 SER A N   1 
ATOM   917  C CA  . SER A 1 111 ? -14.676 -5.965  -7.581  1.00 19.38 ? 179 SER A CA  1 
ATOM   918  C C   . SER A 1 111 ? -13.602 -7.050  -7.771  1.00 18.87 ? 179 SER A C   1 
ATOM   919  O O   . SER A 1 111 ? -13.548 -7.701  -8.813  1.00 21.18 ? 179 SER A O   1 
ATOM   920  C CB  . SER A 1 111 ? -14.737 -5.101  -8.838  1.00 20.43 ? 179 SER A CB  1 
ATOM   921  O OG  . SER A 1 111 ? -15.948 -4.344  -8.844  1.00 23.54 ? 179 SER A OG  1 
ATOM   922  N N   . MET A 1 112 ? -12.741 -7.258  -6.780  1.00 17.13 ? 180 MET A N   1 
ATOM   923  C CA  . MET A 1 112 ? -11.751 -8.309  -6.830  1.00 17.91 ? 180 MET A CA  1 
ATOM   924  C C   . MET A 1 112 ? -12.458 -9.669  -6.767  1.00 18.92 ? 180 MET A C   1 
ATOM   925  O O   . MET A 1 112 ? -13.438 -9.801  -6.061  1.00 20.31 ? 180 MET A O   1 
ATOM   926  C CB  . MET A 1 112 ? -10.784 -8.166  -5.640  1.00 16.92 ? 180 MET A CB  1 
ATOM   927  C CG  . MET A 1 112 ? -9.631  -9.162  -5.589  1.00 17.08 ? 180 MET A CG  1 
ATOM   928  S SD  . MET A 1 112 ? -8.531  -8.858  -4.178  1.00 16.60 ? 180 MET A SD  1 
ATOM   929  C CE  . MET A 1 112 ? -9.603  -9.360  -2.847  1.00 17.73 ? 180 MET A CE  1 
ATOM   930  N N   . PRO A 1 113 ? -11.944 -10.679 -7.491  1.00 20.71 ? 181 PRO A N   1 
ATOM   931  C CA  . PRO A 1 113 ? -12.444 -12.069 -7.296  1.00 23.24 ? 181 PRO A CA  1 
ATOM   932  C C   . PRO A 1 113 ? -12.424 -12.463 -5.806  1.00 25.87 ? 181 PRO A C   1 
ATOM   933  O O   . PRO A 1 113 ? -11.459 -12.184 -5.134  1.00 24.09 ? 181 PRO A O   1 
ATOM   934  C CB  . PRO A 1 113 ? -11.449 -12.916 -8.106  1.00 24.02 ? 181 PRO A CB  1 
ATOM   935  C CG  . PRO A 1 113 ? -10.642 -11.990 -8.946  1.00 23.84 ? 181 PRO A CG  1 
ATOM   936  C CD  . PRO A 1 113 ? -10.851 -10.588 -8.471  1.00 21.43 ? 181 PRO A CD  1 
ATOM   937  N N   . GLN A 1 114 ? -13.480 -13.104 -5.288  1.00 31.03 ? 182 GLN A N   1 
ATOM   938  C CA  . GLN A 1 114 ? -13.614 -13.282 -3.831  1.00 32.80 ? 182 GLN A CA  1 
ATOM   939  C C   . GLN A 1 114 ? -13.132 -14.625 -3.294  1.00 31.22 ? 182 GLN A C   1 
ATOM   940  O O   . GLN A 1 114 ? -13.041 -14.816 -2.067  1.00 34.24 ? 182 GLN A O   1 
ATOM   941  C CB  . GLN A 1 114 ? -15.054 -12.981 -3.409  1.00 35.47 ? 182 GLN A CB  1 
ATOM   942  C CG  . GLN A 1 114 ? -15.335 -11.489 -3.540  1.00 36.61 ? 182 GLN A CG  1 
ATOM   943  C CD  . GLN A 1 114 ? -16.703 -11.058 -3.071  1.00 39.66 ? 182 GLN A CD  1 
ATOM   944  O OE1 . GLN A 1 114 ? -17.659 -11.834 -3.100  1.00 44.19 ? 182 GLN A OE1 1 
ATOM   945  N NE2 . GLN A 1 114 ? -16.797 -9.808  -2.623  1.00 39.11 ? 182 GLN A NE2 1 
ATOM   946  N N   . GLU A 1 115 ? -12.785 -15.522 -4.210  1.00 32.22 ? 183 GLU A N   1 
ATOM   947  C CA  . GLU A 1 115 ? -12.106 -16.769 -3.879  1.00 32.78 ? 183 GLU A CA  1 
ATOM   948  C C   . GLU A 1 115 ? -10.731 -16.793 -4.531  1.00 29.42 ? 183 GLU A C   1 
ATOM   949  O O   . GLU A 1 115 ? -10.600 -16.669 -5.749  1.00 29.64 ? 183 GLU A O   1 
ATOM   950  C CB  . GLU A 1 115 ? -12.921 -17.971 -4.350  1.00 36.86 ? 183 GLU A CB  1 
ATOM   951  C CG  . GLU A 1 115 ? -14.311 -18.025 -3.737  1.00 41.81 ? 183 GLU A CG  1 
ATOM   952  C CD  . GLU A 1 115 ? -14.786 -19.441 -3.450  1.00 46.32 ? 183 GLU A CD  1 
ATOM   953  O OE1 . GLU A 1 115 ? -14.603 -20.330 -4.318  1.00 47.66 ? 183 GLU A OE1 1 
ATOM   954  O OE2 . GLU A 1 115 ? -15.351 -19.653 -2.348  1.00 49.87 ? 183 GLU A OE2 1 
ATOM   955  N N   . GLU A 1 116 ? -9.710  -16.978 -3.702  1.00 25.38 ? 184 GLU A N   1 
ATOM   956  C CA  . GLU A 1 116 ? -8.340  -16.968 -4.147  1.00 24.03 ? 184 GLU A CA  1 
ATOM   957  C C   . GLU A 1 116 ? -7.909  -18.319 -4.733  1.00 24.73 ? 184 GLU A C   1 
ATOM   958  O O   . GLU A 1 116 ? -8.072  -19.364 -4.080  1.00 25.94 ? 184 GLU A O   1 
ATOM   959  C CB  . GLU A 1 116 ? -7.418  -16.566 -2.987  1.00 22.53 ? 184 GLU A CB  1 
ATOM   960  C CG  . GLU A 1 116 ? -6.022  -16.218 -3.448  1.00 21.80 ? 184 GLU A CG  1 
ATOM   961  C CD  . GLU A 1 116 ? -5.197  -15.510 -2.389  1.00 21.43 ? 184 GLU A CD  1 
ATOM   962  O OE1 . GLU A 1 116 ? -5.390  -15.750 -1.165  1.00 21.00 ? 184 GLU A OE1 1 
ATOM   963  O OE2 . GLU A 1 116 ? -4.329  -14.729 -2.795  1.00 18.45 ? 184 GLU A OE2 1 
ATOM   964  N N   . GLN A 1 117 ? -7.359  -18.285 -5.947  1.00 23.50 ? 185 GLN A N   1 
ATOM   965  C CA  . GLN A 1 117 ? -6.860  -19.473 -6.645  1.00 25.23 ? 185 GLN A CA  1 
ATOM   966  C C   . GLN A 1 117 ? -5.460  -19.212 -7.202  1.00 23.13 ? 185 GLN A C   1 
ATOM   967  O O   . GLN A 1 117 ? -5.240  -18.163 -7.818  1.00 20.62 ? 185 GLN A O   1 
ATOM   968  C CB  . GLN A 1 117 ? -7.806  -19.841 -7.805  1.00 29.21 ? 185 GLN A CB  1 
ATOM   969  C CG  . GLN A 1 117 ? -9.269  -19.966 -7.407  1.00 33.99 ? 185 GLN A CG  1 
ATOM   970  C CD  . GLN A 1 117 ? -10.230 -20.101 -8.588  1.00 39.10 ? 185 GLN A CD  1 
ATOM   971  O OE1 . GLN A 1 117 ? -10.020 -19.534 -9.664  1.00 39.22 ? 185 GLN A OE1 1 
ATOM   972  N NE2 . GLN A 1 117 ? -11.310 -20.848 -8.375  1.00 42.39 ? 185 GLN A NE2 1 
ATOM   973  N N   . GLU A 1 118 ? -4.534  -20.154 -7.020  1.00 23.45 ? 186 GLU A N   1 
ATOM   974  C CA  . GLU A 1 118 ? -3.217  -20.059 -7.639  1.00 24.40 ? 186 GLU A CA  1 
ATOM   975  C C   . GLU A 1 118 ? -3.319  -20.183 -9.154  1.00 25.90 ? 186 GLU A C   1 
ATOM   976  O O   . GLU A 1 118 ? -4.133  -20.950 -9.661  1.00 27.95 ? 186 GLU A O   1 
ATOM   977  C CB  . GLU A 1 118 ? -2.251  -21.129 -7.095  1.00 24.71 ? 186 GLU A CB  1 
ATOM   978  C CG  . GLU A 1 118 ? -0.820  -20.979 -7.602  1.00 26.59 ? 186 GLU A CG  1 
ATOM   979  C CD  . GLU A 1 118 ? 0.199   -21.844 -6.860  1.00 31.20 ? 186 GLU A CD  1 
ATOM   980  O OE1 . GLU A 1 118 ? -0.189  -22.609 -5.936  1.00 33.36 ? 186 GLU A OE1 1 
ATOM   981  O OE2 . GLU A 1 118 ? 1.406   -21.720 -7.184  1.00 33.16 ? 186 GLU A OE2 1 
ATOM   982  N N   . LEU A 1 119 ? -2.514  -19.403 -9.862  1.00 27.11 ? 187 LEU A N   1 
ATOM   983  C CA  . LEU A 1 119 ? -2.481  -19.477 -11.333 1.00 30.40 ? 187 LEU A CA  1 
ATOM   984  C C   . LEU A 1 119 ? -1.252  -20.264 -11.785 1.00 33.68 ? 187 LEU A C   1 
ATOM   985  O O   . LEU A 1 119 ? -0.186  -20.157 -11.174 1.00 39.13 ? 187 LEU A O   1 
ATOM   986  C CB  . LEU A 1 119 ? -2.486  -18.079 -11.933 1.00 30.85 ? 187 LEU A CB  1 
ATOM   987  C CG  . LEU A 1 119 ? -3.628  -17.177 -11.446 1.00 32.14 ? 187 LEU A CG  1 
ATOM   988  C CD1 . LEU A 1 119 ? -3.671  -15.881 -12.228 1.00 31.81 ? 187 LEU A CD1 1 
ATOM   989  C CD2 . LEU A 1 119 ? -4.965  -17.898 -11.522 1.00 33.25 ? 187 LEU A CD2 1 
HETATM 990  C C1  . EDO B 2 .   ? 5.045   12.054  6.909   1.00 24.84 ? 201 EDO A C1  1 
HETATM 991  O O1  . EDO B 2 .   ? 4.156   13.117  6.559   1.00 25.89 ? 201 EDO A O1  1 
HETATM 992  C C2  . EDO B 2 .   ? 4.554   10.745  6.329   1.00 23.20 ? 201 EDO A C2  1 
HETATM 993  O O2  . EDO B 2 .   ? 3.434   10.271  7.051   1.00 19.25 ? 201 EDO A O2  1 
HETATM 994  C C1  . EDO C 2 .   ? 2.441   -8.387  5.302   1.00 21.51 ? 202 EDO A C1  1 
HETATM 995  O O1  . EDO C 2 .   ? 3.451   -8.088  4.325   1.00 21.24 ? 202 EDO A O1  1 
HETATM 996  C C2  . EDO C 2 .   ? 3.164   -8.945  6.504   1.00 23.10 ? 202 EDO A C2  1 
HETATM 997  O O2  . EDO C 2 .   ? 4.148   -7.998  6.956   1.00 28.73 ? 202 EDO A O2  1 
HETATM 998  C C1  . EDO D 2 .   ? 4.479   -24.130 0.196   1.00 34.26 ? 203 EDO A C1  1 
HETATM 999  O O1  . EDO D 2 .   ? 3.584   -24.663 1.178   1.00 34.51 ? 203 EDO A O1  1 
HETATM 1000 C C2  . EDO D 2 .   ? 5.914   -24.343 0.662   1.00 33.81 ? 203 EDO A C2  1 
HETATM 1001 O O2  . EDO D 2 .   ? 6.245   -25.741 0.590   1.00 32.65 ? 203 EDO A O2  1 
HETATM 1002 O O   . HOH E 3 .   ? -14.497 3.528   -1.676  1.00 34.84 ? 301 HOH A O   1 
HETATM 1003 O O   . HOH E 3 .   ? 4.648   -7.959  9.469   1.00 20.88 ? 302 HOH A O   1 
HETATM 1004 O O   . HOH E 3 .   ? 5.107   -10.187 3.811   1.00 26.89 ? 303 HOH A O   1 
HETATM 1005 O O   . HOH E 3 .   ? 13.481  7.211   6.916   1.00 22.66 ? 304 HOH A O   1 
HETATM 1006 O O   . HOH E 3 .   ? 3.298   7.590   7.304   1.00 14.77 ? 305 HOH A O   1 
HETATM 1007 O O   . HOH E 3 .   ? 4.223   5.516   3.541   1.00 16.54 ? 306 HOH A O   1 
HETATM 1008 O O   . HOH E 3 .   ? 3.748   -2.737  -12.121 1.00 22.22 ? 307 HOH A O   1 
HETATM 1009 O O   . HOH E 3 .   ? -12.358 3.784   -8.047  1.00 36.09 ? 308 HOH A O   1 
HETATM 1010 O O   . HOH E 3 .   ? 12.529  7.073   -0.212  1.00 30.00 ? 309 HOH A O   1 
HETATM 1011 O O   . HOH E 3 .   ? 8.227   1.988   3.329   1.00 14.43 ? 310 HOH A O   1 
HETATM 1012 O O   . HOH E 3 .   ? -8.327  -12.822 0.169   1.00 33.20 ? 311 HOH A O   1 
HETATM 1013 O O   . HOH E 3 .   ? 10.342  2.339   11.584  1.00 20.57 ? 312 HOH A O   1 
HETATM 1014 O O   . HOH E 3 .   ? 3.257   12.520  15.181  1.00 24.06 ? 313 HOH A O   1 
HETATM 1015 O O   . HOH E 3 .   ? -6.421  6.606   -10.750 1.00 31.48 ? 314 HOH A O   1 
HETATM 1016 O O   . HOH E 3 .   ? 2.437   -10.667 -7.799  1.00 24.88 ? 315 HOH A O   1 
HETATM 1017 O O   . HOH E 3 .   ? 5.421   4.451   6.039   1.00 14.43 ? 316 HOH A O   1 
HETATM 1018 O O   . HOH E 3 .   ? 6.764   -22.764 3.755   1.00 25.88 ? 317 HOH A O   1 
HETATM 1019 O O   . HOH E 3 .   ? -10.291 7.394   5.880   1.00 25.40 ? 318 HOH A O   1 
HETATM 1020 O O   . HOH E 3 .   ? -6.553  10.723  10.420  1.00 15.50 ? 319 HOH A O   1 
HETATM 1021 O O   . HOH E 3 .   ? 6.311   10.672  2.096   1.00 24.60 ? 320 HOH A O   1 
HETATM 1022 O O   . HOH E 3 .   ? 1.591   10.057  16.237  1.00 26.35 ? 321 HOH A O   1 
HETATM 1023 O O   . HOH E 3 .   ? 5.705   -5.546  10.551  1.00 26.09 ? 322 HOH A O   1 
HETATM 1024 O O   . HOH E 3 .   ? 5.622   6.944   1.669   1.00 15.77 ? 323 HOH A O   1 
HETATM 1025 O O   . HOH E 3 .   ? 1.971   -4.703  8.608   1.00 14.76 ? 324 HOH A O   1 
HETATM 1026 O O   . HOH E 3 .   ? -7.791  14.468  -6.695  1.00 83.99 ? 325 HOH A O   1 
HETATM 1027 O O   . HOH E 3 .   ? -14.164 -2.792  -0.682  1.00 18.63 ? 326 HOH A O   1 
HETATM 1028 O O   . HOH E 3 .   ? 10.389  4.807   5.874   1.00 17.95 ? 327 HOH A O   1 
HETATM 1029 O O   . HOH E 3 .   ? -1.765  20.487  9.968   1.00 29.31 ? 328 HOH A O   1 
HETATM 1030 O O   . HOH E 3 .   ? 8.986   -0.914  -9.784  1.00 35.78 ? 329 HOH A O   1 
HETATM 1031 O O   . HOH E 3 .   ? 10.628  0.997   -3.038  1.00 42.40 ? 330 HOH A O   1 
HETATM 1032 O O   . HOH E 3 .   ? -14.036 -7.834  -2.614  1.00 30.96 ? 331 HOH A O   1 
HETATM 1033 O O   . HOH E 3 .   ? 12.734  -17.143 3.028   1.00 35.54 ? 332 HOH A O   1 
HETATM 1034 O O   . HOH E 3 .   ? 5.922   -13.532 1.154   1.00 22.58 ? 333 HOH A O   1 
HETATM 1035 O O   . HOH E 3 .   ? 2.125   6.224   5.142   1.00 16.82 ? 334 HOH A O   1 
HETATM 1036 O O   . HOH E 3 .   ? 0.829   -10.822 9.277   1.00 13.66 ? 335 HOH A O   1 
HETATM 1037 O O   . HOH E 3 .   ? 8.898   -13.732 -1.472  1.00 26.38 ? 336 HOH A O   1 
HETATM 1038 O O   . HOH E 3 .   ? -4.254  11.830  11.322  1.00 15.38 ? 337 HOH A O   1 
HETATM 1039 O O   . HOH E 3 .   ? -0.341  -2.049  -12.420 1.00 25.63 ? 338 HOH A O   1 
HETATM 1040 O O   . HOH E 3 .   ? -7.154  -11.543 -11.665 1.00 23.46 ? 339 HOH A O   1 
HETATM 1041 O O   . HOH E 3 .   ? -11.680 7.437   2.511   1.00 34.05 ? 340 HOH A O   1 
HETATM 1042 O O   . HOH E 3 .   ? 4.963   -28.063 1.499   1.00 35.05 ? 341 HOH A O   1 
HETATM 1043 O O   . HOH E 3 .   ? 2.756   16.536  11.125  1.00 35.64 ? 342 HOH A O   1 
HETATM 1044 O O   . HOH E 3 .   ? -7.560  0.091   -12.617 1.00 19.63 ? 343 HOH A O   1 
HETATM 1045 O O   . HOH E 3 .   ? 10.732  10.285  1.410   1.00 33.04 ? 344 HOH A O   1 
HETATM 1046 O O   . HOH E 3 .   ? 3.511   -4.301  6.277   1.00 23.55 ? 345 HOH A O   1 
HETATM 1047 O O   . HOH E 3 .   ? -0.428  3.049   -12.991 1.00 24.02 ? 346 HOH A O   1 
HETATM 1048 O O   . HOH E 3 .   ? -18.865 -6.234  -4.455  1.00 36.31 ? 347 HOH A O   1 
HETATM 1049 O O   . HOH E 3 .   ? -4.768  -18.360 -0.265  1.00 41.44 ? 348 HOH A O   1 
HETATM 1050 O O   . HOH E 3 .   ? 3.549   0.679   11.556  1.00 15.14 ? 349 HOH A O   1 
HETATM 1051 O O   . HOH E 3 .   ? 6.538   10.333  -7.888  1.00 39.08 ? 350 HOH A O   1 
HETATM 1052 O O   . HOH E 3 .   ? 16.362  15.870  9.554   1.00 31.29 ? 351 HOH A O   1 
HETATM 1053 O O   . HOH E 3 .   ? -4.705  18.771  13.735  1.00 34.14 ? 352 HOH A O   1 
HETATM 1054 O O   . HOH E 3 .   ? -6.574  16.591  6.305   1.00 29.51 ? 353 HOH A O   1 
HETATM 1055 O O   . HOH E 3 .   ? -12.864 -10.200 -3.291  1.00 34.80 ? 354 HOH A O   1 
HETATM 1056 O O   . HOH E 3 .   ? -5.402  -14.054 1.137   1.00 18.48 ? 355 HOH A O   1 
HETATM 1057 O O   . HOH E 3 .   ? -10.569 -15.115 -10.801 1.00 30.56 ? 356 HOH A O   1 
HETATM 1058 O O   . HOH E 3 .   ? 2.003   19.808  10.173  1.00 38.87 ? 357 HOH A O   1 
HETATM 1059 O O   . HOH E 3 .   ? 11.922  11.510  21.064  1.00 44.78 ? 358 HOH A O   1 
HETATM 1060 O O   . HOH E 3 .   ? -0.168  19.847  5.363   1.00 34.40 ? 359 HOH A O   1 
HETATM 1061 O O   . HOH E 3 .   ? 3.511   -25.358 3.995   1.00 36.47 ? 360 HOH A O   1 
HETATM 1062 O O   . HOH E 3 .   ? 7.853   4.409   4.538   1.00 14.25 ? 361 HOH A O   1 
HETATM 1063 O O   . HOH E 3 .   ? 8.897   -26.802 1.172   1.00 22.04 ? 362 HOH A O   1 
HETATM 1064 O O   . HOH E 3 .   ? 9.461   -1.364  4.821   1.00 52.15 ? 363 HOH A O   1 
HETATM 1065 O O   . HOH E 3 .   ? -10.865 -13.762 -0.294  1.00 31.11 ? 364 HOH A O   1 
HETATM 1066 O O   . HOH E 3 .   ? 1.561   10.988  16.072  1.00 28.40 ? 365 HOH A O   1 
HETATM 1067 O O   . HOH E 3 .   ? 8.178   9.283   0.799   1.00 26.06 ? 366 HOH A O   1 
HETATM 1068 O O   . HOH E 3 .   ? 10.260  -5.988  -0.162  1.00 29.42 ? 367 HOH A O   1 
HETATM 1069 O O   . HOH E 3 .   ? -9.738  -17.504 -0.811  1.00 28.40 ? 368 HOH A O   1 
HETATM 1070 O O   . HOH E 3 .   ? 9.607   4.019   19.963  1.00 34.94 ? 369 HOH A O   1 
HETATM 1071 O O   . HOH E 3 .   ? 6.199   -6.699  5.292   1.00 34.38 ? 370 HOH A O   1 
HETATM 1072 O O   . HOH E 3 .   ? 8.715   -6.816  5.449   1.00 44.31 ? 371 HOH A O   1 
HETATM 1073 O O   . HOH E 3 .   ? -10.004 10.458  -6.805  1.00 35.63 ? 372 HOH A O   1 
HETATM 1074 O O   . HOH E 3 .   ? -0.039  -3.131  -14.966 1.00 42.44 ? 373 HOH A O   1 
HETATM 1075 O O   . HOH E 3 .   ? 12.972  8.109   14.896  1.00 34.45 ? 374 HOH A O   1 
HETATM 1076 O O   . HOH E 3 .   ? 5.532   -21.884 5.674   1.00 27.32 ? 375 HOH A O   1 
HETATM 1077 O O   . HOH E 3 .   ? -5.616  11.515  -10.437 1.00 27.59 ? 376 HOH A O   1 
HETATM 1078 O O   . HOH E 3 .   ? 2.961   -11.921 -5.398  1.00 21.96 ? 377 HOH A O   1 
HETATM 1079 O O   . HOH E 3 .   ? 18.462  10.523  4.180   1.00 25.09 ? 378 HOH A O   1 
HETATM 1080 O O   . HOH E 3 .   ? -12.925 7.706   -6.039  1.00 35.78 ? 379 HOH A O   1 
HETATM 1081 O O   . HOH E 3 .   ? -5.265  -22.484 -5.296  1.00 37.72 ? 380 HOH A O   1 
HETATM 1082 O O   . HOH E 3 .   ? 5.743   -15.831 2.692   1.00 23.56 ? 381 HOH A O   1 
HETATM 1083 O O   . HOH E 3 .   ? 2.120   -19.192 -8.851  1.00 31.55 ? 382 HOH A O   1 
HETATM 1084 O O   . HOH E 3 .   ? 0.632   -9.829  -11.404 1.00 40.53 ? 383 HOH A O   1 
HETATM 1085 O O   . HOH E 3 .   ? -11.267 8.923   -4.296  1.00 27.66 ? 384 HOH A O   1 
HETATM 1086 O O   . HOH E 3 .   ? 0.879   17.053  4.722   1.00 22.87 ? 385 HOH A O   1 
HETATM 1087 O O   . HOH E 3 .   ? 2.545   -8.528  11.020  1.00 17.13 ? 386 HOH A O   1 
HETATM 1088 O O   . HOH E 3 .   ? 12.916  8.911   12.716  1.00 29.23 ? 387 HOH A O   1 
HETATM 1089 O O   . HOH E 3 .   ? 3.206   1.607   14.133  1.00 19.38 ? 388 HOH A O   1 
HETATM 1090 O O   . HOH E 3 .   ? 5.923   11.628  4.333   1.00 39.91 ? 389 HOH A O   1 
HETATM 1091 O O   . HOH E 3 .   ? -7.318  -1.831  -14.683 1.00 33.09 ? 390 HOH A O   1 
HETATM 1092 O O   . HOH E 3 .   ? -6.820  2.545   -13.598 1.00 24.71 ? 391 HOH A O   1 
HETATM 1093 O O   . HOH E 3 .   ? 10.947  12.804  21.987  1.00 42.39 ? 392 HOH A O   1 
HETATM 1094 O O   . HOH E 3 .   ? -8.997  11.926  9.910   1.00 30.44 ? 393 HOH A O   1 
HETATM 1095 O O   . HOH E 3 .   ? 4.157   -21.493 -4.934  1.00 39.84 ? 394 HOH A O   1 
HETATM 1096 O O   . HOH E 3 .   ? 5.838   13.738  15.453  1.00 36.56 ? 395 HOH A O   1 
HETATM 1097 O O   . HOH E 3 .   ? -5.463  -9.409  -15.208 1.00 35.18 ? 396 HOH A O   1 
HETATM 1098 O O   . HOH E 3 .   ? 18.859  13.291  3.661   1.00 27.38 ? 397 HOH A O   1 
HETATM 1099 O O   . HOH E 3 .   ? -6.875  -8.974  -12.928 1.00 24.49 ? 398 HOH A O   1 
HETATM 1100 O O   . HOH E 3 .   ? 15.395  3.623   8.878   1.00 42.99 ? 399 HOH A O   1 
HETATM 1101 O O   . HOH E 3 .   ? 19.698  9.268   1.956   1.00 31.56 ? 400 HOH A O   1 
HETATM 1102 O O   . HOH E 3 .   ? 6.247   13.109  0.825   1.00 38.52 ? 401 HOH A O   1 
HETATM 1103 O O   . HOH E 3 .   ? 10.411  -7.682  -3.736  1.00 28.10 ? 402 HOH A O   1 
HETATM 1104 O O   . HOH E 3 .   ? 0.344   1.479   13.366  1.00 26.85 ? 403 HOH A O   1 
HETATM 1105 O O   . HOH E 3 .   ? 6.331   -10.097 9.862   1.00 33.39 ? 404 HOH A O   1 
HETATM 1106 O O   . HOH E 3 .   ? 2.209   -6.182  12.518  1.00 17.39 ? 405 HOH A O   1 
HETATM 1107 O O   . HOH E 3 .   ? 10.598  0.807   3.927   1.00 26.74 ? 406 HOH A O   1 
HETATM 1108 O O   . HOH E 3 .   ? 3.364   -28.282 3.658   1.00 33.28 ? 407 HOH A O   1 
HETATM 1109 O O   . HOH E 3 .   ? 12.051  2.717   5.657   1.00 28.59 ? 408 HOH A O   1 
HETATM 1110 O O   . HOH E 3 .   ? 19.965  15.608  4.919   1.00 26.98 ? 409 HOH A O   1 
HETATM 1111 O O   . HOH E 3 .   ? 13.868  -17.553 0.868   1.00 35.40 ? 410 HOH A O   1 
# 
